data_2Y4A
#
_entry.id   2Y4A
#
_cell.length_a   103.308
_cell.length_b   91.568
_cell.length_c   106.871
_cell.angle_alpha   90.00
_cell.angle_beta   94.37
_cell.angle_gamma   90.00
#
_symmetry.space_group_name_H-M   'P 1 21 1'
#
loop_
_entity.id
_entity.type
_entity.pdbx_description
1 polymer 'D-ALANYL-D-ALANINE CARBOXYPEPTIDASE'
2 non-polymer '{[(2-chlorobenzoyl)amino]methyl}boronic acid'
3 non-polymer 'SULFATE ION'
4 non-polymer 'MAGNESIUM ION'
5 water water
#
_entity_poly.entity_id   1
_entity_poly.type   'polypeptide(L)'
_entity_poly.pdbx_seq_one_letter_code
;RLTELREDIDAILEDPALEGAVSGVVVVDTATGEELYSRDGGEQLLPASNMKLFTAAAALEVLGADHSFGTEVAAESAPG
RRGEVQDLYLVGRGDPTLSAEDLDAMAAEVAASGVRTVRGDLYADDTWFDSERLVDDWWPEDEPYAYSAQISALTVAHGE
RFDTGVTEVSVTPAAEGEPADVDLGAAEGYAELDNRAVTGAAGSANTLVIDRPVGTNTIAVTGSLPADAAPVTALRTVDE
PAALAGHLFEEALESNGVTVKGDVGLGGVPADWQDAEVLADHTSAELSEILVPFMKFSNNGHAEMLVKSIGQETAGAGTW
DAGLVGVEEALSGLGVDTAGLVLNDGSGLSRGNLVTADTVVDLLGQAGSAPWAQTWSASLPVAGESDPFVGGTLANRMRG
TAAEGVVEAKTGTMSGVSALSGYVPGPEGELAFSIVNNGHSGPAPLAVQDAIAVRLAEYAGHQAPE
;
_entity_poly.pdbx_strand_id   A,B,C,D
#
# COMPACT_ATOMS: atom_id res chain seq x y z
N ARG A 1 -8.52 4.03 -93.19
CA ARG A 1 -9.28 4.04 -91.90
C ARG A 1 -8.40 3.50 -90.76
N LEU A 2 -7.78 2.35 -90.99
CA LEU A 2 -6.86 1.76 -90.02
C LEU A 2 -5.61 2.64 -89.91
N THR A 3 -4.99 2.96 -91.05
CA THR A 3 -3.75 3.73 -91.09
C THR A 3 -3.97 5.21 -90.77
N GLU A 4 -5.07 5.76 -91.27
CA GLU A 4 -5.49 7.13 -90.99
C GLU A 4 -5.52 7.37 -89.48
N LEU A 5 -6.04 6.39 -88.77
CA LEU A 5 -6.20 6.43 -87.32
C LEU A 5 -4.86 6.47 -86.58
N ARG A 6 -3.94 5.60 -87.01
CA ARG A 6 -2.64 5.49 -86.39
C ARG A 6 -1.91 6.82 -86.49
N GLU A 7 -2.00 7.45 -87.66
CA GLU A 7 -1.39 8.74 -87.90
C GLU A 7 -1.99 9.81 -87.02
N ASP A 8 -3.32 9.77 -86.91
CA ASP A 8 -4.10 10.59 -85.99
C ASP A 8 -3.67 10.47 -84.53
N ILE A 9 -3.53 9.23 -84.07
CA ILE A 9 -3.18 8.99 -82.68
C ILE A 9 -1.74 9.44 -82.40
N ASP A 10 -0.84 9.23 -83.38
CA ASP A 10 0.54 9.71 -83.32
C ASP A 10 0.54 11.22 -83.09
N ALA A 11 -0.28 11.92 -83.88
CA ALA A 11 -0.38 13.38 -83.81
C ALA A 11 -0.90 13.85 -82.45
N ILE A 12 -1.80 13.07 -81.84
CA ILE A 12 -2.37 13.42 -80.55
C ILE A 12 -1.32 13.23 -79.48
N LEU A 13 -0.42 12.29 -79.68
CA LEU A 13 0.65 12.07 -78.73
C LEU A 13 1.90 12.98 -78.94
N GLU A 14 1.69 14.09 -79.65
CA GLU A 14 2.75 15.05 -79.94
C GLU A 14 2.59 16.28 -79.06
N ASP A 15 1.49 16.32 -78.33
CA ASP A 15 1.16 17.45 -77.47
C ASP A 15 2.35 17.87 -76.60
N PRO A 16 2.69 19.18 -76.59
CA PRO A 16 3.77 19.65 -75.71
C PRO A 16 3.50 19.40 -74.22
N ALA A 17 2.29 18.95 -73.88
CA ALA A 17 1.96 18.61 -72.48
C ALA A 17 2.52 17.24 -72.07
N LEU A 18 2.87 16.42 -73.07
CA LEU A 18 3.57 15.14 -72.87
C LEU A 18 5.09 15.24 -73.11
N GLU A 19 5.64 16.42 -72.91
CA GLU A 19 7.09 16.64 -72.93
C GLU A 19 7.73 15.87 -71.77
N GLY A 20 8.60 14.91 -72.11
CA GLY A 20 9.30 14.13 -71.10
C GLY A 20 8.49 13.09 -70.34
N ALA A 21 7.22 12.92 -70.70
CA ALA A 21 6.40 11.81 -70.21
C ALA A 21 6.75 10.54 -70.97
N VAL A 22 6.51 9.39 -70.35
CA VAL A 22 6.47 8.11 -71.05
C VAL A 22 5.00 7.75 -71.08
N SER A 23 4.52 7.31 -72.24
CA SER A 23 3.10 7.05 -72.36
C SER A 23 2.84 5.70 -72.97
N GLY A 24 2.17 4.84 -72.20
CA GLY A 24 1.69 3.55 -72.70
C GLY A 24 0.31 3.66 -73.34
N VAL A 25 0.23 3.33 -74.63
CA VAL A 25 -1.00 3.52 -75.38
C VAL A 25 -1.36 2.29 -76.21
N VAL A 26 -2.50 1.67 -75.92
CA VAL A 26 -2.81 0.40 -76.58
C VAL A 26 -4.30 0.26 -76.90
N VAL A 27 -4.60 0.03 -78.18
CA VAL A 27 -5.95 -0.36 -78.58
C VAL A 27 -6.01 -1.75 -79.22
N VAL A 28 -7.09 -2.48 -78.96
CA VAL A 28 -7.26 -3.83 -79.47
C VAL A 28 -8.74 -4.08 -79.80
N ASP A 29 -9.04 -4.40 -81.05
CA ASP A 29 -10.41 -4.82 -81.40
C ASP A 29 -10.74 -6.11 -80.70
N THR A 30 -11.70 -6.06 -79.77
CA THR A 30 -11.97 -7.20 -78.89
C THR A 30 -12.64 -8.41 -79.57
N ALA A 31 -13.43 -8.17 -80.61
CA ALA A 31 -14.09 -9.26 -81.33
C ALA A 31 -13.07 -10.12 -82.07
N THR A 32 -12.10 -9.48 -82.71
CA THR A 32 -11.11 -10.20 -83.50
C THR A 32 -9.82 -10.51 -82.71
N GLY A 33 -9.37 -9.54 -81.93
CA GLY A 33 -8.06 -9.64 -81.29
C GLY A 33 -7.03 -8.82 -82.04
N GLU A 34 -7.45 -8.16 -83.13
CA GLU A 34 -6.58 -7.31 -83.91
C GLU A 34 -6.03 -6.15 -83.05
N GLU A 35 -4.71 -5.99 -83.07
CA GLU A 35 -4.11 -4.88 -82.33
C GLU A 35 -4.11 -3.60 -83.15
N LEU A 36 -5.11 -2.75 -82.88
CA LEU A 36 -5.27 -1.49 -83.62
C LEU A 36 -4.19 -0.45 -83.33
N TYR A 37 -3.58 -0.52 -82.15
CA TYR A 37 -2.55 0.45 -81.77
C TYR A 37 -1.74 0.03 -80.55
N SER A 38 -0.41 0.05 -80.73
CA SER A 38 0.52 -0.24 -79.66
C SER A 38 1.66 0.75 -79.67
N ARG A 39 1.83 1.49 -78.58
CA ARG A 39 3.03 2.25 -78.35
C ARG A 39 3.46 2.02 -76.92
N ASP A 40 4.66 1.50 -76.74
CA ASP A 40 5.21 1.27 -75.42
C ASP A 40 4.32 0.39 -74.53
N GLY A 41 3.65 -0.58 -75.16
CA GLY A 41 2.67 -1.45 -74.49
C GLY A 41 3.28 -2.28 -73.40
N GLY A 42 4.55 -2.62 -73.54
CA GLY A 42 5.27 -3.43 -72.55
C GLY A 42 5.94 -2.63 -71.45
N GLU A 43 5.82 -1.31 -71.53
CA GLU A 43 6.43 -0.38 -70.58
C GLU A 43 5.72 -0.38 -69.22
N GLN A 44 6.51 -0.49 -68.18
CA GLN A 44 5.99 -0.52 -66.83
C GLN A 44 5.80 0.88 -66.28
N LEU A 45 4.63 1.15 -65.72
CA LEU A 45 4.25 2.50 -65.31
C LEU A 45 3.40 2.51 -64.04
N LEU A 46 3.39 3.63 -63.31
CA LEU A 46 2.50 3.75 -62.15
C LEU A 46 1.08 3.96 -62.66
N PRO A 47 0.14 3.10 -62.23
CA PRO A 47 -1.23 3.15 -62.75
C PRO A 47 -2.16 4.15 -62.07
N ALA A 48 -1.71 4.72 -60.92
CA ALA A 48 -2.63 5.36 -59.97
C ALA A 48 -3.92 4.49 -59.84
N SER A 49 -5.10 5.09 -59.95
CA SER A 49 -6.35 4.34 -59.77
C SER A 49 -6.68 3.22 -60.78
N ASN A 50 -5.98 3.14 -61.93
CA ASN A 50 -6.23 2.00 -62.86
C ASN A 50 -5.93 0.64 -62.21
N MET A 51 -5.18 0.68 -61.10
CA MET A 51 -4.94 -0.48 -60.26
C MET A 51 -6.25 -1.16 -59.85
N LYS A 52 -7.25 -0.32 -59.51
CA LYS A 52 -8.60 -0.80 -59.21
C LYS A 52 -9.13 -1.79 -60.24
N LEU A 53 -8.84 -1.59 -61.52
CA LEU A 53 -9.27 -2.55 -62.54
C LEU A 53 -8.91 -3.99 -62.13
N PHE A 54 -7.63 -4.21 -61.78
CA PHE A 54 -7.18 -5.51 -61.28
C PHE A 54 -7.89 -5.89 -59.97
N THR A 55 -7.83 -5.02 -58.97
CA THR A 55 -8.52 -5.25 -57.69
C THR A 55 -9.99 -5.65 -57.84
N ALA A 56 -10.76 -4.85 -58.56
CA ALA A 56 -12.18 -5.10 -58.81
C ALA A 56 -12.36 -6.43 -59.50
N ALA A 57 -11.48 -6.74 -60.45
CA ALA A 57 -11.64 -8.01 -61.20
C ALA A 57 -11.43 -9.22 -60.31
N ALA A 58 -10.32 -9.23 -59.56
CA ALA A 58 -10.05 -10.30 -58.58
C ALA A 58 -11.19 -10.52 -57.60
N ALA A 59 -11.74 -9.43 -57.06
CA ALA A 59 -12.75 -9.55 -56.03
C ALA A 59 -13.99 -10.23 -56.58
N LEU A 60 -14.28 -9.98 -57.86
CA LEU A 60 -15.42 -10.64 -58.46
C LEU A 60 -15.09 -12.12 -58.65
N GLU A 61 -13.87 -12.40 -59.10
CA GLU A 61 -13.43 -13.77 -59.25
C GLU A 61 -13.44 -14.55 -57.93
N VAL A 62 -12.92 -13.93 -56.86
CA VAL A 62 -12.76 -14.59 -55.53
C VAL A 62 -14.00 -14.59 -54.63
N LEU A 63 -14.71 -13.46 -54.55
CA LEU A 63 -15.89 -13.37 -53.69
C LEU A 63 -17.21 -13.59 -54.44
N GLY A 64 -17.20 -13.32 -55.74
CA GLY A 64 -18.39 -13.51 -56.57
C GLY A 64 -19.19 -12.23 -56.62
N ALA A 65 -20.04 -12.09 -57.64
CA ALA A 65 -20.88 -10.91 -57.76
C ALA A 65 -21.89 -10.83 -56.61
N ASP A 66 -22.15 -11.99 -55.97
CA ASP A 66 -23.21 -12.15 -54.97
C ASP A 66 -22.76 -12.01 -53.49
N HIS A 67 -21.48 -11.75 -53.25
CA HIS A 67 -20.91 -11.72 -51.92
C HIS A 67 -21.47 -10.53 -51.17
N SER A 68 -21.86 -10.74 -49.93
CA SER A 68 -22.19 -9.59 -49.11
C SER A 68 -21.39 -9.64 -47.83
N PHE A 69 -21.40 -8.56 -47.06
CA PHE A 69 -20.60 -8.39 -45.83
C PHE A 69 -21.44 -8.21 -44.58
N GLY A 70 -20.94 -8.75 -43.48
CA GLY A 70 -21.71 -8.75 -42.24
C GLY A 70 -21.09 -8.04 -41.05
N THR A 71 -21.95 -7.50 -40.19
CA THR A 71 -21.59 -6.91 -38.89
C THR A 71 -22.57 -7.42 -37.80
N GLU A 72 -22.01 -7.86 -36.67
CA GLU A 72 -22.76 -8.48 -35.57
C GLU A 72 -22.52 -7.72 -34.29
N VAL A 73 -23.49 -7.79 -33.37
CA VAL A 73 -23.26 -7.39 -31.98
C VAL A 73 -23.39 -8.63 -31.08
N ALA A 74 -22.39 -8.86 -30.22
CA ALA A 74 -22.42 -10.07 -29.39
C ALA A 74 -22.15 -9.85 -27.89
N ALA A 75 -23.02 -10.42 -27.05
CA ALA A 75 -22.77 -10.48 -25.60
C ALA A 75 -22.47 -11.93 -25.26
N GLU A 76 -21.82 -12.16 -24.09
CA GLU A 76 -21.37 -13.51 -23.72
C GLU A 76 -22.55 -14.46 -23.55
N SER A 77 -23.65 -13.91 -23.05
CA SER A 77 -24.88 -14.64 -22.91
C SER A 77 -26.04 -13.65 -23.02
N ALA A 78 -27.22 -14.16 -23.34
CA ALA A 78 -28.40 -13.34 -23.54
C ALA A 78 -28.74 -12.55 -22.29
N PRO A 79 -29.55 -11.47 -22.43
CA PRO A 79 -29.97 -10.68 -21.28
C PRO A 79 -31.07 -11.41 -20.50
N GLY A 80 -31.27 -11.05 -19.25
CA GLY A 80 -32.26 -11.79 -18.45
C GLY A 80 -33.53 -11.02 -18.15
N ARG A 81 -34.17 -11.41 -17.05
CA ARG A 81 -35.31 -10.70 -16.48
C ARG A 81 -34.92 -9.23 -16.33
N ARG A 82 -33.73 -9.03 -15.78
CA ARG A 82 -33.22 -7.69 -15.52
C ARG A 82 -32.78 -7.00 -16.80
N GLY A 83 -32.70 -7.75 -17.90
CA GLY A 83 -32.19 -7.22 -19.15
C GLY A 83 -30.75 -6.73 -19.02
N GLU A 84 -29.87 -7.57 -18.50
CA GLU A 84 -28.48 -7.19 -18.24
C GLU A 84 -27.45 -8.04 -18.99
N VAL A 85 -26.39 -7.38 -19.45
CA VAL A 85 -25.21 -8.05 -20.02
C VAL A 85 -23.99 -7.39 -19.40
N GLN A 86 -22.83 -8.03 -19.47
CA GLN A 86 -21.59 -7.41 -19.00
C GLN A 86 -20.96 -6.57 -20.09
N ASP A 87 -19.94 -7.13 -20.73
CA ASP A 87 -19.25 -6.51 -21.83
C ASP A 87 -20.06 -6.76 -23.10
N LEU A 88 -19.84 -5.95 -24.12
CA LEU A 88 -20.57 -6.04 -25.39
C LEU A 88 -19.64 -5.83 -26.59
N TYR A 89 -19.90 -6.54 -27.68
CA TYR A 89 -19.01 -6.49 -28.84
C TYR A 89 -19.65 -6.09 -30.16
N LEU A 90 -19.11 -5.03 -30.75
CA LEU A 90 -19.42 -4.70 -32.14
C LEU A 90 -18.38 -5.40 -33.03
N VAL A 91 -18.81 -6.47 -33.72
CA VAL A 91 -17.89 -7.18 -34.62
C VAL A 91 -18.07 -6.81 -36.08
N GLY A 92 -17.03 -6.28 -36.69
CA GLY A 92 -17.04 -5.95 -38.10
C GLY A 92 -16.34 -7.02 -38.94
N ARG A 93 -16.94 -7.39 -40.08
CA ARG A 93 -16.25 -8.24 -41.06
C ARG A 93 -16.13 -7.58 -42.41
N GLY A 94 -15.61 -6.34 -42.40
CA GLY A 94 -15.13 -5.70 -43.60
C GLY A 94 -16.21 -5.18 -44.52
N ASP A 95 -17.40 -4.88 -43.99
CA ASP A 95 -18.40 -4.14 -44.75
C ASP A 95 -17.84 -2.72 -45.04
N PRO A 96 -17.73 -2.34 -46.33
CA PRO A 96 -17.23 -1.02 -46.68
C PRO A 96 -18.35 0.00 -46.86
N THR A 97 -19.58 -0.41 -46.56
CA THR A 97 -20.75 0.41 -46.83
C THR A 97 -21.63 0.51 -45.59
N LEU A 98 -20.99 0.47 -44.44
CA LEU A 98 -21.68 0.39 -43.19
C LEU A 98 -21.93 1.79 -42.63
N SER A 99 -23.17 2.23 -42.61
CA SER A 99 -23.48 3.59 -42.21
C SER A 99 -23.87 3.74 -40.74
N ALA A 100 -23.86 4.99 -40.29
CA ALA A 100 -24.38 5.41 -38.98
C ALA A 100 -25.83 4.99 -38.82
N GLU A 101 -26.56 4.94 -39.93
CA GLU A 101 -27.92 4.43 -39.90
C GLU A 101 -27.90 2.98 -39.57
N ASP A 102 -27.00 2.24 -40.22
CA ASP A 102 -26.94 0.79 -40.06
C ASP A 102 -26.65 0.43 -38.58
N LEU A 103 -25.88 1.32 -37.94
CA LEU A 103 -25.52 1.27 -36.53
C LEU A 103 -26.76 1.49 -35.72
N ASP A 104 -27.54 2.50 -36.06
CA ASP A 104 -28.80 2.74 -35.34
C ASP A 104 -29.71 1.52 -35.38
N ALA A 105 -30.02 1.01 -36.56
CA ALA A 105 -30.86 -0.19 -36.67
C ALA A 105 -30.35 -1.31 -35.72
N MET A 106 -29.03 -1.42 -35.59
CA MET A 106 -28.47 -2.45 -34.73
C MET A 106 -28.70 -2.14 -33.23
N ALA A 107 -28.60 -0.86 -32.87
CA ALA A 107 -28.94 -0.42 -31.53
C ALA A 107 -30.40 -0.74 -31.16
N ALA A 108 -31.30 -0.50 -32.10
CA ALA A 108 -32.70 -0.88 -31.94
C ALA A 108 -32.87 -2.39 -31.72
N GLU A 109 -32.19 -3.22 -32.51
CA GLU A 109 -32.26 -4.69 -32.36
C GLU A 109 -31.80 -5.05 -30.97
N VAL A 110 -30.60 -4.59 -30.60
CA VAL A 110 -30.07 -4.81 -29.26
C VAL A 110 -31.10 -4.49 -28.18
N ALA A 111 -31.89 -3.43 -28.40
CA ALA A 111 -32.95 -3.05 -27.46
C ALA A 111 -34.15 -4.01 -27.51
N ALA A 112 -34.65 -4.28 -28.72
CA ALA A 112 -35.78 -5.20 -28.93
C ALA A 112 -35.48 -6.65 -28.49
N SER A 113 -34.22 -6.92 -28.16
CA SER A 113 -33.85 -8.23 -27.71
C SER A 113 -33.83 -8.27 -26.18
N GLY A 114 -33.91 -7.09 -25.55
CA GLY A 114 -34.05 -7.02 -24.09
C GLY A 114 -32.88 -6.49 -23.29
N VAL A 115 -31.80 -6.08 -23.96
CA VAL A 115 -30.77 -5.32 -23.28
C VAL A 115 -31.34 -3.96 -22.88
N ARG A 116 -31.09 -3.60 -21.64
CA ARG A 116 -31.52 -2.31 -21.08
C ARG A 116 -30.33 -1.65 -20.42
N THR A 117 -29.34 -2.47 -20.04
CA THR A 117 -28.10 -2.01 -19.39
C THR A 117 -26.92 -2.88 -19.80
N VAL A 118 -25.91 -2.25 -20.40
CA VAL A 118 -24.62 -2.91 -20.58
C VAL A 118 -23.88 -2.53 -19.33
N ARG A 119 -23.75 -3.50 -18.43
CA ARG A 119 -23.14 -3.29 -17.11
C ARG A 119 -21.64 -3.06 -17.28
N GLY A 120 -21.04 -3.79 -18.23
CA GLY A 120 -19.60 -3.69 -18.46
C GLY A 120 -19.15 -2.71 -19.54
N ASP A 121 -18.24 -3.17 -20.40
CA ASP A 121 -17.61 -2.32 -21.39
C ASP A 121 -18.10 -2.63 -22.81
N LEU A 122 -17.98 -1.65 -23.71
CA LEU A 122 -18.34 -1.84 -25.11
C LEU A 122 -17.10 -1.94 -26.00
N TYR A 123 -16.94 -3.07 -26.67
CA TYR A 123 -15.75 -3.28 -27.49
C TYR A 123 -16.01 -3.29 -28.99
N ALA A 124 -15.17 -2.55 -29.70
CA ALA A 124 -15.14 -2.55 -31.16
C ALA A 124 -14.16 -3.61 -31.60
N ASP A 125 -14.64 -4.58 -32.39
CA ASP A 125 -13.84 -5.73 -32.79
C ASP A 125 -13.58 -5.72 -34.32
N ASP A 126 -12.38 -5.31 -34.73
CA ASP A 126 -12.09 -5.22 -36.16
C ASP A 126 -11.03 -6.24 -36.55
N THR A 127 -10.99 -7.33 -35.78
CA THR A 127 -9.92 -8.33 -35.89
C THR A 127 -10.05 -9.29 -37.11
N TRP A 128 -11.06 -9.08 -37.94
CA TRP A 128 -11.28 -9.89 -39.14
C TRP A 128 -10.21 -9.56 -40.17
N PHE A 129 -9.81 -8.29 -40.22
CA PHE A 129 -8.54 -7.92 -40.84
C PHE A 129 -7.50 -7.68 -39.73
N ASP A 130 -6.23 -7.60 -40.12
CA ASP A 130 -5.20 -7.17 -39.19
C ASP A 130 -5.35 -5.68 -38.86
N SER A 131 -4.48 -5.19 -37.98
CA SER A 131 -4.48 -3.81 -37.56
C SER A 131 -3.43 -2.98 -38.27
N GLU A 132 -2.98 -3.43 -39.44
CA GLU A 132 -2.07 -2.65 -40.25
C GLU A 132 -2.93 -1.68 -41.03
N ARG A 133 -2.99 -0.46 -40.49
CA ARG A 133 -3.80 0.65 -40.99
C ARG A 133 -3.39 1.28 -42.34
N LEU A 134 -2.08 1.27 -42.68
CA LEU A 134 -1.59 1.93 -43.89
C LEU A 134 -0.55 1.08 -44.60
N VAL A 135 -0.47 1.22 -45.92
CA VAL A 135 0.62 0.60 -46.69
C VAL A 135 1.92 1.34 -46.33
N ASP A 136 3.06 0.63 -46.37
CA ASP A 136 4.35 1.26 -46.07
C ASP A 136 4.54 2.57 -46.82
N ASP A 137 4.46 2.49 -48.15
CA ASP A 137 4.91 3.61 -48.99
C ASP A 137 3.89 4.74 -49.26
N TRP A 138 2.72 4.64 -48.62
CA TRP A 138 1.77 5.75 -48.56
C TRP A 138 2.38 6.90 -47.76
N TRP A 139 2.08 8.13 -48.17
CA TRP A 139 2.79 9.31 -47.66
C TRP A 139 2.14 9.88 -46.40
N PRO A 140 2.91 10.07 -45.32
CA PRO A 140 2.35 10.65 -44.09
C PRO A 140 1.57 11.96 -44.29
N GLU A 141 2.01 12.82 -45.19
CA GLU A 141 1.38 14.13 -45.32
C GLU A 141 0.01 14.08 -45.99
N ASP A 142 -0.31 12.89 -46.51
CA ASP A 142 -1.61 12.59 -47.13
C ASP A 142 -2.62 12.05 -46.14
N GLU A 143 -2.16 11.75 -44.93
CA GLU A 143 -3.01 11.01 -43.99
C GLU A 143 -4.31 11.69 -43.52
N PRO A 144 -4.34 13.04 -43.47
CA PRO A 144 -5.61 13.69 -43.08
C PRO A 144 -6.75 13.57 -44.08
N TYR A 145 -6.47 13.12 -45.29
CA TYR A 145 -7.46 13.22 -46.36
C TYR A 145 -8.13 11.87 -46.66
N ALA A 146 -9.42 11.92 -47.03
CA ALA A 146 -10.29 10.75 -47.22
C ALA A 146 -9.68 9.53 -47.90
N TYR A 147 -9.04 9.78 -49.04
CA TYR A 147 -8.48 8.71 -49.90
C TYR A 147 -7.33 8.02 -49.21
N SER A 148 -6.82 8.61 -48.13
CA SER A 148 -5.76 8.01 -47.34
C SER A 148 -6.25 7.69 -45.94
N ALA A 149 -7.55 7.35 -45.87
CA ALA A 149 -8.19 6.88 -44.62
C ALA A 149 -7.67 5.51 -44.21
N GLN A 150 -7.39 5.37 -42.92
CA GLN A 150 -6.98 4.10 -42.30
C GLN A 150 -7.87 2.90 -42.62
N ILE A 151 -7.25 1.73 -42.68
CA ILE A 151 -7.95 0.53 -43.08
C ILE A 151 -8.31 -0.35 -41.86
N SER A 152 -9.55 -0.82 -41.81
CA SER A 152 -10.01 -1.66 -40.72
C SER A 152 -11.10 -2.57 -41.24
N ALA A 153 -11.46 -3.58 -40.47
CA ALA A 153 -12.63 -4.39 -40.80
C ALA A 153 -13.91 -3.75 -40.26
N LEU A 154 -13.77 -2.81 -39.32
CA LEU A 154 -14.92 -2.13 -38.74
C LEU A 154 -14.76 -0.67 -39.01
N THR A 155 -15.50 -0.19 -40.00
CA THR A 155 -15.37 1.20 -40.38
C THR A 155 -16.74 1.75 -40.81
N VAL A 156 -17.10 2.90 -40.21
CA VAL A 156 -18.32 3.60 -40.61
C VAL A 156 -18.09 4.43 -41.86
N ALA A 157 -18.85 4.13 -42.92
CA ALA A 157 -18.77 4.83 -44.19
C ALA A 157 -19.70 6.07 -44.24
N HIS A 158 -19.19 7.23 -44.60
CA HIS A 158 -20.07 8.40 -44.61
C HIS A 158 -20.74 8.59 -45.98
N GLY A 159 -22.03 8.92 -45.96
CA GLY A 159 -22.80 9.25 -47.15
C GLY A 159 -23.10 8.18 -48.20
N GLU A 160 -23.78 8.60 -49.27
CA GLU A 160 -24.15 7.72 -50.37
C GLU A 160 -22.92 7.26 -51.17
N ARG A 161 -21.79 7.94 -51.00
CA ARG A 161 -20.56 7.55 -51.70
C ARG A 161 -19.74 6.56 -50.90
N PHE A 162 -20.14 6.35 -49.65
CA PHE A 162 -19.57 5.32 -48.78
C PHE A 162 -18.09 5.53 -48.63
N ASP A 163 -17.72 6.76 -48.26
CA ASP A 163 -16.35 7.11 -47.86
C ASP A 163 -16.06 6.59 -46.45
N THR A 164 -15.23 5.57 -46.36
CA THR A 164 -14.91 4.95 -45.07
C THR A 164 -13.93 5.77 -44.25
N GLY A 165 -14.22 5.85 -42.96
CA GLY A 165 -13.21 6.15 -41.96
C GLY A 165 -12.90 7.61 -41.90
N VAL A 166 -13.91 8.43 -42.17
CA VAL A 166 -13.73 9.87 -42.15
C VAL A 166 -14.77 10.46 -41.23
N THR A 167 -14.76 11.77 -41.13
CA THR A 167 -15.78 12.51 -40.48
C THR A 167 -15.89 13.81 -41.24
N GLU A 168 -17.13 14.29 -41.37
CA GLU A 168 -17.39 15.58 -41.99
C GLU A 168 -17.20 16.74 -41.01
N VAL A 169 -16.25 17.59 -41.35
CA VAL A 169 -15.97 18.76 -40.58
C VAL A 169 -16.63 19.99 -41.24
N SER A 170 -17.43 20.71 -40.46
CA SER A 170 -18.16 21.85 -41.00
C SER A 170 -17.77 23.09 -40.25
N VAL A 171 -17.15 24.04 -40.95
CA VAL A 171 -16.68 25.26 -40.32
C VAL A 171 -17.58 26.39 -40.76
N THR A 172 -18.05 27.17 -39.80
CA THR A 172 -19.08 28.19 -40.06
C THR A 172 -18.63 29.51 -39.48
N PRO A 173 -18.63 30.57 -40.31
CA PRO A 173 -18.22 31.88 -39.81
C PRO A 173 -19.22 32.41 -38.79
N ALA A 174 -18.72 33.23 -37.87
CA ALA A 174 -19.52 33.88 -36.83
C ALA A 174 -19.58 35.37 -37.17
N ALA A 175 -19.31 36.25 -36.21
CA ALA A 175 -19.13 37.68 -36.48
C ALA A 175 -17.65 37.98 -36.68
N GLU A 176 -17.36 39.08 -37.37
CA GLU A 176 -15.96 39.46 -37.58
C GLU A 176 -15.26 39.55 -36.23
N GLY A 177 -14.12 38.87 -36.12
CA GLY A 177 -13.36 38.86 -34.87
C GLY A 177 -13.61 37.71 -33.92
N GLU A 178 -14.73 37.02 -34.07
CA GLU A 178 -15.01 35.83 -33.27
C GLU A 178 -14.48 34.52 -33.81
N PRO A 179 -14.20 33.57 -32.93
CA PRO A 179 -13.80 32.28 -33.46
C PRO A 179 -14.90 31.72 -34.36
N ALA A 180 -14.51 31.14 -35.49
CA ALA A 180 -15.43 30.40 -36.31
C ALA A 180 -15.95 29.21 -35.49
N ASP A 181 -17.17 28.76 -35.75
CA ASP A 181 -17.64 27.51 -35.16
C ASP A 181 -17.06 26.35 -35.97
N VAL A 182 -16.60 25.31 -35.27
CA VAL A 182 -16.16 24.09 -35.94
C VAL A 182 -16.96 22.91 -35.44
N ASP A 183 -17.63 22.27 -36.37
CA ASP A 183 -18.46 21.16 -36.04
C ASP A 183 -17.74 19.92 -36.59
N LEU A 184 -17.31 19.04 -35.69
CA LEU A 184 -16.56 17.84 -36.08
C LEU A 184 -17.40 16.71 -36.69
N GLY A 185 -18.73 16.78 -36.55
CA GLY A 185 -19.59 15.74 -37.11
C GLY A 185 -19.54 14.47 -36.29
N ALA A 186 -19.59 13.31 -36.96
CA ALA A 186 -19.54 11.99 -36.30
C ALA A 186 -18.48 11.90 -35.20
N ALA A 187 -17.32 12.50 -35.42
CA ALA A 187 -16.21 12.40 -34.47
C ALA A 187 -16.33 13.30 -33.23
N GLU A 188 -17.45 14.03 -33.09
CA GLU A 188 -17.72 14.78 -31.86
C GLU A 188 -17.54 13.85 -30.68
N GLY A 189 -16.69 14.29 -29.75
CA GLY A 189 -16.41 13.53 -28.54
C GLY A 189 -15.50 12.33 -28.74
N TYR A 190 -15.01 12.18 -29.98
CA TYR A 190 -14.06 11.15 -30.29
C TYR A 190 -12.73 11.80 -30.61
N ALA A 191 -12.68 12.57 -31.70
CA ALA A 191 -11.45 13.25 -32.11
C ALA A 191 -11.33 14.51 -31.30
N GLU A 192 -10.09 14.87 -30.96
CA GLU A 192 -9.85 16.10 -30.23
C GLU A 192 -10.00 17.32 -31.14
N LEU A 193 -10.31 18.46 -30.55
CA LEU A 193 -10.51 19.68 -31.32
C LEU A 193 -9.41 20.68 -31.05
N ASP A 194 -8.75 21.19 -32.09
CA ASP A 194 -7.94 22.41 -31.88
C ASP A 194 -8.32 23.59 -32.73
N ASN A 195 -9.30 24.35 -32.25
CA ASN A 195 -9.83 25.45 -33.03
C ASN A 195 -9.13 26.81 -32.78
N ARG A 196 -8.34 27.23 -33.77
CA ARG A 196 -7.57 28.47 -33.75
C ARG A 196 -8.08 29.40 -34.84
N ALA A 197 -9.13 28.96 -35.53
CA ALA A 197 -9.68 29.66 -36.67
C ALA A 197 -10.55 30.86 -36.27
N VAL A 198 -10.60 31.87 -37.14
CA VAL A 198 -11.26 33.13 -36.83
C VAL A 198 -12.12 33.59 -38.01
N THR A 199 -13.03 34.52 -37.75
CA THR A 199 -13.95 34.96 -38.76
C THR A 199 -13.40 36.29 -39.18
N GLY A 200 -12.93 36.36 -40.42
CA GLY A 200 -12.37 37.60 -40.93
C GLY A 200 -13.49 38.53 -41.31
N ALA A 201 -13.15 39.79 -41.54
CA ALA A 201 -14.09 40.77 -42.09
C ALA A 201 -14.81 40.28 -43.37
N ALA A 202 -16.02 40.78 -43.58
CA ALA A 202 -16.80 40.51 -44.82
C ALA A 202 -15.98 40.74 -46.09
N GLY A 203 -15.96 39.73 -46.96
CA GLY A 203 -15.18 39.82 -48.21
C GLY A 203 -13.67 39.82 -48.08
N SER A 204 -13.14 39.50 -46.90
CA SER A 204 -11.69 39.36 -46.74
C SER A 204 -11.33 38.00 -47.29
N ALA A 205 -10.03 37.69 -47.27
CA ALA A 205 -9.49 36.51 -47.93
C ALA A 205 -9.81 35.28 -47.14
N ASN A 206 -10.41 34.27 -47.81
CA ASN A 206 -10.64 32.93 -47.26
C ASN A 206 -9.30 32.19 -47.14
N THR A 207 -8.93 31.82 -45.92
CA THR A 207 -7.60 31.24 -45.72
C THR A 207 -7.63 30.11 -44.73
N LEU A 208 -8.83 29.59 -44.48
CA LEU A 208 -9.08 28.61 -43.45
C LEU A 208 -8.50 27.26 -43.89
N VAL A 209 -7.82 26.55 -42.97
CA VAL A 209 -7.20 25.25 -43.28
C VAL A 209 -7.68 24.21 -42.26
N ILE A 210 -7.98 22.99 -42.70
CA ILE A 210 -8.45 21.97 -41.77
C ILE A 210 -7.53 20.78 -41.88
N ASP A 211 -6.94 20.31 -40.78
CA ASP A 211 -5.90 19.27 -40.88
C ASP A 211 -5.91 18.37 -39.65
N ARG A 212 -5.30 17.19 -39.76
CA ARG A 212 -5.17 16.29 -38.61
C ARG A 212 -3.69 16.02 -38.43
N PRO A 213 -3.03 16.82 -37.58
CA PRO A 213 -1.56 16.77 -37.51
C PRO A 213 -1.11 15.34 -37.31
N VAL A 214 -0.06 14.95 -38.02
CA VAL A 214 0.39 13.55 -38.06
C VAL A 214 0.60 12.99 -36.66
N GLY A 215 0.19 11.73 -36.48
CA GLY A 215 0.35 11.06 -35.20
C GLY A 215 -0.69 11.44 -34.16
N THR A 216 -1.64 12.30 -34.51
CA THR A 216 -2.70 12.66 -33.56
C THR A 216 -4.08 12.27 -33.99
N ASN A 217 -4.98 12.18 -33.00
CA ASN A 217 -6.41 12.17 -33.27
C ASN A 217 -7.09 13.52 -33.06
N THR A 218 -6.41 14.60 -33.45
CA THR A 218 -6.84 15.98 -33.19
C THR A 218 -7.11 16.74 -34.51
N ILE A 219 -8.24 17.44 -34.60
CA ILE A 219 -8.49 18.20 -35.83
C ILE A 219 -8.03 19.61 -35.62
N ALA A 220 -7.01 20.01 -36.35
CA ALA A 220 -6.50 21.34 -36.12
C ALA A 220 -7.09 22.27 -37.15
N VAL A 221 -7.79 23.30 -36.68
CA VAL A 221 -8.39 24.24 -37.60
C VAL A 221 -7.69 25.57 -37.44
N THR A 222 -7.11 26.04 -38.55
CA THR A 222 -6.39 27.31 -38.55
C THR A 222 -6.91 28.23 -39.65
N GLY A 223 -6.50 29.49 -39.57
CA GLY A 223 -6.83 30.47 -40.60
C GLY A 223 -8.06 31.31 -40.25
N SER A 224 -8.64 31.88 -41.30
CA SER A 224 -9.65 32.92 -41.16
C SER A 224 -10.74 32.67 -42.19
N LEU A 225 -11.99 32.70 -41.79
CA LEU A 225 -13.10 32.45 -42.70
C LEU A 225 -13.92 33.73 -42.77
N PRO A 226 -14.20 34.22 -43.99
CA PRO A 226 -14.98 35.46 -44.20
C PRO A 226 -16.37 35.43 -43.53
N ALA A 227 -16.80 36.55 -42.95
CA ALA A 227 -18.12 36.60 -42.31
C ALA A 227 -19.28 36.33 -43.26
N ASP A 228 -19.09 36.59 -44.55
CA ASP A 228 -20.14 36.35 -45.57
C ASP A 228 -19.98 35.03 -46.27
N ALA A 229 -18.95 34.28 -45.91
CA ALA A 229 -18.64 33.05 -46.61
C ALA A 229 -19.64 31.96 -46.27
N ALA A 230 -19.91 31.13 -47.27
CA ALA A 230 -20.70 29.95 -47.08
C ALA A 230 -19.83 29.00 -46.27
N PRO A 231 -20.44 28.34 -45.26
CA PRO A 231 -19.81 27.26 -44.47
C PRO A 231 -19.05 26.29 -45.36
N VAL A 232 -17.88 25.86 -44.88
CA VAL A 232 -16.94 24.99 -45.56
C VAL A 232 -17.12 23.58 -45.00
N THR A 233 -17.46 22.60 -45.84
CA THR A 233 -17.40 21.17 -45.42
C THR A 233 -16.18 20.45 -45.96
N ALA A 234 -15.57 19.62 -45.12
CA ALA A 234 -14.41 18.84 -45.52
C ALA A 234 -14.46 17.44 -44.95
N LEU A 235 -13.99 16.47 -45.73
CA LEU A 235 -13.89 15.12 -45.23
C LEU A 235 -12.49 14.91 -44.71
N ARG A 236 -12.35 14.86 -43.38
CA ARG A 236 -11.07 14.54 -42.77
C ARG A 236 -11.13 13.17 -42.12
N THR A 237 -10.04 12.39 -42.19
CA THR A 237 -9.99 11.03 -41.64
C THR A 237 -9.78 11.08 -40.15
N VAL A 238 -9.99 9.96 -39.47
CA VAL A 238 -9.63 9.85 -38.05
C VAL A 238 -8.68 8.67 -37.76
N ASP A 239 -8.09 8.69 -36.58
CA ASP A 239 -7.26 7.61 -36.07
C ASP A 239 -8.17 6.51 -35.53
N GLU A 240 -7.92 5.26 -35.96
CA GLU A 240 -8.68 4.07 -35.51
C GLU A 240 -10.19 4.08 -35.89
N PRO A 241 -10.50 3.90 -37.18
CA PRO A 241 -11.89 3.81 -37.60
C PRO A 241 -12.77 2.94 -36.68
N ALA A 242 -12.34 1.71 -36.34
CA ALA A 242 -13.14 0.89 -35.44
C ALA A 242 -13.55 1.61 -34.12
N ALA A 243 -12.61 2.35 -33.51
CA ALA A 243 -12.92 3.11 -32.28
C ALA A 243 -14.01 4.14 -32.48
N LEU A 244 -14.01 4.79 -33.65
CA LEU A 244 -15.08 5.74 -34.00
C LEU A 244 -16.42 5.00 -34.14
N ALA A 245 -16.42 3.92 -34.92
CA ALA A 245 -17.54 2.98 -34.97
C ALA A 245 -17.99 2.58 -33.54
N GLY A 246 -17.04 2.27 -32.66
CA GLY A 246 -17.36 1.98 -31.25
C GLY A 246 -18.06 3.15 -30.58
N HIS A 247 -17.46 4.32 -30.72
CA HIS A 247 -18.00 5.55 -30.18
C HIS A 247 -19.43 5.84 -30.64
N LEU A 248 -19.67 5.82 -31.96
CA LEU A 248 -21.00 6.11 -32.50
C LEU A 248 -22.04 5.09 -32.11
N PHE A 249 -21.58 3.89 -31.78
CA PHE A 249 -22.46 2.83 -31.29
C PHE A 249 -22.92 3.04 -29.86
N GLU A 250 -22.03 3.48 -28.96
CA GLU A 250 -22.48 3.88 -27.61
C GLU A 250 -23.59 4.95 -27.72
N GLU A 251 -23.40 5.90 -28.64
CA GLU A 251 -24.42 6.91 -28.94
C GLU A 251 -25.72 6.29 -29.48
N ALA A 252 -25.62 5.45 -30.51
CA ALA A 252 -26.80 4.73 -31.01
C ALA A 252 -27.53 3.98 -29.90
N LEU A 253 -26.77 3.37 -28.99
CA LEU A 253 -27.38 2.54 -27.92
C LEU A 253 -28.16 3.37 -26.92
N GLU A 254 -27.54 4.47 -26.46
CA GLU A 254 -28.17 5.39 -25.52
C GLU A 254 -29.40 6.03 -26.16
N SER A 255 -29.29 6.33 -27.45
CA SER A 255 -30.45 6.80 -28.19
C SER A 255 -31.55 5.72 -28.46
N ASN A 256 -31.26 4.44 -28.18
CA ASN A 256 -32.32 3.41 -28.21
C ASN A 256 -32.69 2.85 -26.83
N GLY A 257 -32.38 3.65 -25.81
CA GLY A 257 -32.74 3.34 -24.43
C GLY A 257 -31.85 2.34 -23.74
N VAL A 258 -30.65 2.13 -24.28
CA VAL A 258 -29.71 1.15 -23.74
C VAL A 258 -28.52 1.84 -23.11
N THR A 259 -28.38 1.71 -21.79
CA THR A 259 -27.36 2.44 -21.05
C THR A 259 -26.05 1.70 -21.00
N VAL A 260 -25.00 2.27 -21.60
CA VAL A 260 -23.67 1.69 -21.47
C VAL A 260 -23.05 2.24 -20.20
N LYS A 261 -22.74 1.37 -19.25
CA LYS A 261 -22.18 1.78 -17.95
C LYS A 261 -20.66 1.96 -17.97
N GLY A 262 -19.98 1.34 -18.93
CA GLY A 262 -18.51 1.34 -18.92
C GLY A 262 -17.82 2.22 -19.96
N ASP A 263 -16.83 1.60 -20.62
CA ASP A 263 -15.88 2.32 -21.46
C ASP A 263 -15.93 1.76 -22.86
N VAL A 264 -15.72 2.61 -23.86
CA VAL A 264 -15.56 2.19 -25.26
C VAL A 264 -14.07 2.09 -25.63
N GLY A 265 -13.69 1.01 -26.32
CA GLY A 265 -12.30 0.80 -26.70
C GLY A 265 -12.17 -0.33 -27.70
N LEU A 266 -10.96 -0.57 -28.21
CA LEU A 266 -10.75 -1.73 -29.08
C LEU A 266 -10.63 -3.01 -28.25
N GLY A 267 -11.04 -4.12 -28.85
CA GLY A 267 -10.96 -5.42 -28.19
C GLY A 267 -11.72 -6.43 -29.02
N GLY A 268 -11.19 -7.65 -29.08
CA GLY A 268 -11.76 -8.71 -29.91
C GLY A 268 -12.53 -9.61 -28.99
N VAL A 269 -13.48 -10.36 -29.55
CA VAL A 269 -14.30 -11.27 -28.78
C VAL A 269 -13.36 -12.30 -28.17
N PRO A 270 -13.38 -12.45 -26.82
CA PRO A 270 -12.42 -13.32 -26.12
C PRO A 270 -12.55 -14.78 -26.55
N ALA A 271 -11.47 -15.54 -26.41
CA ALA A 271 -11.48 -16.98 -26.73
C ALA A 271 -12.31 -17.84 -25.73
N ASP A 272 -12.25 -17.47 -24.44
CA ASP A 272 -13.02 -18.12 -23.40
C ASP A 272 -14.55 -17.89 -23.51
N TRP A 273 -14.99 -17.36 -24.65
CA TRP A 273 -16.43 -17.22 -24.95
C TRP A 273 -17.00 -18.52 -25.50
N GLN A 274 -17.82 -19.13 -24.65
CA GLN A 274 -18.32 -20.47 -24.90
C GLN A 274 -19.24 -20.53 -26.13
N ASP A 275 -20.35 -19.80 -26.08
CA ASP A 275 -21.34 -19.80 -27.12
C ASP A 275 -21.95 -18.39 -27.19
N ALA A 276 -21.22 -17.50 -27.86
CA ALA A 276 -21.62 -16.11 -28.04
C ALA A 276 -23.08 -15.91 -28.45
N GLU A 277 -23.79 -15.04 -27.72
CA GLU A 277 -25.14 -14.63 -28.09
C GLU A 277 -25.15 -13.40 -29.02
N VAL A 278 -25.43 -13.63 -30.31
CA VAL A 278 -25.51 -12.55 -31.28
C VAL A 278 -26.84 -11.82 -31.08
N LEU A 279 -26.76 -10.53 -30.75
CA LEU A 279 -27.91 -9.73 -30.34
C LEU A 279 -28.44 -8.78 -31.43
N ALA A 280 -27.63 -8.58 -32.46
CA ALA A 280 -28.03 -7.86 -33.67
C ALA A 280 -27.02 -8.19 -34.74
N ASP A 281 -27.51 -8.28 -35.97
CA ASP A 281 -26.66 -8.39 -37.16
C ASP A 281 -27.14 -7.40 -38.23
N HIS A 282 -26.26 -7.09 -39.18
CA HIS A 282 -26.61 -6.35 -40.40
C HIS A 282 -25.80 -6.93 -41.57
N THR A 283 -26.41 -6.91 -42.75
CA THR A 283 -25.82 -7.48 -43.97
C THR A 283 -25.79 -6.37 -45.01
N SER A 284 -24.64 -6.27 -45.70
CA SER A 284 -24.49 -5.27 -46.77
C SER A 284 -25.21 -5.66 -48.07
N ALA A 285 -25.25 -4.69 -48.99
CA ALA A 285 -25.67 -4.95 -50.37
C ALA A 285 -24.63 -5.86 -51.02
N GLU A 286 -24.96 -6.46 -52.15
CA GLU A 286 -24.07 -7.41 -52.75
C GLU A 286 -22.91 -6.75 -53.46
N LEU A 287 -21.78 -7.42 -53.49
CA LEU A 287 -20.58 -6.86 -54.13
C LEU A 287 -20.87 -6.17 -55.47
N SER A 288 -21.83 -6.68 -56.24
CA SER A 288 -22.22 -6.10 -57.53
C SER A 288 -22.63 -4.62 -57.39
N GLU A 289 -23.32 -4.29 -56.31
CA GLU A 289 -23.79 -2.91 -56.10
C GLU A 289 -22.74 -2.04 -55.39
N ILE A 290 -22.01 -2.64 -54.46
CA ILE A 290 -20.88 -1.95 -53.84
C ILE A 290 -19.90 -1.48 -54.93
N LEU A 291 -19.75 -2.26 -56.00
CA LEU A 291 -18.85 -1.92 -57.12
C LEU A 291 -19.06 -0.51 -57.69
N VAL A 292 -20.32 -0.09 -57.70
CA VAL A 292 -20.71 1.15 -58.34
C VAL A 292 -20.01 2.31 -57.67
N PRO A 293 -20.33 2.64 -56.40
CA PRO A 293 -19.61 3.76 -55.78
C PRO A 293 -18.12 3.53 -55.76
N PHE A 294 -17.70 2.29 -55.56
CA PHE A 294 -16.29 1.97 -55.55
C PHE A 294 -15.57 2.47 -56.84
N MET A 295 -16.00 1.96 -58.00
CA MET A 295 -15.34 2.25 -59.27
C MET A 295 -15.72 3.63 -59.88
N LYS A 296 -16.99 3.99 -59.85
CA LYS A 296 -17.46 5.30 -60.34
C LYS A 296 -16.67 6.46 -59.76
N PHE A 297 -16.39 6.38 -58.46
CA PHE A 297 -15.75 7.49 -57.72
C PHE A 297 -14.33 7.19 -57.25
N SER A 298 -13.87 5.95 -57.33
CA SER A 298 -12.47 5.67 -57.06
C SER A 298 -12.22 5.65 -55.55
N ASN A 299 -13.00 4.85 -54.84
CA ASN A 299 -12.83 4.69 -53.39
C ASN A 299 -11.60 3.84 -53.04
N ASN A 300 -10.57 4.48 -52.49
CA ASN A 300 -9.35 3.77 -52.14
C ASN A 300 -9.65 2.79 -51.01
N GLY A 301 -10.14 3.33 -49.90
CA GLY A 301 -10.68 2.49 -48.83
C GLY A 301 -11.42 1.23 -49.31
N HIS A 302 -12.31 1.34 -50.30
CA HIS A 302 -13.00 0.14 -50.74
C HIS A 302 -12.03 -0.87 -51.31
N ALA A 303 -11.15 -0.44 -52.22
CA ALA A 303 -10.20 -1.33 -52.87
C ALA A 303 -9.34 -2.06 -51.84
N GLU A 304 -8.80 -1.32 -50.87
CA GLU A 304 -7.98 -1.98 -49.86
C GLU A 304 -8.82 -3.00 -49.06
N MET A 305 -9.98 -2.62 -48.54
CA MET A 305 -10.84 -3.53 -47.79
C MET A 305 -11.13 -4.81 -48.57
N LEU A 306 -11.40 -4.65 -49.87
CA LEU A 306 -11.62 -5.78 -50.76
C LEU A 306 -10.36 -6.64 -50.90
N VAL A 307 -9.18 -6.02 -50.79
CA VAL A 307 -7.94 -6.82 -50.84
C VAL A 307 -7.90 -7.76 -49.65
N LYS A 308 -8.02 -7.20 -48.46
CA LYS A 308 -8.01 -7.95 -47.23
C LYS A 308 -9.14 -8.99 -47.16
N SER A 309 -10.30 -8.67 -47.75
CA SER A 309 -11.37 -9.68 -47.86
C SER A 309 -11.01 -10.89 -48.77
N ILE A 310 -10.19 -10.65 -49.80
CA ILE A 310 -9.64 -11.74 -50.63
C ILE A 310 -8.66 -12.59 -49.83
N GLY A 311 -7.87 -11.92 -48.98
CA GLY A 311 -6.91 -12.60 -48.10
C GLY A 311 -7.67 -13.48 -47.14
N GLN A 312 -8.78 -12.96 -46.64
CA GLN A 312 -9.67 -13.75 -45.81
C GLN A 312 -10.24 -14.94 -46.57
N GLU A 313 -10.83 -14.70 -47.74
CA GLU A 313 -11.40 -15.80 -48.52
C GLU A 313 -10.40 -16.89 -48.93
N THR A 314 -9.22 -16.51 -49.42
CA THR A 314 -8.29 -17.50 -49.95
C THR A 314 -7.39 -18.14 -48.91
N ALA A 315 -7.10 -17.42 -47.82
CA ALA A 315 -6.10 -17.79 -46.85
C ALA A 315 -6.56 -17.61 -45.41
N GLY A 316 -7.79 -17.12 -45.21
CA GLY A 316 -8.29 -16.87 -43.84
C GLY A 316 -7.33 -15.96 -43.12
N ALA A 317 -7.05 -14.81 -43.74
CA ALA A 317 -5.99 -13.88 -43.35
C ALA A 317 -6.29 -12.51 -43.95
N GLY A 318 -6.84 -11.60 -43.16
CA GLY A 318 -7.33 -10.31 -43.66
C GLY A 318 -6.17 -9.36 -43.70
N THR A 319 -5.37 -9.49 -44.75
CA THR A 319 -4.01 -9.01 -44.72
C THR A 319 -3.57 -8.56 -46.08
N TRP A 320 -2.62 -7.62 -46.10
CA TRP A 320 -2.12 -7.10 -47.37
C TRP A 320 -1.27 -8.12 -48.16
N ASP A 321 -0.27 -8.75 -47.54
CA ASP A 321 0.59 -9.73 -48.27
C ASP A 321 -0.27 -10.87 -48.78
N ALA A 322 -1.21 -11.29 -47.94
CA ALA A 322 -2.17 -12.34 -48.27
C ALA A 322 -3.05 -11.96 -49.46
N GLY A 323 -3.76 -10.85 -49.35
CA GLY A 323 -4.76 -10.49 -50.35
C GLY A 323 -4.16 -10.16 -51.72
N LEU A 324 -2.93 -9.66 -51.71
CA LEU A 324 -2.29 -9.22 -52.93
C LEU A 324 -1.82 -10.39 -53.81
N VAL A 325 -1.26 -11.42 -53.17
CA VAL A 325 -1.04 -12.71 -53.81
C VAL A 325 -2.37 -13.29 -54.33
N GLY A 326 -3.44 -13.15 -53.55
CA GLY A 326 -4.78 -13.56 -53.98
C GLY A 326 -5.19 -12.90 -55.30
N VAL A 327 -4.73 -11.67 -55.50
CA VAL A 327 -5.08 -10.89 -56.67
C VAL A 327 -4.31 -11.38 -57.89
N GLU A 328 -3.00 -11.58 -57.72
CA GLU A 328 -2.17 -12.08 -58.84
C GLU A 328 -2.76 -13.43 -59.22
N GLU A 329 -2.97 -14.28 -58.22
CA GLU A 329 -3.56 -15.60 -58.43
C GLU A 329 -4.83 -15.56 -59.28
N ALA A 330 -5.86 -14.88 -58.76
CA ALA A 330 -7.14 -14.78 -59.43
C ALA A 330 -7.01 -14.21 -60.84
N LEU A 331 -6.10 -13.26 -61.02
CA LEU A 331 -5.88 -12.66 -62.33
C LEU A 331 -5.32 -13.69 -63.32
N SER A 332 -4.31 -14.46 -62.89
CA SER A 332 -3.77 -15.56 -63.70
C SER A 332 -4.86 -16.54 -64.05
N GLY A 333 -5.66 -16.93 -63.05
CA GLY A 333 -6.73 -17.90 -63.21
C GLY A 333 -7.72 -17.49 -64.26
N LEU A 334 -7.80 -16.19 -64.47
CA LEU A 334 -8.67 -15.57 -65.43
C LEU A 334 -8.11 -15.70 -66.86
N GLY A 335 -6.83 -16.08 -66.92
CA GLY A 335 -6.08 -16.14 -68.16
C GLY A 335 -5.21 -14.92 -68.38
N VAL A 336 -5.11 -14.04 -67.39
CA VAL A 336 -4.29 -12.84 -67.57
C VAL A 336 -2.83 -13.20 -67.36
N ASP A 337 -1.96 -12.58 -68.16
CA ASP A 337 -0.51 -12.71 -68.02
C ASP A 337 0.04 -11.59 -67.10
N THR A 338 0.43 -11.96 -65.88
CA THR A 338 0.72 -10.93 -64.91
C THR A 338 2.20 -10.61 -64.72
N ALA A 339 3.04 -11.00 -65.68
CA ALA A 339 4.49 -10.75 -65.62
C ALA A 339 4.86 -9.31 -65.26
N GLY A 340 4.35 -8.36 -66.04
CA GLY A 340 4.75 -6.96 -65.89
C GLY A 340 4.01 -6.22 -64.80
N LEU A 341 3.28 -6.94 -63.97
CA LEU A 341 2.47 -6.33 -62.93
C LEU A 341 3.20 -6.42 -61.62
N VAL A 342 3.34 -5.31 -60.91
CA VAL A 342 3.85 -5.33 -59.54
C VAL A 342 2.74 -4.75 -58.69
N LEU A 343 2.29 -5.56 -57.72
CA LEU A 343 1.14 -5.22 -56.87
C LEU A 343 1.61 -4.78 -55.49
N ASN A 344 1.23 -3.58 -55.04
CA ASN A 344 1.63 -3.09 -53.72
C ASN A 344 0.42 -2.64 -52.91
N ASP A 345 -0.66 -2.30 -53.61
CA ASP A 345 -1.95 -2.12 -52.98
C ASP A 345 -3.10 -2.42 -53.93
N GLY A 346 -4.33 -2.21 -53.44
CA GLY A 346 -5.50 -2.56 -54.19
C GLY A 346 -6.05 -1.33 -54.87
N SER A 347 -5.76 -0.16 -54.27
CA SER A 347 -6.27 1.13 -54.76
C SER A 347 -5.42 1.79 -55.83
N GLY A 348 -4.13 1.54 -55.80
CA GLY A 348 -3.24 2.20 -56.70
C GLY A 348 -2.71 3.46 -56.09
N LEU A 349 -2.98 3.68 -54.80
CA LEU A 349 -2.47 4.87 -54.15
C LEU A 349 -0.95 4.77 -54.00
N SER A 350 -0.45 3.53 -53.85
CA SER A 350 0.98 3.30 -53.67
C SER A 350 1.80 3.53 -54.94
N ARG A 351 2.93 4.21 -54.77
CA ARG A 351 3.88 4.38 -55.86
C ARG A 351 4.71 3.13 -56.12
N GLY A 352 4.45 2.09 -55.32
CA GLY A 352 4.98 0.77 -55.57
C GLY A 352 4.20 0.04 -56.65
N ASN A 353 2.99 0.45 -56.94
CA ASN A 353 2.29 -0.24 -58.00
C ASN A 353 2.96 -0.02 -59.35
N LEU A 354 3.09 -1.06 -60.18
CA LEU A 354 3.44 -0.85 -61.60
C LEU A 354 2.56 -1.74 -62.45
N VAL A 355 2.22 -1.26 -63.65
CA VAL A 355 1.45 -2.04 -64.64
C VAL A 355 1.99 -1.62 -65.98
N THR A 356 1.67 -2.40 -67.02
CA THR A 356 1.93 -2.02 -68.41
C THR A 356 0.58 -1.86 -69.09
N ALA A 357 0.54 -1.29 -70.29
CA ALA A 357 -0.74 -1.10 -70.94
C ALA A 357 -1.20 -2.35 -71.64
N ASP A 358 -0.25 -3.18 -72.07
CA ASP A 358 -0.57 -4.50 -72.63
C ASP A 358 -1.31 -5.33 -71.59
N THR A 359 -0.82 -5.26 -70.34
CA THR A 359 -1.46 -5.95 -69.23
C THR A 359 -2.88 -5.43 -68.98
N VAL A 360 -3.03 -4.11 -68.89
CA VAL A 360 -4.34 -3.52 -68.64
C VAL A 360 -5.34 -4.04 -69.65
N VAL A 361 -4.98 -3.95 -70.92
CA VAL A 361 -5.86 -4.34 -72.03
C VAL A 361 -6.13 -5.85 -71.99
N ASP A 362 -5.06 -6.60 -71.76
CA ASP A 362 -5.16 -8.04 -71.54
C ASP A 362 -6.33 -8.31 -70.59
N LEU A 363 -6.30 -7.60 -69.45
CA LEU A 363 -7.37 -7.67 -68.44
C LEU A 363 -8.72 -7.24 -68.99
N LEU A 364 -8.75 -6.10 -69.67
CA LEU A 364 -10.01 -5.65 -70.29
C LEU A 364 -10.66 -6.77 -71.10
N GLY A 365 -9.83 -7.48 -71.86
CA GLY A 365 -10.23 -8.66 -72.62
C GLY A 365 -10.93 -9.71 -71.77
N GLN A 366 -10.20 -10.32 -70.85
CA GLN A 366 -10.71 -11.43 -70.05
C GLN A 366 -11.94 -11.03 -69.28
N ALA A 367 -11.87 -9.86 -68.65
CA ALA A 367 -12.99 -9.32 -67.96
C ALA A 367 -14.26 -9.29 -68.85
N GLY A 368 -14.07 -8.97 -70.14
CA GLY A 368 -15.19 -8.78 -71.06
C GLY A 368 -15.96 -10.04 -71.38
N SER A 369 -15.32 -11.19 -71.20
CA SER A 369 -15.96 -12.49 -71.44
C SER A 369 -16.11 -13.34 -70.16
N ALA A 370 -15.77 -12.79 -69.01
CA ALA A 370 -16.06 -13.45 -67.74
C ALA A 370 -17.57 -13.58 -67.53
N PRO A 371 -18.02 -14.58 -66.73
CA PRO A 371 -19.43 -14.65 -66.34
C PRO A 371 -19.95 -13.36 -65.67
N TRP A 372 -19.05 -12.57 -65.11
CA TRP A 372 -19.45 -11.35 -64.38
C TRP A 372 -19.19 -10.07 -65.18
N ALA A 373 -19.21 -10.17 -66.50
CA ALA A 373 -18.85 -9.04 -67.36
C ALA A 373 -19.77 -7.83 -67.20
N GLN A 374 -21.08 -8.05 -67.18
CA GLN A 374 -21.99 -6.89 -67.09
C GLN A 374 -21.87 -6.06 -65.83
N THR A 375 -21.71 -6.70 -64.68
CA THR A 375 -21.69 -5.97 -63.41
C THR A 375 -20.36 -5.25 -63.25
N TRP A 376 -19.34 -5.80 -63.93
CA TRP A 376 -18.02 -5.19 -64.06
C TRP A 376 -18.11 -3.95 -64.95
N SER A 377 -18.73 -4.06 -66.13
CA SER A 377 -18.77 -2.90 -67.01
C SER A 377 -19.72 -1.82 -66.50
N ALA A 378 -20.73 -2.22 -65.71
CA ALA A 378 -21.67 -1.26 -65.13
C ALA A 378 -20.96 -0.35 -64.15
N SER A 379 -19.91 -0.89 -63.51
CA SER A 379 -19.16 -0.15 -62.47
C SER A 379 -18.34 1.03 -63.02
N LEU A 380 -17.94 0.97 -64.29
CA LEU A 380 -17.07 2.00 -64.86
C LEU A 380 -17.84 3.29 -65.14
N PRO A 381 -17.19 4.43 -64.90
CA PRO A 381 -17.64 5.75 -65.33
C PRO A 381 -17.97 5.78 -66.81
N VAL A 382 -19.04 6.47 -67.18
CA VAL A 382 -19.42 6.60 -68.57
C VAL A 382 -19.14 8.02 -69.02
N ALA A 383 -18.30 8.17 -70.03
CA ALA A 383 -17.97 9.47 -70.58
C ALA A 383 -19.13 10.48 -70.60
N GLY A 384 -18.91 11.61 -69.92
CA GLY A 384 -19.75 12.80 -70.09
C GLY A 384 -21.16 12.74 -69.53
N GLU A 385 -21.48 11.68 -68.80
CA GLU A 385 -22.78 11.55 -68.17
C GLU A 385 -22.95 12.43 -66.91
N SER A 386 -24.01 13.25 -66.89
CA SER A 386 -24.16 14.27 -65.86
C SER A 386 -24.56 13.73 -64.47
N ASP A 387 -25.14 12.54 -64.46
CA ASP A 387 -25.50 11.88 -63.22
C ASP A 387 -24.22 11.38 -62.55
N PRO A 388 -23.90 11.89 -61.33
CA PRO A 388 -22.70 11.47 -60.62
C PRO A 388 -22.56 9.93 -60.53
N PHE A 389 -23.66 9.21 -60.33
CA PHE A 389 -23.57 7.74 -60.17
C PHE A 389 -23.46 6.96 -61.48
N VAL A 390 -23.27 7.68 -62.57
CA VAL A 390 -23.23 7.10 -63.89
C VAL A 390 -22.00 7.62 -64.59
N GLY A 391 -21.91 8.95 -64.67
CA GLY A 391 -20.76 9.57 -65.24
C GLY A 391 -19.56 9.34 -64.35
N GLY A 392 -19.79 9.26 -63.05
CA GLY A 392 -18.67 9.12 -62.10
C GLY A 392 -17.57 10.13 -62.35
N THR A 393 -16.31 9.71 -62.20
CA THR A 393 -15.18 10.64 -62.44
C THR A 393 -15.09 11.13 -63.89
N LEU A 394 -15.97 10.64 -64.75
CA LEU A 394 -16.01 11.15 -66.13
C LEU A 394 -17.12 12.18 -66.39
N ALA A 395 -18.01 12.35 -65.42
CA ALA A 395 -19.15 13.28 -65.52
C ALA A 395 -18.93 14.55 -66.37
N ASN A 396 -17.84 15.27 -66.11
CA ASN A 396 -17.56 16.55 -66.78
C ASN A 396 -16.43 16.47 -67.79
N ARG A 397 -16.20 15.27 -68.28
CA ARG A 397 -15.27 15.10 -69.37
C ARG A 397 -15.99 14.58 -70.58
N MET A 398 -15.53 15.01 -71.76
CA MET A 398 -15.99 14.50 -73.07
C MET A 398 -17.48 14.73 -73.42
N ARG A 399 -18.16 15.58 -72.66
CA ARG A 399 -19.55 15.98 -72.96
C ARG A 399 -19.68 16.41 -74.43
N GLY A 400 -20.86 16.23 -75.01
CA GLY A 400 -21.07 16.56 -76.43
C GLY A 400 -19.94 16.21 -77.38
N THR A 401 -19.43 14.97 -77.28
CA THR A 401 -18.52 14.38 -78.27
C THR A 401 -18.99 12.98 -78.63
N ALA A 402 -18.42 12.37 -79.66
CA ALA A 402 -18.77 11.00 -80.03
C ALA A 402 -18.58 10.03 -78.87
N ALA A 403 -17.67 10.39 -77.96
CA ALA A 403 -17.43 9.57 -76.78
C ALA A 403 -18.60 9.57 -75.78
N GLU A 404 -19.42 10.62 -75.81
CA GLU A 404 -20.44 10.78 -74.78
C GLU A 404 -21.42 9.62 -74.73
N GLY A 405 -21.62 9.09 -73.53
CA GLY A 405 -22.62 8.07 -73.29
C GLY A 405 -22.25 6.69 -73.81
N VAL A 406 -21.11 6.61 -74.51
CA VAL A 406 -20.64 5.36 -75.10
C VAL A 406 -19.37 4.81 -74.44
N VAL A 407 -18.31 5.63 -74.38
CA VAL A 407 -17.03 5.24 -73.76
C VAL A 407 -17.17 4.90 -72.26
N GLU A 408 -16.80 3.69 -71.87
CA GLU A 408 -16.79 3.28 -70.45
C GLU A 408 -15.33 3.14 -70.04
N ALA A 409 -14.85 3.95 -69.11
CA ALA A 409 -13.43 3.88 -68.70
C ALA A 409 -13.13 4.28 -67.27
N LYS A 410 -12.05 3.73 -66.73
CA LYS A 410 -11.56 4.12 -65.40
C LYS A 410 -10.40 5.07 -65.56
N THR A 411 -10.35 6.06 -64.67
CA THR A 411 -9.34 7.09 -64.71
C THR A 411 -8.34 6.77 -63.63
N GLY A 412 -7.30 7.58 -63.55
CA GLY A 412 -6.30 7.40 -62.52
C GLY A 412 -5.40 8.60 -62.56
N THR A 413 -5.07 9.13 -61.38
CA THR A 413 -4.40 10.43 -61.27
C THR A 413 -3.63 10.66 -59.97
N MET A 414 -2.38 11.09 -60.13
CA MET A 414 -1.62 11.76 -59.08
C MET A 414 -0.46 12.56 -59.69
N SER A 415 0.40 13.16 -58.84
CA SER A 415 1.59 13.85 -59.32
C SER A 415 2.31 13.00 -60.34
N GLY A 416 2.29 13.46 -61.60
CA GLY A 416 3.08 12.85 -62.66
C GLY A 416 2.50 11.57 -63.19
N VAL A 417 1.23 11.30 -62.85
CA VAL A 417 0.51 10.10 -63.28
C VAL A 417 -0.91 10.39 -63.69
N SER A 418 -1.24 10.03 -64.92
CA SER A 418 -2.62 10.05 -65.38
C SER A 418 -2.90 8.77 -66.15
N ALA A 419 -4.12 8.25 -66.10
CA ALA A 419 -4.46 7.10 -66.89
C ALA A 419 -5.93 7.06 -67.18
N LEU A 420 -6.27 6.54 -68.36
CA LEU A 420 -7.64 6.27 -68.81
C LEU A 420 -7.62 4.96 -69.55
N SER A 421 -8.55 4.08 -69.23
CA SER A 421 -8.52 2.71 -69.74
C SER A 421 -9.92 2.17 -69.72
N GLY A 422 -10.35 1.53 -70.81
CA GLY A 422 -11.70 1.00 -70.86
C GLY A 422 -12.17 0.50 -72.19
N TYR A 423 -13.47 0.65 -72.44
CA TYR A 423 -14.05 0.20 -73.68
C TYR A 423 -14.70 1.29 -74.53
N VAL A 424 -14.67 1.05 -75.83
CA VAL A 424 -15.43 1.81 -76.79
C VAL A 424 -16.28 0.78 -77.50
N PRO A 425 -17.56 0.70 -77.11
CA PRO A 425 -18.48 -0.23 -77.73
C PRO A 425 -19.01 0.30 -79.07
N GLY A 426 -18.80 -0.48 -80.13
CA GLY A 426 -19.11 -0.03 -81.49
C GLY A 426 -20.11 -0.85 -82.29
N PRO A 427 -21.04 -0.16 -83.01
CA PRO A 427 -21.76 -0.65 -84.19
C PRO A 427 -20.80 -1.24 -85.23
N GLU A 428 -19.51 -1.26 -84.89
CA GLU A 428 -18.50 -2.05 -85.60
C GLU A 428 -18.20 -3.30 -84.76
N GLY A 429 -17.58 -3.09 -83.60
CA GLY A 429 -17.16 -4.14 -82.65
C GLY A 429 -16.64 -3.43 -81.41
N GLU A 430 -16.60 -4.13 -80.28
CA GLU A 430 -16.31 -3.48 -78.99
C GLU A 430 -14.79 -3.35 -78.75
N LEU A 431 -14.28 -2.12 -78.78
CA LEU A 431 -12.83 -1.84 -78.62
C LEU A 431 -12.41 -1.87 -77.16
N ALA A 432 -11.17 -2.25 -76.89
CA ALA A 432 -10.59 -2.05 -75.54
C ALA A 432 -9.31 -1.22 -75.62
N PHE A 433 -9.15 -0.28 -74.71
CA PHE A 433 -7.96 0.57 -74.75
C PHE A 433 -7.39 0.88 -73.38
N SER A 434 -6.09 1.14 -73.37
CA SER A 434 -5.39 1.64 -72.21
C SER A 434 -4.51 2.79 -72.62
N ILE A 435 -4.60 3.89 -71.86
CA ILE A 435 -3.68 5.01 -71.99
C ILE A 435 -3.13 5.27 -70.59
N VAL A 436 -1.82 5.16 -70.42
CA VAL A 436 -1.20 5.42 -69.10
C VAL A 436 0.04 6.30 -69.23
N ASN A 437 0.06 7.47 -68.58
CA ASN A 437 1.18 8.40 -68.75
C ASN A 437 1.86 8.75 -67.45
N ASN A 438 3.18 8.73 -67.48
CA ASN A 438 3.98 9.06 -66.33
C ASN A 438 4.98 10.15 -66.65
N GLY A 439 5.32 10.97 -65.67
CA GLY A 439 6.46 11.85 -65.77
C GLY A 439 6.25 13.18 -66.49
N HIS A 440 5.07 13.36 -67.08
CA HIS A 440 4.66 14.69 -67.51
C HIS A 440 4.87 15.67 -66.35
N SER A 441 5.26 16.91 -66.65
CA SER A 441 5.60 17.86 -65.58
C SER A 441 4.54 18.94 -65.34
N GLY A 442 3.65 19.11 -66.32
CA GLY A 442 2.61 20.12 -66.23
C GLY A 442 1.35 19.59 -65.56
N PRO A 443 0.19 20.13 -65.98
CA PRO A 443 -1.16 19.63 -65.61
C PRO A 443 -1.48 18.25 -66.22
N ALA A 444 -2.20 17.40 -65.49
CA ALA A 444 -2.54 16.05 -65.98
C ALA A 444 -3.06 16.07 -67.43
N PRO A 445 -2.47 15.27 -68.33
CA PRO A 445 -2.77 15.35 -69.77
C PRO A 445 -4.17 14.83 -70.17
N LEU A 446 -5.22 15.42 -69.62
CA LEU A 446 -6.58 14.92 -69.82
C LEU A 446 -7.10 15.17 -71.23
N ALA A 447 -6.62 16.24 -71.86
CA ALA A 447 -7.04 16.62 -73.20
C ALA A 447 -6.62 15.54 -74.18
N VAL A 448 -5.39 15.08 -74.02
CA VAL A 448 -4.79 14.04 -74.85
C VAL A 448 -5.62 12.78 -74.71
N GLN A 449 -5.79 12.35 -73.46
CA GLN A 449 -6.61 11.20 -73.13
C GLN A 449 -7.97 11.28 -73.78
N ASP A 450 -8.68 12.38 -73.56
CA ASP A 450 -9.99 12.59 -74.19
C ASP A 450 -9.94 12.50 -75.71
N ALA A 451 -8.98 13.19 -76.33
CA ALA A 451 -8.92 13.22 -77.80
C ALA A 451 -8.82 11.82 -78.38
N ILE A 452 -7.92 11.02 -77.81
CA ILE A 452 -7.78 9.64 -78.22
C ILE A 452 -9.11 8.85 -78.07
N ALA A 453 -9.67 8.85 -76.86
CA ALA A 453 -10.94 8.19 -76.59
C ALA A 453 -12.00 8.62 -77.60
N VAL A 454 -12.06 9.92 -77.88
CA VAL A 454 -13.05 10.44 -78.82
C VAL A 454 -12.82 9.91 -80.25
N ARG A 455 -11.55 9.86 -80.68
CA ARG A 455 -11.20 9.26 -81.97
C ARG A 455 -11.67 7.83 -82.09
N LEU A 456 -11.47 7.07 -81.01
CA LEU A 456 -11.81 5.67 -81.01
C LEU A 456 -13.30 5.45 -81.05
N ALA A 457 -14.08 6.40 -80.52
CA ALA A 457 -15.54 6.40 -80.64
C ALA A 457 -15.94 6.61 -82.09
N GLU A 458 -15.26 7.55 -82.76
CA GLU A 458 -15.52 7.87 -84.16
C GLU A 458 -15.17 6.72 -85.11
N TYR A 459 -14.00 6.12 -84.89
CA TYR A 459 -13.58 4.94 -85.64
C TYR A 459 -14.57 3.80 -85.38
N ALA A 460 -15.09 3.74 -84.16
CA ALA A 460 -16.12 2.75 -83.77
C ALA A 460 -17.45 3.01 -84.45
N GLY A 461 -17.63 4.26 -84.88
CA GLY A 461 -18.81 4.67 -85.63
C GLY A 461 -19.78 5.39 -84.71
N HIS A 462 -19.41 6.62 -84.34
CA HIS A 462 -20.21 7.44 -83.45
C HIS A 462 -20.07 8.90 -83.79
N GLN A 463 -21.04 9.70 -83.37
CA GLN A 463 -21.04 11.14 -83.57
C GLN A 463 -21.45 11.78 -82.25
N ALA A 464 -20.93 12.98 -82.00
CA ALA A 464 -21.31 13.81 -80.87
C ALA A 464 -22.82 14.10 -80.85
N PRO A 465 -23.50 13.81 -79.73
CA PRO A 465 -24.88 14.26 -79.59
C PRO A 465 -24.95 15.77 -79.68
N GLU A 466 -25.95 16.29 -80.40
CA GLU A 466 -26.26 17.72 -80.40
C GLU A 466 -27.66 17.91 -79.82
N ARG B 1 1.48 -16.50 21.78
CA ARG B 1 1.82 -16.05 20.39
C ARG B 1 0.86 -16.62 19.33
N LEU B 2 0.57 -15.80 18.32
CA LEU B 2 -0.10 -16.24 17.11
C LEU B 2 0.75 -17.33 16.47
N THR B 3 1.98 -16.96 16.09
CA THR B 3 2.93 -17.79 15.34
C THR B 3 3.25 -19.18 15.90
N GLU B 4 2.82 -19.48 17.12
CA GLU B 4 2.88 -20.84 17.63
C GLU B 4 1.90 -21.73 16.84
N LEU B 5 0.81 -21.12 16.34
CA LEU B 5 -0.17 -21.78 15.46
C LEU B 5 0.37 -21.95 14.05
N ARG B 6 0.99 -20.89 13.53
CA ARG B 6 1.58 -20.93 12.19
C ARG B 6 2.52 -22.12 12.05
N GLU B 7 3.37 -22.35 13.04
CA GLU B 7 4.34 -23.43 12.96
C GLU B 7 3.69 -24.81 13.17
N ASP B 8 2.54 -24.81 13.84
CA ASP B 8 1.75 -26.03 14.07
C ASP B 8 1.14 -26.57 12.78
N ILE B 9 0.53 -25.67 12.02
CA ILE B 9 -0.04 -26.00 10.72
C ILE B 9 1.10 -26.43 9.78
N ASP B 10 2.07 -25.54 9.54
CA ASP B 10 3.32 -25.90 8.85
C ASP B 10 3.73 -27.33 9.14
N ALA B 11 3.84 -27.66 10.43
CA ALA B 11 4.25 -28.98 10.90
C ALA B 11 3.35 -30.10 10.41
N ILE B 12 2.05 -29.89 10.53
CA ILE B 12 1.05 -30.82 10.02
C ILE B 12 1.25 -30.99 8.53
N LEU B 13 1.33 -29.87 7.80
CA LEU B 13 1.54 -29.89 6.35
C LEU B 13 2.72 -30.76 5.89
N GLU B 14 3.61 -31.12 6.81
CA GLU B 14 4.75 -31.99 6.48
C GLU B 14 4.43 -33.48 6.67
N ASP B 15 3.14 -33.83 6.68
CA ASP B 15 2.66 -35.24 6.69
C ASP B 15 3.13 -36.01 5.44
N PRO B 16 3.39 -37.32 5.55
CA PRO B 16 3.75 -38.16 4.38
C PRO B 16 2.70 -38.29 3.28
N ALA B 17 1.43 -38.12 3.61
CA ALA B 17 0.37 -38.20 2.60
C ALA B 17 0.49 -37.04 1.62
N LEU B 18 1.05 -35.93 2.10
CA LEU B 18 1.14 -34.72 1.30
C LEU B 18 2.44 -34.63 0.53
N GLU B 19 3.21 -35.70 0.48
CA GLU B 19 4.55 -35.58 -0.07
C GLU B 19 4.55 -35.44 -1.56
N GLY B 20 5.11 -34.31 -1.98
CA GLY B 20 5.09 -33.90 -3.38
C GLY B 20 3.85 -33.12 -3.84
N ALA B 21 2.88 -32.90 -2.96
CA ALA B 21 1.65 -32.24 -3.39
C ALA B 21 1.73 -30.73 -3.22
N VAL B 22 0.82 -30.00 -3.88
CA VAL B 22 0.66 -28.57 -3.67
C VAL B 22 -0.61 -28.39 -2.88
N SER B 23 -0.48 -27.75 -1.72
CA SER B 23 -1.56 -27.56 -0.79
C SER B 23 -1.76 -26.07 -0.51
N GLY B 24 -2.89 -25.52 -0.93
CA GLY B 24 -3.20 -24.11 -0.65
C GLY B 24 -4.06 -23.99 0.59
N VAL B 25 -3.54 -23.33 1.63
CA VAL B 25 -4.19 -23.30 2.93
C VAL B 25 -4.32 -21.87 3.43
N VAL B 26 -5.54 -21.42 3.68
CA VAL B 26 -5.75 -20.05 4.18
C VAL B 26 -6.72 -20.00 5.35
N VAL B 27 -6.28 -19.37 6.45
CA VAL B 27 -7.12 -19.17 7.63
C VAL B 27 -7.37 -17.68 7.90
N VAL B 28 -8.62 -17.33 8.19
CA VAL B 28 -8.99 -15.95 8.39
C VAL B 28 -9.92 -15.83 9.59
N ASP B 29 -9.54 -14.94 10.51
CA ASP B 29 -10.32 -14.56 11.67
C ASP B 29 -11.42 -13.67 11.14
N THR B 30 -12.63 -14.21 11.02
CA THR B 30 -13.73 -13.54 10.29
C THR B 30 -14.11 -12.22 10.91
N ALA B 31 -14.04 -12.17 12.25
CA ALA B 31 -14.32 -10.98 13.03
C ALA B 31 -13.24 -9.92 12.75
N THR B 32 -12.06 -10.03 13.37
CA THR B 32 -10.99 -9.04 13.20
C THR B 32 -10.67 -8.75 11.71
N GLY B 33 -10.91 -9.74 10.85
CA GLY B 33 -10.60 -9.63 9.42
C GLY B 33 -9.16 -10.07 9.13
N GLU B 34 -8.42 -10.42 10.18
CA GLU B 34 -6.99 -10.78 10.08
C GLU B 34 -6.73 -12.16 9.47
N GLU B 35 -5.54 -12.27 8.86
CA GLU B 35 -5.09 -13.49 8.27
C GLU B 35 -4.32 -14.30 9.30
N LEU B 36 -4.86 -15.46 9.67
CA LEU B 36 -4.22 -16.24 10.71
C LEU B 36 -3.13 -17.12 10.12
N TYR B 37 -3.41 -17.78 9.00
CA TYR B 37 -2.40 -18.59 8.29
C TYR B 37 -2.61 -18.46 6.79
N SER B 38 -1.53 -18.44 6.02
CA SER B 38 -1.61 -18.46 4.54
C SER B 38 -0.43 -19.13 3.83
N ARG B 39 -0.69 -20.22 3.12
CA ARG B 39 0.30 -20.78 2.20
C ARG B 39 -0.28 -21.12 0.82
N ASP B 40 0.40 -20.66 -0.24
CA ASP B 40 0.01 -20.92 -1.61
C ASP B 40 -1.45 -20.56 -1.85
N GLY B 41 -1.93 -19.52 -1.18
CA GLY B 41 -3.36 -19.22 -1.13
C GLY B 41 -3.86 -18.56 -2.39
N GLY B 42 -2.91 -18.08 -3.18
CA GLY B 42 -3.18 -17.53 -4.49
C GLY B 42 -3.01 -18.53 -5.64
N GLU B 43 -2.80 -19.80 -5.30
CA GLU B 43 -2.52 -20.86 -6.28
C GLU B 43 -3.80 -21.48 -6.86
N GLN B 44 -3.91 -21.53 -8.20
CA GLN B 44 -5.06 -22.18 -8.85
C GLN B 44 -5.03 -23.71 -8.77
N LEU B 45 -6.12 -24.30 -8.28
CA LEU B 45 -6.15 -25.70 -7.86
C LEU B 45 -7.54 -26.27 -8.06
N LEU B 46 -7.61 -27.55 -8.44
CA LEU B 46 -8.92 -28.22 -8.61
C LEU B 46 -9.68 -28.29 -7.28
N PRO B 47 -10.95 -27.84 -7.27
CA PRO B 47 -11.66 -27.82 -6.01
C PRO B 47 -12.30 -29.13 -5.58
N ALA B 48 -12.53 -30.04 -6.54
CA ALA B 48 -13.48 -31.13 -6.37
C ALA B 48 -14.78 -30.53 -5.84
N SER B 49 -15.44 -31.28 -4.96
CA SER B 49 -16.80 -30.96 -4.51
C SER B 49 -16.94 -29.58 -3.84
N ASN B 50 -15.82 -28.94 -3.48
CA ASN B 50 -15.87 -27.59 -2.93
C ASN B 50 -16.40 -26.56 -3.90
N MET B 51 -16.49 -26.90 -5.19
CA MET B 51 -17.05 -25.98 -6.14
C MET B 51 -18.48 -25.69 -5.74
N LYS B 52 -19.12 -26.70 -5.13
CA LYS B 52 -20.52 -26.58 -4.66
C LYS B 52 -20.77 -25.36 -3.78
N LEU B 53 -19.74 -24.86 -3.09
CA LEU B 53 -19.93 -23.67 -2.23
C LEU B 53 -20.28 -22.44 -3.05
N PHE B 54 -19.52 -22.23 -4.13
CA PHE B 54 -19.82 -21.16 -5.05
C PHE B 54 -21.20 -21.33 -5.64
N THR B 55 -21.53 -22.53 -6.09
CA THR B 55 -22.85 -22.79 -6.65
C THR B 55 -23.96 -22.35 -5.69
N ALA B 56 -23.88 -22.79 -4.43
CA ALA B 56 -24.94 -22.48 -3.46
C ALA B 56 -25.02 -21.01 -3.21
N ALA B 57 -23.87 -20.36 -3.04
CA ALA B 57 -23.83 -18.89 -2.96
C ALA B 57 -24.60 -18.25 -4.12
N ALA B 58 -24.09 -18.43 -5.34
CA ALA B 58 -24.79 -17.90 -6.50
C ALA B 58 -26.26 -18.33 -6.53
N ALA B 59 -26.59 -19.53 -6.07
CA ALA B 59 -28.00 -19.94 -6.13
C ALA B 59 -28.83 -19.12 -5.13
N LEU B 60 -28.37 -19.01 -3.89
CA LEU B 60 -29.02 -18.15 -2.93
C LEU B 60 -29.17 -16.72 -3.49
N GLU B 61 -28.05 -16.14 -3.93
CA GLU B 61 -28.03 -14.81 -4.53
C GLU B 61 -29.06 -14.64 -5.65
N VAL B 62 -28.94 -15.46 -6.68
CA VAL B 62 -29.79 -15.36 -7.88
C VAL B 62 -31.22 -15.87 -7.73
N LEU B 63 -31.42 -16.90 -6.91
CA LEU B 63 -32.73 -17.53 -6.83
C LEU B 63 -33.48 -17.13 -5.60
N GLY B 64 -32.74 -16.92 -4.50
CA GLY B 64 -33.35 -16.53 -3.26
C GLY B 64 -33.66 -17.76 -2.48
N ALA B 65 -33.46 -17.69 -1.17
CA ALA B 65 -33.69 -18.81 -0.27
C ALA B 65 -35.15 -19.18 -0.19
N ASP B 66 -36.03 -18.26 -0.58
CA ASP B 66 -37.45 -18.53 -0.54
C ASP B 66 -37.96 -19.19 -1.83
N HIS B 67 -37.04 -19.41 -2.79
CA HIS B 67 -37.36 -20.00 -4.10
C HIS B 67 -37.87 -21.45 -4.08
N SER B 68 -38.90 -21.75 -4.85
CA SER B 68 -39.39 -23.13 -4.94
C SER B 68 -39.40 -23.64 -6.39
N PHE B 69 -39.58 -24.95 -6.58
CA PHE B 69 -39.57 -25.52 -7.95
C PHE B 69 -40.86 -26.22 -8.42
N GLY B 70 -41.38 -25.72 -9.53
CA GLY B 70 -42.66 -26.15 -10.05
C GLY B 70 -42.58 -27.33 -11.00
N THR B 71 -43.53 -28.26 -10.83
CA THR B 71 -43.76 -29.36 -11.77
C THR B 71 -45.24 -29.35 -12.10
N GLU B 72 -45.59 -29.56 -13.36
CA GLU B 72 -47.01 -29.54 -13.71
C GLU B 72 -47.39 -30.48 -14.84
N VAL B 73 -48.69 -30.73 -14.96
CA VAL B 73 -49.22 -31.65 -15.98
C VAL B 73 -50.20 -30.91 -16.89
N ALA B 74 -50.00 -30.99 -18.21
CA ALA B 74 -50.75 -30.13 -19.14
C ALA B 74 -51.44 -30.88 -20.29
N ALA B 75 -52.61 -30.39 -20.68
CA ALA B 75 -53.32 -30.80 -21.90
C ALA B 75 -53.74 -29.54 -22.66
N GLU B 76 -54.01 -29.69 -23.95
CA GLU B 76 -54.42 -28.54 -24.77
C GLU B 76 -55.70 -27.88 -24.25
N SER B 77 -56.63 -28.72 -23.76
CA SER B 77 -57.96 -28.29 -23.33
C SER B 77 -58.39 -29.12 -22.13
N ALA B 78 -59.34 -28.57 -21.36
CA ALA B 78 -60.10 -29.33 -20.36
C ALA B 78 -60.46 -30.72 -20.92
N PRO B 79 -60.54 -31.74 -20.04
CA PRO B 79 -61.03 -33.03 -20.54
C PRO B 79 -62.43 -32.88 -21.15
N GLY B 80 -62.72 -33.65 -22.20
CA GLY B 80 -64.01 -33.58 -22.90
C GLY B 80 -65.09 -34.50 -22.36
N ARG B 81 -66.18 -34.63 -23.10
CA ARG B 81 -67.39 -35.35 -22.63
C ARG B 81 -67.16 -36.74 -22.05
N ARG B 82 -66.12 -37.42 -22.54
CA ARG B 82 -65.83 -38.81 -22.19
C ARG B 82 -64.69 -38.90 -21.18
N GLY B 83 -64.22 -37.74 -20.72
CA GLY B 83 -63.04 -37.67 -19.86
C GLY B 83 -61.80 -38.02 -20.67
N GLU B 84 -61.85 -37.74 -21.96
CA GLU B 84 -60.71 -37.96 -22.83
C GLU B 84 -59.92 -36.66 -23.02
N VAL B 85 -58.61 -36.79 -23.13
CA VAL B 85 -57.79 -35.72 -23.66
C VAL B 85 -56.91 -36.43 -24.66
N GLN B 86 -56.29 -35.67 -25.54
CA GLN B 86 -55.54 -36.24 -26.65
C GLN B 86 -54.10 -36.59 -26.21
N ASP B 87 -53.20 -35.60 -26.21
CA ASP B 87 -51.86 -35.81 -25.68
C ASP B 87 -51.74 -35.16 -24.30
N LEU B 88 -50.76 -35.58 -23.50
CA LEU B 88 -50.62 -35.08 -22.15
C LEU B 88 -49.14 -34.90 -21.88
N TYR B 89 -48.79 -33.74 -21.30
CA TYR B 89 -47.39 -33.37 -21.09
C TYR B 89 -47.07 -33.27 -19.63
N LEU B 90 -46.07 -34.02 -19.20
CA LEU B 90 -45.53 -33.90 -17.87
C LEU B 90 -44.32 -32.96 -17.98
N VAL B 91 -44.41 -31.82 -17.29
CA VAL B 91 -43.54 -30.68 -17.54
C VAL B 91 -42.72 -30.38 -16.29
N GLY B 92 -41.45 -30.78 -16.30
CA GLY B 92 -40.54 -30.42 -15.22
C GLY B 92 -39.90 -29.08 -15.50
N ARG B 93 -39.70 -28.32 -14.44
CA ARG B 93 -39.00 -27.07 -14.58
C ARG B 93 -37.94 -26.92 -13.50
N GLY B 94 -37.16 -28.00 -13.29
CA GLY B 94 -35.94 -27.98 -12.48
C GLY B 94 -36.00 -28.40 -11.02
N ASP B 95 -37.11 -29.04 -10.63
CA ASP B 95 -37.26 -29.56 -9.27
C ASP B 95 -36.31 -30.71 -8.95
N PRO B 96 -35.30 -30.45 -8.11
CA PRO B 96 -34.31 -31.47 -7.74
C PRO B 96 -34.81 -32.43 -6.64
N THR B 97 -36.11 -32.40 -6.38
CA THR B 97 -36.64 -33.22 -5.32
C THR B 97 -37.95 -33.87 -5.70
N LEU B 98 -38.26 -33.96 -6.99
CA LEU B 98 -39.51 -34.59 -7.43
C LEU B 98 -39.41 -36.06 -7.10
N SER B 99 -40.45 -36.67 -6.56
CA SER B 99 -40.36 -38.07 -6.13
C SER B 99 -41.43 -38.88 -6.84
N ALA B 100 -41.33 -40.21 -6.76
CA ALA B 100 -42.34 -41.10 -7.34
C ALA B 100 -43.71 -40.90 -6.67
N GLU B 101 -43.68 -40.50 -5.41
CA GLU B 101 -44.88 -40.21 -4.65
C GLU B 101 -45.41 -38.87 -5.13
N ASP B 102 -44.53 -37.89 -5.26
CA ASP B 102 -44.97 -36.63 -5.84
C ASP B 102 -45.74 -36.89 -7.14
N LEU B 103 -45.21 -37.80 -7.97
CA LEU B 103 -45.82 -38.17 -9.25
C LEU B 103 -47.17 -38.83 -9.09
N ASP B 104 -47.34 -39.49 -7.94
CA ASP B 104 -48.57 -40.19 -7.70
C ASP B 104 -49.68 -39.22 -7.30
N ALA B 105 -49.32 -38.24 -6.47
CA ALA B 105 -50.23 -37.13 -6.11
C ALA B 105 -50.71 -36.38 -7.38
N MET B 106 -49.78 -36.08 -8.29
CA MET B 106 -50.12 -35.41 -9.54
C MET B 106 -50.89 -36.35 -10.46
N ALA B 107 -50.67 -37.65 -10.35
CA ALA B 107 -51.50 -38.59 -11.10
C ALA B 107 -52.92 -38.48 -10.54
N ALA B 108 -53.09 -38.76 -9.24
CA ALA B 108 -54.38 -38.60 -8.58
C ALA B 108 -55.12 -37.26 -8.84
N GLU B 109 -54.39 -36.21 -9.21
CA GLU B 109 -55.01 -34.93 -9.52
C GLU B 109 -55.64 -34.93 -10.91
N VAL B 110 -54.94 -35.55 -11.85
CA VAL B 110 -55.42 -35.66 -13.22
C VAL B 110 -56.78 -36.34 -13.23
N ALA B 111 -56.93 -37.38 -12.41
CA ALA B 111 -58.19 -38.13 -12.31
C ALA B 111 -59.27 -37.21 -11.76
N ALA B 112 -58.95 -36.61 -10.62
CA ALA B 112 -59.79 -35.59 -10.01
C ALA B 112 -60.20 -34.49 -10.97
N SER B 113 -59.29 -34.11 -11.87
CA SER B 113 -59.58 -33.08 -12.88
C SER B 113 -60.66 -33.49 -13.88
N GLY B 114 -61.01 -34.76 -13.90
CA GLY B 114 -62.01 -35.25 -14.82
C GLY B 114 -61.44 -36.07 -15.96
N VAL B 115 -60.19 -36.47 -15.83
CA VAL B 115 -59.57 -37.33 -16.84
C VAL B 115 -59.67 -38.81 -16.51
N ARG B 116 -59.90 -39.59 -17.56
CA ARG B 116 -60.12 -41.03 -17.49
C ARG B 116 -59.34 -41.73 -18.61
N THR B 117 -58.99 -40.98 -19.66
CA THR B 117 -58.36 -41.54 -20.86
C THR B 117 -57.41 -40.56 -21.56
N VAL B 118 -56.22 -41.04 -21.88
CA VAL B 118 -55.35 -40.32 -22.79
C VAL B 118 -55.44 -41.05 -24.15
N ARG B 119 -56.21 -40.49 -25.08
CA ARG B 119 -56.40 -41.09 -26.39
C ARG B 119 -55.08 -41.19 -27.17
N GLY B 120 -54.27 -40.12 -27.10
CA GLY B 120 -52.98 -40.01 -27.80
C GLY B 120 -51.77 -40.21 -26.90
N ASP B 121 -50.74 -39.39 -27.08
CA ASP B 121 -49.46 -39.63 -26.40
C ASP B 121 -49.18 -38.94 -25.01
N LEU B 122 -48.31 -39.58 -24.24
CA LEU B 122 -47.77 -39.01 -23.01
C LEU B 122 -46.31 -38.62 -23.23
N TYR B 123 -46.00 -37.35 -22.96
CA TYR B 123 -44.67 -36.77 -23.18
C TYR B 123 -44.03 -36.29 -21.92
N ALA B 124 -42.73 -36.50 -21.82
CA ALA B 124 -41.98 -35.88 -20.76
C ALA B 124 -41.32 -34.63 -21.35
N ASP B 125 -41.70 -33.48 -20.82
CA ASP B 125 -41.22 -32.21 -21.28
C ASP B 125 -40.19 -31.74 -20.29
N ASP B 126 -38.92 -31.85 -20.66
CA ASP B 126 -37.84 -31.29 -19.84
C ASP B 126 -37.14 -30.16 -20.61
N THR B 127 -37.90 -29.36 -21.34
CA THR B 127 -37.27 -28.44 -22.29
C THR B 127 -36.79 -27.19 -21.60
N TRP B 128 -37.19 -27.05 -20.33
CA TRP B 128 -36.87 -25.91 -19.50
C TRP B 128 -35.35 -25.77 -19.41
N PHE B 129 -34.67 -26.92 -19.41
CA PHE B 129 -33.24 -26.95 -19.66
C PHE B 129 -32.93 -27.53 -21.06
N ASP B 130 -31.72 -27.32 -21.53
CA ASP B 130 -31.29 -27.96 -22.77
C ASP B 130 -31.08 -29.44 -22.52
N SER B 131 -30.87 -30.16 -23.61
CA SER B 131 -30.81 -31.59 -23.56
C SER B 131 -29.35 -32.02 -23.58
N GLU B 132 -28.50 -31.17 -23.00
CA GLU B 132 -27.12 -31.56 -22.82
C GLU B 132 -27.02 -32.25 -21.47
N ARG B 133 -26.80 -33.57 -21.49
CA ARG B 133 -26.88 -34.37 -20.28
C ARG B 133 -25.64 -34.43 -19.42
N LEU B 134 -24.47 -34.19 -20.02
CA LEU B 134 -23.21 -34.33 -19.28
C LEU B 134 -22.23 -33.32 -19.73
N VAL B 135 -21.34 -32.88 -18.84
CA VAL B 135 -20.23 -32.02 -19.24
C VAL B 135 -19.22 -32.82 -20.08
N ASP B 136 -18.74 -32.17 -21.15
CA ASP B 136 -17.67 -32.70 -21.99
C ASP B 136 -16.57 -33.40 -21.25
N ASP B 137 -15.98 -32.74 -20.26
CA ASP B 137 -14.81 -33.34 -19.60
C ASP B 137 -15.11 -34.31 -18.46
N TRP B 138 -16.38 -34.65 -18.25
CA TRP B 138 -16.67 -35.77 -17.35
C TRP B 138 -16.18 -37.09 -17.96
N TRP B 139 -15.98 -38.12 -17.14
CA TRP B 139 -15.49 -39.37 -17.70
C TRP B 139 -16.69 -40.27 -17.94
N PRO B 140 -16.81 -40.78 -19.17
CA PRO B 140 -17.84 -41.77 -19.42
C PRO B 140 -17.79 -42.94 -18.38
N GLU B 141 -16.62 -43.23 -17.84
CA GLU B 141 -16.49 -44.32 -16.86
C GLU B 141 -17.35 -44.09 -15.62
N ASP B 142 -17.55 -42.82 -15.26
CA ASP B 142 -18.31 -42.49 -14.08
C ASP B 142 -19.80 -42.56 -14.33
N GLU B 143 -20.21 -42.75 -15.56
CA GLU B 143 -21.61 -42.49 -15.92
C GLU B 143 -22.65 -43.39 -15.24
N PRO B 144 -22.29 -44.65 -14.92
CA PRO B 144 -23.31 -45.50 -14.33
C PRO B 144 -23.61 -45.12 -12.89
N TYR B 145 -22.65 -44.47 -12.20
CA TYR B 145 -22.81 -44.13 -10.77
C TYR B 145 -23.64 -42.88 -10.54
N ALA B 146 -24.33 -42.86 -9.42
CA ALA B 146 -25.28 -41.78 -9.09
C ALA B 146 -24.69 -40.37 -9.18
N TYR B 147 -23.46 -40.22 -8.72
CA TYR B 147 -22.87 -38.88 -8.64
C TYR B 147 -22.66 -38.31 -10.03
N SER B 148 -23.01 -39.09 -11.05
CA SER B 148 -22.93 -38.65 -12.43
C SER B 148 -24.24 -38.87 -13.23
N ALA B 149 -25.36 -38.83 -12.52
CA ALA B 149 -26.67 -38.94 -13.16
C ALA B 149 -26.74 -37.87 -14.22
N GLN B 150 -27.34 -38.21 -15.36
CA GLN B 150 -27.60 -37.23 -16.43
C GLN B 150 -28.42 -36.09 -15.84
N ILE B 151 -28.28 -34.91 -16.45
CA ILE B 151 -28.92 -33.68 -15.95
C ILE B 151 -30.13 -33.38 -16.84
N SER B 152 -31.28 -33.17 -16.18
CA SER B 152 -32.55 -32.90 -16.86
C SER B 152 -33.44 -31.97 -16.05
N ALA B 153 -34.17 -31.09 -16.74
CA ALA B 153 -35.13 -30.25 -16.06
C ALA B 153 -36.26 -31.11 -15.44
N LEU B 154 -36.40 -32.36 -15.91
CA LEU B 154 -37.41 -33.28 -15.36
C LEU B 154 -36.78 -34.63 -14.96
N THR B 155 -36.68 -34.87 -13.66
CA THR B 155 -35.92 -36.00 -13.17
C THR B 155 -36.54 -36.54 -11.86
N VAL B 156 -36.65 -37.86 -11.74
CA VAL B 156 -37.11 -38.45 -10.49
C VAL B 156 -35.95 -38.52 -9.48
N ALA B 157 -36.27 -38.18 -8.24
CA ALA B 157 -35.30 -38.16 -7.15
C ALA B 157 -35.65 -39.27 -6.19
N HIS B 158 -34.65 -40.07 -5.86
CA HIS B 158 -34.81 -41.25 -5.04
C HIS B 158 -34.42 -40.96 -3.63
N GLY B 159 -35.31 -41.38 -2.72
CA GLY B 159 -35.06 -41.39 -1.27
C GLY B 159 -35.10 -40.02 -0.64
N GLU B 160 -34.85 -39.98 0.67
CA GLU B 160 -34.77 -38.71 1.41
C GLU B 160 -33.50 -37.88 1.15
N ARG B 161 -32.53 -38.43 0.45
CA ARG B 161 -31.35 -37.65 0.07
C ARG B 161 -31.53 -37.02 -1.30
N PHE B 162 -32.63 -37.40 -1.94
CA PHE B 162 -33.05 -36.95 -3.26
C PHE B 162 -31.95 -37.08 -4.33
N ASP B 163 -31.39 -38.29 -4.43
CA ASP B 163 -30.53 -38.68 -5.54
C ASP B 163 -31.38 -38.81 -6.80
N THR B 164 -30.99 -38.08 -7.85
CA THR B 164 -31.79 -37.93 -9.08
C THR B 164 -31.29 -38.76 -10.27
N GLY B 165 -32.21 -39.05 -11.21
CA GLY B 165 -31.84 -39.68 -12.47
C GLY B 165 -31.22 -41.04 -12.23
N VAL B 166 -31.71 -41.71 -11.18
CA VAL B 166 -31.21 -43.02 -10.79
C VAL B 166 -32.38 -43.95 -10.49
N THR B 167 -32.05 -45.24 -10.43
CA THR B 167 -32.95 -46.29 -10.07
C THR B 167 -32.22 -47.17 -9.06
N GLU B 168 -32.95 -47.78 -8.15
CA GLU B 168 -32.37 -48.73 -7.22
C GLU B 168 -32.34 -50.18 -7.78
N VAL B 169 -31.13 -50.69 -8.06
CA VAL B 169 -30.96 -52.07 -8.45
C VAL B 169 -30.65 -52.96 -7.23
N SER B 170 -31.47 -53.99 -7.02
CA SER B 170 -31.14 -54.99 -6.01
C SER B 170 -31.04 -56.37 -6.61
N VAL B 171 -30.06 -57.11 -6.12
CA VAL B 171 -29.65 -58.42 -6.64
C VAL B 171 -29.61 -59.38 -5.47
N THR B 172 -30.19 -60.56 -5.65
CA THR B 172 -30.34 -61.55 -4.59
C THR B 172 -29.90 -62.91 -5.15
N PRO B 173 -29.29 -63.74 -4.29
CA PRO B 173 -28.83 -65.05 -4.75
C PRO B 173 -29.99 -66.03 -4.92
N ALA B 174 -29.81 -67.02 -5.78
CA ALA B 174 -30.77 -68.10 -5.91
C ALA B 174 -30.08 -69.32 -5.29
N ALA B 175 -30.26 -70.51 -5.88
CA ALA B 175 -29.42 -71.67 -5.54
C ALA B 175 -27.99 -71.46 -6.00
N GLU B 176 -27.04 -72.19 -5.43
CA GLU B 176 -25.67 -72.12 -5.93
C GLU B 176 -25.66 -72.62 -7.37
N GLY B 177 -25.03 -71.84 -8.26
CA GLY B 177 -24.90 -72.23 -9.66
C GLY B 177 -25.87 -71.54 -10.58
N GLU B 178 -27.08 -71.30 -10.08
CA GLU B 178 -28.12 -70.62 -10.83
C GLU B 178 -27.89 -69.13 -10.88
N PRO B 179 -28.45 -68.45 -11.92
CA PRO B 179 -28.32 -67.00 -12.06
C PRO B 179 -28.79 -66.25 -10.85
N ALA B 180 -28.24 -65.06 -10.61
CA ALA B 180 -28.72 -64.20 -9.56
C ALA B 180 -30.04 -63.64 -10.05
N ASP B 181 -30.88 -63.21 -9.11
CA ASP B 181 -32.15 -62.60 -9.46
C ASP B 181 -32.04 -61.11 -9.37
N VAL B 182 -32.54 -60.41 -10.38
CA VAL B 182 -32.30 -58.97 -10.47
C VAL B 182 -33.59 -58.16 -10.62
N ASP B 183 -33.85 -57.29 -9.66
CA ASP B 183 -34.92 -56.33 -9.80
C ASP B 183 -34.33 -54.95 -10.10
N LEU B 184 -34.88 -54.27 -11.12
CA LEU B 184 -34.32 -52.97 -11.53
C LEU B 184 -34.81 -51.73 -10.77
N GLY B 185 -35.84 -51.92 -9.93
CA GLY B 185 -36.42 -50.84 -9.14
C GLY B 185 -37.37 -50.08 -10.04
N ALA B 186 -37.39 -48.74 -9.91
CA ALA B 186 -38.25 -47.90 -10.72
C ALA B 186 -38.07 -48.14 -12.22
N ALA B 187 -36.83 -48.41 -12.63
CA ALA B 187 -36.53 -48.62 -14.03
C ALA B 187 -36.98 -49.99 -14.58
N GLU B 188 -37.69 -50.76 -13.78
CA GLU B 188 -38.24 -52.03 -14.25
C GLU B 188 -39.10 -51.76 -15.47
N GLY B 189 -38.82 -52.42 -16.58
CA GLY B 189 -39.60 -52.19 -17.79
C GLY B 189 -39.33 -50.85 -18.46
N TYR B 190 -38.24 -50.20 -18.07
CA TYR B 190 -37.80 -49.02 -18.80
C TYR B 190 -36.43 -49.23 -19.39
N ALA B 191 -35.46 -49.57 -18.53
CA ALA B 191 -34.13 -49.99 -18.98
C ALA B 191 -34.11 -51.50 -19.29
N GLU B 192 -33.03 -51.97 -19.91
CA GLU B 192 -32.89 -53.40 -20.19
C GLU B 192 -31.99 -54.09 -19.21
N LEU B 193 -32.39 -55.30 -18.82
CA LEU B 193 -31.57 -56.16 -18.00
C LEU B 193 -30.65 -56.91 -18.92
N ASP B 194 -29.45 -57.21 -18.46
CA ASP B 194 -28.52 -58.10 -19.16
C ASP B 194 -27.81 -58.86 -18.07
N ASN B 195 -28.47 -59.90 -17.59
CA ASN B 195 -28.04 -60.58 -16.39
C ASN B 195 -27.16 -61.78 -16.71
N ARG B 196 -25.84 -61.58 -16.61
CA ARG B 196 -24.88 -62.64 -16.81
C ARG B 196 -24.14 -63.01 -15.51
N ALA B 197 -24.81 -62.89 -14.36
CA ALA B 197 -24.19 -63.13 -13.06
C ALA B 197 -24.71 -64.44 -12.46
N VAL B 198 -23.92 -65.06 -11.59
CA VAL B 198 -24.25 -66.35 -10.97
C VAL B 198 -24.39 -66.21 -9.48
N THR B 199 -25.18 -67.08 -8.87
CA THR B 199 -25.05 -67.35 -7.44
C THR B 199 -23.83 -68.23 -7.25
N GLY B 200 -22.86 -67.76 -6.46
CA GLY B 200 -21.69 -68.55 -6.08
C GLY B 200 -21.93 -69.32 -4.79
N ALA B 201 -20.99 -70.19 -4.41
CA ALA B 201 -21.20 -71.09 -3.27
C ALA B 201 -21.29 -70.32 -1.97
N ALA B 202 -22.09 -70.80 -1.05
CA ALA B 202 -22.19 -70.15 0.25
C ALA B 202 -20.80 -69.97 0.83
N GLY B 203 -20.57 -68.80 1.42
CA GLY B 203 -19.31 -68.53 2.11
C GLY B 203 -18.19 -68.01 1.23
N SER B 204 -18.45 -67.96 -0.10
CA SER B 204 -17.49 -67.54 -1.13
C SER B 204 -17.35 -66.01 -1.30
N ALA B 205 -16.44 -65.60 -2.18
CA ALA B 205 -16.15 -64.19 -2.41
C ALA B 205 -17.25 -63.48 -3.21
N ASN B 206 -17.66 -62.29 -2.78
CA ASN B 206 -18.69 -61.56 -3.51
C ASN B 206 -18.02 -60.76 -4.60
N THR B 207 -18.24 -61.13 -5.87
CA THR B 207 -17.58 -60.43 -6.97
C THR B 207 -18.56 -59.74 -7.87
N LEU B 208 -19.80 -59.60 -7.42
CA LEU B 208 -20.85 -58.99 -8.24
C LEU B 208 -20.46 -57.62 -8.78
N VAL B 209 -20.81 -57.33 -10.02
CA VAL B 209 -20.54 -56.02 -10.57
C VAL B 209 -21.83 -55.58 -11.22
N ILE B 210 -22.28 -54.36 -10.91
CA ILE B 210 -23.49 -53.80 -11.52
C ILE B 210 -23.06 -52.53 -12.29
N ASP B 211 -23.16 -52.59 -13.61
CA ASP B 211 -22.61 -51.58 -14.51
C ASP B 211 -23.72 -51.12 -15.43
N ARG B 212 -23.49 -49.99 -16.09
CA ARG B 212 -24.31 -49.62 -17.26
C ARG B 212 -23.41 -49.33 -18.45
N PRO B 213 -23.26 -50.30 -19.38
CA PRO B 213 -22.31 -50.05 -20.48
C PRO B 213 -22.55 -48.68 -21.08
N VAL B 214 -21.48 -47.98 -21.43
CA VAL B 214 -21.56 -46.62 -21.94
C VAL B 214 -22.50 -46.49 -23.15
N GLY B 215 -23.25 -45.39 -23.19
CA GLY B 215 -24.18 -45.14 -24.28
C GLY B 215 -25.38 -46.09 -24.39
N THR B 216 -25.62 -46.92 -23.39
CA THR B 216 -26.74 -47.84 -23.46
C THR B 216 -27.71 -47.48 -22.37
N ASN B 217 -28.94 -47.96 -22.47
CA ASN B 217 -29.84 -47.90 -21.33
C ASN B 217 -30.00 -49.31 -20.74
N THR B 218 -28.87 -50.03 -20.67
CA THR B 218 -28.84 -51.40 -20.12
C THR B 218 -28.09 -51.52 -18.79
N ILE B 219 -28.76 -52.01 -17.77
CA ILE B 219 -28.05 -52.52 -16.61
C ILE B 219 -27.46 -53.88 -16.98
N ALA B 220 -26.15 -53.99 -16.83
CA ALA B 220 -25.45 -55.23 -17.09
C ALA B 220 -24.96 -55.74 -15.73
N VAL B 221 -25.24 -56.99 -15.42
CA VAL B 221 -24.85 -57.54 -14.13
C VAL B 221 -23.96 -58.73 -14.37
N THR B 222 -22.76 -58.70 -13.81
CA THR B 222 -21.79 -59.78 -13.97
C THR B 222 -21.22 -60.21 -12.60
N GLY B 223 -20.42 -61.28 -12.61
CA GLY B 223 -19.74 -61.67 -11.38
C GLY B 223 -20.51 -62.65 -10.54
N SER B 224 -20.09 -62.79 -9.26
CA SER B 224 -20.63 -63.86 -8.41
C SER B 224 -21.19 -63.38 -7.11
N LEU B 225 -22.46 -63.71 -6.87
CA LEU B 225 -23.12 -63.43 -5.59
C LEU B 225 -23.23 -64.69 -4.72
N PRO B 226 -22.56 -64.71 -3.56
CA PRO B 226 -22.62 -65.79 -2.59
C PRO B 226 -24.06 -66.15 -2.21
N ALA B 227 -24.35 -67.44 -2.12
CA ALA B 227 -25.70 -67.93 -1.85
C ALA B 227 -26.25 -67.44 -0.51
N ASP B 228 -25.37 -67.25 0.46
CA ASP B 228 -25.76 -66.88 1.81
C ASP B 228 -25.57 -65.38 2.08
N ALA B 229 -25.24 -64.65 1.00
CA ALA B 229 -25.07 -63.21 1.08
C ALA B 229 -26.42 -62.49 1.22
N ALA B 230 -26.37 -61.26 1.74
CA ALA B 230 -27.56 -60.45 1.85
C ALA B 230 -27.78 -59.70 0.52
N PRO B 231 -29.02 -59.31 0.22
CA PRO B 231 -29.28 -58.67 -1.05
C PRO B 231 -28.33 -57.52 -1.33
N VAL B 232 -27.77 -57.46 -2.54
CA VAL B 232 -27.02 -56.28 -2.93
C VAL B 232 -27.95 -55.18 -3.45
N THR B 233 -27.80 -53.98 -2.90
CA THR B 233 -28.67 -52.85 -3.28
C THR B 233 -27.82 -51.67 -3.66
N ALA B 234 -27.79 -51.36 -4.95
CA ALA B 234 -27.01 -50.24 -5.45
C ALA B 234 -27.83 -49.31 -6.35
N LEU B 235 -27.50 -48.03 -6.27
CA LEU B 235 -28.13 -46.98 -7.05
C LEU B 235 -27.36 -46.84 -8.32
N ARG B 236 -28.04 -46.95 -9.47
CA ARG B 236 -27.40 -46.75 -10.78
C ARG B 236 -28.18 -45.79 -11.69
N THR B 237 -27.51 -45.20 -12.65
CA THR B 237 -28.15 -44.21 -13.49
C THR B 237 -28.87 -44.78 -14.71
N VAL B 238 -29.80 -44.01 -15.27
CA VAL B 238 -30.46 -44.42 -16.51
C VAL B 238 -30.25 -43.37 -17.58
N ASP B 239 -30.48 -43.76 -18.82
CA ASP B 239 -30.41 -42.86 -19.95
C ASP B 239 -31.70 -42.08 -19.92
N GLU B 240 -31.62 -40.77 -20.14
CA GLU B 240 -32.82 -39.93 -20.21
C GLU B 240 -33.74 -40.00 -18.98
N PRO B 241 -33.35 -39.29 -17.91
CA PRO B 241 -34.17 -39.22 -16.69
C PRO B 241 -35.60 -38.80 -16.97
N ALA B 242 -35.83 -37.73 -17.74
CA ALA B 242 -37.21 -37.33 -18.01
C ALA B 242 -38.04 -38.48 -18.55
N ALA B 243 -37.46 -39.31 -19.40
CA ALA B 243 -38.19 -40.49 -19.91
C ALA B 243 -38.50 -41.51 -18.81
N LEU B 244 -37.59 -41.69 -17.86
CA LEU B 244 -37.89 -42.57 -16.74
C LEU B 244 -39.09 -42.01 -15.96
N ALA B 245 -39.03 -40.72 -15.67
CA ALA B 245 -40.14 -39.98 -15.08
C ALA B 245 -41.41 -40.21 -15.90
N GLY B 246 -41.27 -40.32 -17.23
CA GLY B 246 -42.43 -40.45 -18.10
C GLY B 246 -43.05 -41.80 -17.84
N HIS B 247 -42.22 -42.83 -18.06
CA HIS B 247 -42.50 -44.20 -17.68
C HIS B 247 -43.14 -44.27 -16.30
N LEU B 248 -42.52 -43.65 -15.29
CA LEU B 248 -43.09 -43.68 -13.95
C LEU B 248 -44.43 -42.99 -13.91
N PHE B 249 -44.56 -41.88 -14.63
CA PHE B 249 -45.81 -41.15 -14.56
C PHE B 249 -46.93 -41.99 -15.11
N GLU B 250 -46.61 -42.72 -16.17
CA GLU B 250 -47.62 -43.52 -16.81
C GLU B 250 -48.15 -44.52 -15.81
N GLU B 251 -47.28 -45.35 -15.25
CA GLU B 251 -47.71 -46.36 -14.26
C GLU B 251 -48.63 -45.68 -13.24
N ALA B 252 -48.24 -44.48 -12.81
CA ALA B 252 -48.98 -43.72 -11.80
C ALA B 252 -50.38 -43.31 -12.26
N LEU B 253 -50.48 -42.89 -13.52
CA LEU B 253 -51.80 -42.66 -14.10
C LEU B 253 -52.62 -43.95 -14.08
N GLU B 254 -52.07 -45.05 -14.57
CA GLU B 254 -52.78 -46.34 -14.49
C GLU B 254 -53.33 -46.69 -13.10
N SER B 255 -52.55 -46.46 -12.04
CA SER B 255 -53.02 -46.80 -10.67
C SER B 255 -54.17 -45.94 -10.20
N ASN B 256 -54.25 -44.73 -10.74
CA ASN B 256 -55.28 -43.78 -10.37
C ASN B 256 -56.42 -43.75 -11.40
N GLY B 257 -56.57 -44.83 -12.15
CA GLY B 257 -57.64 -45.00 -13.13
C GLY B 257 -57.59 -44.23 -14.44
N VAL B 258 -56.39 -43.93 -14.94
CA VAL B 258 -56.25 -43.13 -16.18
C VAL B 258 -55.55 -43.94 -17.26
N THR B 259 -56.28 -44.42 -18.26
CA THR B 259 -55.65 -45.23 -19.30
C THR B 259 -54.95 -44.40 -20.35
N VAL B 260 -53.76 -44.85 -20.74
CA VAL B 260 -52.94 -44.19 -21.74
C VAL B 260 -52.86 -45.08 -22.97
N LYS B 261 -53.50 -44.68 -24.06
CA LYS B 261 -53.52 -45.55 -25.23
C LYS B 261 -52.23 -45.47 -26.07
N GLY B 262 -51.70 -44.25 -26.22
CA GLY B 262 -50.51 -43.97 -27.01
C GLY B 262 -49.19 -44.28 -26.33
N ASP B 263 -48.15 -43.59 -26.76
CA ASP B 263 -46.80 -43.95 -26.38
C ASP B 263 -46.24 -42.97 -25.41
N VAL B 264 -45.10 -43.33 -24.83
CA VAL B 264 -44.45 -42.52 -23.82
C VAL B 264 -43.03 -42.22 -24.30
N GLY B 265 -42.68 -40.94 -24.33
CA GLY B 265 -41.36 -40.51 -24.75
C GLY B 265 -41.22 -39.03 -24.47
N LEU B 266 -40.07 -38.46 -24.84
CA LEU B 266 -39.79 -37.04 -24.65
C LEU B 266 -40.44 -36.14 -25.72
N GLY B 267 -40.79 -34.91 -25.34
CA GLY B 267 -41.40 -33.92 -26.25
C GLY B 267 -41.85 -32.65 -25.53
N GLY B 268 -41.80 -31.51 -26.23
CA GLY B 268 -42.18 -30.25 -25.61
C GLY B 268 -43.66 -29.93 -25.77
N VAL B 269 -44.23 -29.20 -24.81
CA VAL B 269 -45.57 -28.65 -24.98
C VAL B 269 -45.52 -27.88 -26.30
N PRO B 270 -46.46 -28.16 -27.22
CA PRO B 270 -46.46 -27.45 -28.50
C PRO B 270 -46.46 -25.92 -28.36
N ALA B 271 -45.64 -25.27 -29.17
CA ALA B 271 -45.55 -23.80 -29.15
C ALA B 271 -46.87 -23.08 -29.57
N ASP B 272 -47.68 -23.72 -30.41
CA ASP B 272 -49.00 -23.20 -30.78
C ASP B 272 -50.12 -23.38 -29.73
N TRP B 273 -49.86 -24.05 -28.60
CA TRP B 273 -50.90 -24.20 -27.55
C TRP B 273 -51.22 -22.88 -26.84
N GLN B 274 -52.33 -22.27 -27.25
CA GLN B 274 -52.67 -20.90 -26.85
C GLN B 274 -52.93 -20.74 -25.33
N ASP B 275 -54.07 -21.25 -24.85
CA ASP B 275 -54.25 -21.44 -23.41
C ASP B 275 -54.39 -22.93 -23.12
N ALA B 276 -53.31 -23.53 -22.63
CA ALA B 276 -53.30 -24.95 -22.31
C ALA B 276 -53.94 -25.14 -20.96
N GLU B 277 -54.50 -26.32 -20.73
CA GLU B 277 -55.19 -26.57 -19.48
C GLU B 277 -54.21 -27.21 -18.52
N VAL B 278 -53.96 -26.57 -17.37
CA VAL B 278 -53.08 -27.19 -16.37
C VAL B 278 -53.87 -28.12 -15.47
N LEU B 279 -53.66 -29.42 -15.67
CA LEU B 279 -54.47 -30.45 -15.00
C LEU B 279 -54.01 -30.89 -13.61
N ALA B 280 -52.71 -30.76 -13.34
CA ALA B 280 -52.13 -31.16 -12.05
C ALA B 280 -50.85 -30.40 -11.92
N ASP B 281 -50.37 -30.28 -10.69
CA ASP B 281 -49.09 -29.64 -10.45
C ASP B 281 -48.55 -29.99 -9.07
N HIS B 282 -47.38 -29.41 -8.80
CA HIS B 282 -46.61 -29.67 -7.60
C HIS B 282 -45.56 -28.59 -7.43
N THR B 283 -45.39 -28.19 -6.18
CA THR B 283 -44.41 -27.21 -5.79
C THR B 283 -43.45 -27.90 -4.82
N SER B 284 -42.15 -27.61 -4.98
CA SER B 284 -41.11 -28.13 -4.10
C SER B 284 -41.03 -27.36 -2.78
N ALA B 285 -40.19 -27.87 -1.88
CA ALA B 285 -39.78 -27.10 -0.71
C ALA B 285 -38.99 -25.92 -1.24
N GLU B 286 -38.82 -24.90 -0.43
CA GLU B 286 -37.99 -23.78 -0.83
C GLU B 286 -36.51 -24.16 -0.85
N LEU B 287 -35.71 -23.38 -1.57
CA LEU B 287 -34.25 -23.58 -1.65
C LEU B 287 -33.56 -23.77 -0.28
N SER B 288 -33.92 -22.95 0.70
CA SER B 288 -33.35 -23.07 2.03
C SER B 288 -33.43 -24.49 2.58
N GLU B 289 -34.60 -25.12 2.46
CA GLU B 289 -34.74 -26.51 2.92
C GLU B 289 -34.03 -27.50 1.97
N ILE B 290 -34.04 -27.19 0.66
CA ILE B 290 -33.33 -28.03 -0.33
C ILE B 290 -31.82 -28.07 -0.08
N LEU B 291 -31.26 -26.95 0.37
CA LEU B 291 -29.81 -26.85 0.56
C LEU B 291 -29.20 -27.94 1.43
N VAL B 292 -29.98 -28.46 2.39
CA VAL B 292 -29.50 -29.41 3.38
C VAL B 292 -29.06 -30.72 2.64
N PRO B 293 -30.01 -31.51 2.16
CA PRO B 293 -29.61 -32.73 1.45
C PRO B 293 -28.54 -32.53 0.33
N PHE B 294 -28.48 -31.32 -0.23
CA PHE B 294 -27.55 -30.97 -1.32
C PHE B 294 -26.15 -30.74 -0.77
N MET B 295 -26.02 -29.84 0.20
CA MET B 295 -24.73 -29.60 0.82
C MET B 295 -24.24 -30.71 1.77
N LYS B 296 -25.15 -31.29 2.56
CA LYS B 296 -24.76 -32.30 3.55
C LYS B 296 -24.12 -33.57 2.96
N PHE B 297 -24.66 -34.04 1.83
CA PHE B 297 -24.22 -35.28 1.26
C PHE B 297 -23.62 -35.04 -0.11
N SER B 298 -23.46 -33.75 -0.45
CA SER B 298 -22.79 -33.32 -1.69
C SER B 298 -23.42 -33.90 -2.95
N ASN B 299 -24.66 -33.49 -3.27
CA ASN B 299 -25.39 -33.97 -4.45
C ASN B 299 -25.04 -33.26 -5.79
N ASN B 300 -24.37 -33.97 -6.70
CA ASN B 300 -23.95 -33.37 -7.99
C ASN B 300 -25.07 -32.93 -8.97
N GLY B 301 -26.05 -33.80 -9.16
CA GLY B 301 -27.24 -33.47 -9.92
C GLY B 301 -27.81 -32.19 -9.36
N HIS B 302 -28.01 -32.10 -8.04
CA HIS B 302 -28.53 -30.87 -7.43
C HIS B 302 -27.75 -29.65 -7.92
N ALA B 303 -26.43 -29.74 -7.90
CA ALA B 303 -25.59 -28.59 -8.18
C ALA B 303 -25.76 -28.17 -9.63
N GLU B 304 -25.73 -29.14 -10.55
CA GLU B 304 -25.86 -28.80 -11.95
C GLU B 304 -27.27 -28.23 -12.26
N MET B 305 -28.32 -28.79 -11.63
CA MET B 305 -29.68 -28.31 -11.93
C MET B 305 -29.79 -26.87 -11.52
N LEU B 306 -29.20 -26.55 -10.39
CA LEU B 306 -29.15 -25.17 -9.92
C LEU B 306 -28.42 -24.28 -10.91
N VAL B 307 -27.31 -24.78 -11.45
CA VAL B 307 -26.61 -23.94 -12.40
C VAL B 307 -27.55 -23.69 -13.56
N LYS B 308 -28.25 -24.72 -14.02
CA LYS B 308 -29.15 -24.51 -15.17
C LYS B 308 -30.32 -23.57 -14.86
N SER B 309 -30.85 -23.64 -13.64
CA SER B 309 -31.86 -22.68 -13.18
C SER B 309 -31.35 -21.26 -13.25
N ILE B 310 -30.14 -21.04 -12.76
CA ILE B 310 -29.52 -19.73 -12.78
C ILE B 310 -29.45 -19.22 -14.22
N GLY B 311 -29.01 -20.07 -15.13
CA GLY B 311 -29.05 -19.74 -16.55
C GLY B 311 -30.43 -19.28 -17.00
N GLN B 312 -31.46 -20.07 -16.67
CA GLN B 312 -32.83 -19.73 -17.05
C GLN B 312 -33.19 -18.36 -16.55
N GLU B 313 -32.85 -18.09 -15.29
CA GLU B 313 -33.40 -16.95 -14.59
C GLU B 313 -32.69 -15.69 -15.03
N THR B 314 -31.40 -15.79 -15.28
CA THR B 314 -30.57 -14.64 -15.60
C THR B 314 -30.33 -14.48 -17.09
N ALA B 315 -30.78 -15.44 -17.89
CA ALA B 315 -30.58 -15.36 -19.33
C ALA B 315 -31.67 -16.02 -20.21
N GLY B 316 -32.73 -16.54 -19.61
CA GLY B 316 -33.79 -17.21 -20.37
C GLY B 316 -33.30 -18.51 -20.99
N ALA B 317 -32.21 -19.05 -20.46
CA ALA B 317 -31.60 -20.24 -21.01
C ALA B 317 -31.04 -21.19 -19.92
N GLY B 318 -31.69 -22.33 -19.75
CA GLY B 318 -31.21 -23.34 -18.83
C GLY B 318 -30.03 -24.11 -19.41
N THR B 319 -28.91 -23.42 -19.59
CA THR B 319 -27.71 -24.03 -20.14
C THR B 319 -26.51 -23.88 -19.21
N TRP B 320 -25.50 -24.75 -19.40
CA TRP B 320 -24.22 -24.64 -18.68
C TRP B 320 -23.51 -23.35 -19.08
N ASP B 321 -23.29 -23.18 -20.39
CA ASP B 321 -22.66 -21.96 -20.89
C ASP B 321 -23.27 -20.71 -20.22
N ALA B 322 -24.57 -20.71 -19.99
CA ALA B 322 -25.26 -19.56 -19.42
C ALA B 322 -25.29 -19.48 -17.88
N GLY B 323 -25.53 -20.62 -17.23
CA GLY B 323 -25.59 -20.66 -15.77
C GLY B 323 -24.29 -20.26 -15.12
N LEU B 324 -23.19 -20.68 -15.72
CA LEU B 324 -21.85 -20.37 -15.24
C LEU B 324 -21.49 -18.87 -15.39
N VAL B 325 -21.90 -18.24 -16.49
CA VAL B 325 -21.81 -16.77 -16.58
C VAL B 325 -22.62 -16.11 -15.43
N GLY B 326 -23.79 -16.67 -15.13
CA GLY B 326 -24.65 -16.20 -14.04
C GLY B 326 -24.08 -16.45 -12.66
N VAL B 327 -23.51 -17.64 -12.46
CA VAL B 327 -22.82 -17.90 -11.20
C VAL B 327 -21.67 -16.90 -11.04
N GLU B 328 -20.82 -16.76 -12.05
CA GLU B 328 -19.69 -15.83 -11.93
C GLU B 328 -20.18 -14.41 -11.71
N GLU B 329 -21.16 -13.99 -12.50
CA GLU B 329 -21.70 -12.64 -12.34
C GLU B 329 -22.29 -12.42 -10.93
N ALA B 330 -22.98 -13.42 -10.38
CA ALA B 330 -23.54 -13.34 -9.01
C ALA B 330 -22.48 -13.30 -7.92
N LEU B 331 -21.43 -14.08 -8.10
CA LEU B 331 -20.35 -14.12 -7.13
C LEU B 331 -19.73 -12.75 -7.05
N SER B 332 -19.36 -12.21 -8.21
CA SER B 332 -18.67 -10.93 -8.24
C SER B 332 -19.56 -9.78 -7.74
N GLY B 333 -20.88 -9.96 -7.87
CA GLY B 333 -21.88 -9.02 -7.35
C GLY B 333 -22.07 -9.15 -5.85
N LEU B 334 -21.69 -10.28 -5.29
CA LEU B 334 -21.73 -10.48 -3.84
C LEU B 334 -20.40 -10.02 -3.21
N GLY B 335 -19.53 -9.43 -4.03
CA GLY B 335 -18.25 -8.88 -3.59
C GLY B 335 -17.04 -9.82 -3.53
N VAL B 336 -17.05 -10.87 -4.36
CA VAL B 336 -15.96 -11.84 -4.41
C VAL B 336 -15.00 -11.55 -5.57
N ASP B 337 -13.71 -11.52 -5.32
CA ASP B 337 -12.77 -11.45 -6.43
C ASP B 337 -12.62 -12.82 -7.11
N THR B 338 -13.17 -12.92 -8.32
CA THR B 338 -13.24 -14.17 -9.11
C THR B 338 -12.15 -14.28 -10.19
N ALA B 339 -11.12 -13.42 -10.11
CA ALA B 339 -10.02 -13.43 -11.08
C ALA B 339 -9.39 -14.81 -11.26
N GLY B 340 -9.20 -15.51 -10.14
CA GLY B 340 -8.55 -16.81 -10.17
C GLY B 340 -9.51 -17.99 -10.29
N LEU B 341 -10.76 -17.70 -10.63
CA LEU B 341 -11.76 -18.74 -10.83
C LEU B 341 -11.81 -19.19 -12.28
N VAL B 342 -12.07 -20.48 -12.46
CA VAL B 342 -12.46 -21.02 -13.76
C VAL B 342 -13.62 -21.96 -13.45
N LEU B 343 -14.71 -21.83 -14.18
CA LEU B 343 -15.87 -22.60 -13.83
C LEU B 343 -16.22 -23.50 -14.99
N ASN B 344 -16.14 -24.81 -14.81
CA ASN B 344 -16.58 -25.68 -15.86
C ASN B 344 -17.89 -26.33 -15.52
N ASP B 345 -18.22 -26.37 -14.23
CA ASP B 345 -19.45 -26.98 -13.76
C ASP B 345 -19.84 -26.53 -12.32
N GLY B 346 -20.99 -26.99 -11.84
CA GLY B 346 -21.44 -26.57 -10.54
C GLY B 346 -21.09 -27.53 -9.43
N SER B 347 -21.00 -28.82 -9.75
CA SER B 347 -20.76 -29.86 -8.74
C SER B 347 -19.31 -29.93 -8.29
N GLY B 348 -18.41 -29.57 -9.20
CA GLY B 348 -16.99 -29.77 -9.03
C GLY B 348 -16.51 -31.13 -9.50
N LEU B 349 -17.37 -31.92 -10.14
CA LEU B 349 -16.92 -33.20 -10.71
C LEU B 349 -15.87 -32.96 -11.80
N SER B 350 -16.05 -31.90 -12.58
CA SER B 350 -15.21 -31.65 -13.75
C SER B 350 -13.80 -31.27 -13.35
N ARG B 351 -12.81 -31.94 -13.93
CA ARG B 351 -11.42 -31.61 -13.66
C ARG B 351 -11.00 -30.39 -14.48
N GLY B 352 -11.99 -29.63 -14.95
CA GLY B 352 -11.77 -28.37 -15.65
C GLY B 352 -11.96 -27.14 -14.77
N ASN B 353 -12.30 -27.36 -13.50
CA ASN B 353 -12.57 -26.28 -12.57
C ASN B 353 -11.27 -25.87 -11.88
N LEU B 354 -11.18 -24.59 -11.52
CA LEU B 354 -10.04 -24.06 -10.78
C LEU B 354 -10.52 -22.99 -9.82
N VAL B 355 -10.08 -23.12 -8.56
CA VAL B 355 -10.21 -22.07 -7.54
C VAL B 355 -8.82 -21.69 -7.05
N THR B 356 -8.74 -20.59 -6.29
CA THR B 356 -7.62 -20.42 -5.38
C THR B 356 -8.18 -20.62 -3.99
N ALA B 357 -7.28 -20.74 -3.03
CA ALA B 357 -7.64 -20.82 -1.62
C ALA B 357 -8.12 -19.45 -1.13
N ASP B 358 -7.37 -18.39 -1.42
CA ASP B 358 -7.84 -17.06 -1.01
C ASP B 358 -9.31 -16.89 -1.45
N THR B 359 -9.64 -17.35 -2.66
CA THR B 359 -10.97 -17.17 -3.23
C THR B 359 -12.06 -17.86 -2.42
N VAL B 360 -11.70 -18.96 -1.77
CA VAL B 360 -12.71 -19.70 -1.04
C VAL B 360 -13.03 -18.96 0.26
N VAL B 361 -11.98 -18.58 0.96
CA VAL B 361 -12.08 -17.81 2.18
C VAL B 361 -12.71 -16.43 1.89
N ASP B 362 -12.38 -15.84 0.75
CA ASP B 362 -13.07 -14.65 0.26
C ASP B 362 -14.58 -14.89 0.27
N LEU B 363 -15.01 -15.91 -0.49
CA LEU B 363 -16.42 -16.27 -0.55
C LEU B 363 -17.02 -16.48 0.83
N LEU B 364 -16.28 -17.15 1.71
CA LEU B 364 -16.79 -17.50 3.05
C LEU B 364 -17.09 -16.30 3.92
N GLY B 365 -16.27 -15.27 3.80
CA GLY B 365 -16.48 -14.04 4.54
C GLY B 365 -17.70 -13.30 4.04
N GLN B 366 -17.83 -13.21 2.72
CA GLN B 366 -18.98 -12.58 2.08
C GLN B 366 -20.27 -13.33 2.39
N ALA B 367 -20.19 -14.67 2.36
CA ALA B 367 -21.34 -15.53 2.67
C ALA B 367 -21.78 -15.36 4.12
N GLY B 368 -20.81 -15.16 5.00
CA GLY B 368 -21.07 -14.90 6.40
C GLY B 368 -21.89 -13.64 6.70
N SER B 369 -21.94 -12.70 5.76
CA SER B 369 -22.59 -11.41 6.01
C SER B 369 -23.86 -11.09 5.23
N ALA B 370 -24.12 -11.85 4.17
CA ALA B 370 -25.38 -11.73 3.42
C ALA B 370 -26.54 -12.22 4.30
N PRO B 371 -27.79 -11.83 3.97
CA PRO B 371 -28.89 -12.21 4.85
C PRO B 371 -29.00 -13.73 5.01
N TRP B 372 -28.89 -14.43 3.89
CA TRP B 372 -29.14 -15.87 3.86
C TRP B 372 -28.14 -16.73 4.63
N ALA B 373 -27.18 -16.08 5.30
CA ALA B 373 -26.14 -16.75 6.07
C ALA B 373 -26.62 -17.90 6.96
N GLN B 374 -27.74 -17.71 7.67
CA GLN B 374 -28.27 -18.76 8.54
C GLN B 374 -28.50 -20.14 7.87
N THR B 375 -29.26 -20.19 6.78
CA THR B 375 -29.39 -21.47 6.08
C THR B 375 -28.09 -21.93 5.44
N TRP B 376 -27.33 -20.99 4.90
CA TRP B 376 -26.08 -21.28 4.22
C TRP B 376 -25.19 -22.12 5.11
N SER B 377 -24.97 -21.64 6.32
CA SER B 377 -24.13 -22.34 7.30
C SER B 377 -24.80 -23.57 7.88
N ALA B 378 -26.13 -23.59 7.91
CA ALA B 378 -26.85 -24.72 8.46
C ALA B 378 -26.67 -25.93 7.57
N SER B 379 -26.34 -25.67 6.31
CA SER B 379 -26.30 -26.71 5.31
C SER B 379 -24.92 -27.34 5.23
N LEU B 380 -23.93 -26.75 5.87
CA LEU B 380 -22.60 -27.35 5.83
C LEU B 380 -22.52 -28.56 6.77
N PRO B 381 -21.75 -29.57 6.37
CA PRO B 381 -21.50 -30.68 7.28
C PRO B 381 -20.90 -30.21 8.60
N VAL B 382 -21.34 -30.84 9.70
CA VAL B 382 -20.82 -30.55 11.04
C VAL B 382 -19.99 -31.72 11.57
N ALA B 383 -18.70 -31.50 11.77
CA ALA B 383 -17.75 -32.58 12.16
C ALA B 383 -18.26 -33.54 13.26
N GLY B 384 -18.07 -34.83 13.08
CA GLY B 384 -18.33 -35.78 14.18
C GLY B 384 -19.76 -36.20 14.50
N GLU B 385 -20.74 -35.33 14.18
CA GLU B 385 -22.18 -35.59 14.42
C GLU B 385 -22.68 -36.77 13.60
N SER B 386 -23.11 -37.84 14.26
CA SER B 386 -23.46 -39.07 13.54
C SER B 386 -24.92 -39.16 13.06
N ASP B 387 -25.60 -38.01 13.04
CA ASP B 387 -26.87 -37.90 12.33
C ASP B 387 -26.54 -37.57 10.85
N PRO B 388 -26.70 -38.54 9.95
CA PRO B 388 -26.32 -38.30 8.57
C PRO B 388 -26.81 -36.94 8.11
N PHE B 389 -28.05 -36.60 8.46
CA PHE B 389 -28.63 -35.29 8.12
C PHE B 389 -28.10 -34.09 8.90
N VAL B 390 -27.21 -34.34 9.87
CA VAL B 390 -26.53 -33.27 10.58
C VAL B 390 -25.05 -33.27 10.24
N GLY B 391 -24.44 -34.45 10.24
CA GLY B 391 -23.01 -34.58 10.01
C GLY B 391 -22.65 -34.69 8.54
N GLY B 392 -23.47 -35.41 7.80
CA GLY B 392 -23.23 -35.64 6.39
C GLY B 392 -21.83 -36.17 6.12
N THR B 393 -21.17 -35.60 5.12
CA THR B 393 -19.85 -36.05 4.69
C THR B 393 -18.79 -36.01 5.79
N LEU B 394 -19.04 -35.29 6.88
CA LEU B 394 -18.08 -35.22 7.98
C LEU B 394 -18.42 -36.07 9.20
N ALA B 395 -19.40 -36.96 9.07
CA ALA B 395 -19.98 -37.67 10.23
C ALA B 395 -19.01 -38.60 10.94
N ASN B 396 -18.02 -39.12 10.22
CA ASN B 396 -17.04 -40.04 10.81
C ASN B 396 -15.66 -39.46 10.91
N ARG B 397 -15.61 -38.15 10.82
CA ARG B 397 -14.35 -37.44 10.88
C ARG B 397 -14.40 -36.58 12.13
N MET B 398 -13.31 -36.61 12.90
CA MET B 398 -13.09 -35.64 14.00
C MET B 398 -13.94 -35.83 15.28
N ARG B 399 -14.39 -37.05 15.52
CA ARG B 399 -15.08 -37.39 16.76
C ARG B 399 -14.07 -37.47 17.87
N GLY B 400 -14.41 -36.97 19.04
CA GLY B 400 -13.48 -36.94 20.18
C GLY B 400 -12.45 -35.81 20.09
N THR B 401 -12.68 -34.91 19.14
CA THR B 401 -11.80 -33.76 18.97
C THR B 401 -12.51 -32.44 19.28
N ALA B 402 -11.72 -31.43 19.65
CA ALA B 402 -12.15 -30.05 19.79
C ALA B 402 -13.10 -29.68 18.67
N ALA B 403 -12.82 -30.20 17.47
CA ALA B 403 -13.66 -30.01 16.27
C ALA B 403 -15.12 -30.53 16.31
N GLU B 404 -15.37 -31.65 16.98
CA GLU B 404 -16.70 -32.29 17.00
C GLU B 404 -17.83 -31.32 17.30
N GLY B 405 -18.93 -31.45 16.58
CA GLY B 405 -20.01 -30.46 16.68
C GLY B 405 -19.63 -28.99 16.54
N VAL B 406 -18.42 -28.70 16.06
CA VAL B 406 -17.99 -27.31 15.96
C VAL B 406 -17.74 -26.88 14.52
N VAL B 407 -16.80 -27.55 13.84
CA VAL B 407 -16.45 -27.22 12.47
C VAL B 407 -17.62 -27.44 11.54
N GLU B 408 -17.90 -26.44 10.71
CA GLU B 408 -18.86 -26.56 9.60
C GLU B 408 -18.11 -26.42 8.26
N ALA B 409 -18.14 -27.45 7.41
CA ALA B 409 -17.27 -27.43 6.23
C ALA B 409 -17.60 -28.44 5.13
N LYS B 410 -17.46 -27.98 3.88
CA LYS B 410 -17.71 -28.80 2.71
C LYS B 410 -16.48 -29.63 2.40
N THR B 411 -16.69 -30.93 2.16
CA THR B 411 -15.63 -31.81 1.78
C THR B 411 -15.59 -31.96 0.26
N GLY B 412 -14.64 -32.76 -0.20
CA GLY B 412 -14.48 -32.96 -1.61
C GLY B 412 -13.28 -33.83 -1.86
N THR B 413 -13.51 -34.98 -2.49
CA THR B 413 -12.41 -35.88 -2.86
C THR B 413 -12.65 -36.59 -4.16
N MET B 414 -11.60 -36.70 -4.96
CA MET B 414 -11.53 -37.60 -6.10
C MET B 414 -10.02 -37.70 -6.33
N SER B 415 -9.55 -38.55 -7.26
CA SER B 415 -8.12 -38.94 -7.19
C SER B 415 -7.19 -37.79 -7.48
N GLY B 416 -6.17 -37.66 -6.64
CA GLY B 416 -5.24 -36.54 -6.69
C GLY B 416 -5.85 -35.17 -6.45
N VAL B 417 -6.97 -35.11 -5.74
CA VAL B 417 -7.66 -33.86 -5.37
C VAL B 417 -8.52 -34.10 -4.12
N SER B 418 -8.36 -33.25 -3.12
CA SER B 418 -9.21 -33.31 -1.95
C SER B 418 -9.21 -31.93 -1.32
N ALA B 419 -10.26 -31.61 -0.56
CA ALA B 419 -10.39 -30.26 -0.04
C ALA B 419 -11.33 -30.17 1.16
N LEU B 420 -11.05 -29.23 2.07
CA LEU B 420 -11.91 -28.99 3.23
C LEU B 420 -11.91 -27.50 3.52
N SER B 421 -13.10 -26.92 3.60
CA SER B 421 -13.24 -25.49 3.72
C SER B 421 -14.49 -25.18 4.47
N GLY B 422 -14.40 -24.26 5.42
CA GLY B 422 -15.61 -23.88 6.15
C GLY B 422 -15.35 -22.93 7.29
N TYR B 423 -16.17 -23.04 8.32
CA TYR B 423 -16.11 -22.15 9.47
C TYR B 423 -15.76 -22.85 10.76
N VAL B 424 -15.15 -22.09 11.67
CA VAL B 424 -14.91 -22.53 13.01
C VAL B 424 -15.52 -21.47 13.92
N PRO B 425 -16.78 -21.68 14.36
CA PRO B 425 -17.40 -20.72 15.26
C PRO B 425 -16.73 -20.75 16.64
N GLY B 426 -16.84 -19.64 17.36
CA GLY B 426 -16.15 -19.47 18.64
C GLY B 426 -16.77 -18.37 19.48
N PRO B 427 -16.51 -18.41 20.80
CA PRO B 427 -17.15 -17.51 21.75
C PRO B 427 -16.76 -16.04 21.58
N GLU B 428 -15.77 -15.79 20.71
CA GLU B 428 -15.25 -14.44 20.46
C GLU B 428 -15.44 -14.07 18.98
N GLY B 429 -15.00 -14.97 18.09
CA GLY B 429 -15.09 -14.75 16.64
C GLY B 429 -14.90 -16.01 15.80
N GLU B 430 -15.69 -16.10 14.73
CA GLU B 430 -15.75 -17.25 13.83
C GLU B 430 -14.56 -17.24 12.87
N LEU B 431 -14.01 -18.43 12.61
CA LEU B 431 -12.89 -18.58 11.65
C LEU B 431 -13.34 -19.12 10.30
N ALA B 432 -12.75 -18.58 9.24
CA ALA B 432 -12.95 -19.08 7.90
C ALA B 432 -11.62 -19.65 7.43
N PHE B 433 -11.68 -20.80 6.76
CA PHE B 433 -10.48 -21.47 6.29
C PHE B 433 -10.75 -22.29 5.02
N SER B 434 -9.68 -22.58 4.29
CA SER B 434 -9.81 -23.37 3.10
C SER B 434 -8.54 -24.22 2.94
N ILE B 435 -8.72 -25.53 2.84
CA ILE B 435 -7.60 -26.40 2.55
C ILE B 435 -7.89 -27.08 1.21
N VAL B 436 -7.07 -26.80 0.19
CA VAL B 436 -7.13 -27.52 -1.07
C VAL B 436 -5.82 -28.27 -1.36
N ASN B 437 -5.93 -29.59 -1.54
CA ASN B 437 -4.77 -30.42 -1.83
C ASN B 437 -4.89 -31.00 -3.23
N ASN B 438 -3.92 -30.67 -4.08
CA ASN B 438 -3.78 -31.33 -5.35
C ASN B 438 -2.41 -32.01 -5.36
N GLY B 439 -2.27 -33.02 -6.22
CA GLY B 439 -0.96 -33.48 -6.63
C GLY B 439 -0.38 -34.64 -5.86
N HIS B 440 -1.04 -35.02 -4.78
CA HIS B 440 -0.61 -36.08 -3.89
C HIS B 440 -0.73 -37.43 -4.58
N SER B 441 0.23 -38.29 -4.30
CA SER B 441 0.37 -39.52 -5.09
C SER B 441 -0.54 -40.69 -4.68
N GLY B 442 -1.14 -40.66 -3.49
CA GLY B 442 -1.92 -41.80 -3.00
C GLY B 442 -3.31 -41.49 -2.48
N PRO B 443 -3.71 -42.14 -1.35
CA PRO B 443 -5.05 -41.91 -0.79
C PRO B 443 -5.19 -40.49 -0.30
N ALA B 444 -6.43 -40.00 -0.21
CA ALA B 444 -6.71 -38.59 0.13
C ALA B 444 -6.23 -38.23 1.53
N PRO B 445 -5.64 -37.04 1.70
CA PRO B 445 -5.03 -36.70 3.00
C PRO B 445 -6.05 -36.26 4.03
N LEU B 446 -7.05 -37.10 4.29
CA LEU B 446 -8.20 -36.68 5.10
C LEU B 446 -7.78 -36.33 6.53
N ALA B 447 -7.00 -37.21 7.14
CA ALA B 447 -6.54 -37.03 8.51
C ALA B 447 -5.65 -35.78 8.66
N VAL B 448 -4.98 -35.38 7.57
CA VAL B 448 -4.22 -34.11 7.57
C VAL B 448 -5.18 -32.92 7.73
N GLN B 449 -6.23 -32.90 6.91
CA GLN B 449 -7.28 -31.90 6.96
C GLN B 449 -7.89 -31.76 8.38
N ASP B 450 -8.20 -32.88 9.01
CA ASP B 450 -8.82 -32.93 10.31
C ASP B 450 -7.88 -32.28 11.30
N ALA B 451 -6.59 -32.64 11.23
CA ALA B 451 -5.57 -32.13 12.14
C ALA B 451 -5.54 -30.62 12.12
N ILE B 452 -5.56 -30.02 10.93
CA ILE B 452 -5.62 -28.57 10.81
C ILE B 452 -6.94 -28.05 11.38
N ALA B 453 -8.03 -28.71 11.04
CA ALA B 453 -9.34 -28.34 11.55
C ALA B 453 -9.33 -28.38 13.08
N VAL B 454 -8.83 -29.47 13.64
CA VAL B 454 -8.80 -29.64 15.06
C VAL B 454 -7.98 -28.50 15.67
N ARG B 455 -6.79 -28.27 15.11
CA ARG B 455 -5.92 -27.24 15.63
C ARG B 455 -6.61 -25.89 15.59
N LEU B 456 -7.35 -25.61 14.52
CA LEU B 456 -8.10 -24.35 14.45
C LEU B 456 -9.15 -24.25 15.56
N ALA B 457 -10.00 -25.27 15.64
CA ALA B 457 -10.97 -25.43 16.73
C ALA B 457 -10.43 -25.05 18.12
N GLU B 458 -9.20 -25.48 18.42
CA GLU B 458 -8.51 -25.12 19.69
C GLU B 458 -8.26 -23.62 19.79
N TYR B 459 -7.58 -23.06 18.80
CA TYR B 459 -7.24 -21.63 18.75
C TYR B 459 -8.45 -20.74 19.05
N ALA B 460 -9.61 -21.18 18.56
CA ALA B 460 -10.87 -20.45 18.72
C ALA B 460 -11.52 -20.75 20.05
N GLY B 461 -10.95 -21.65 20.83
CA GLY B 461 -11.33 -21.78 22.23
C GLY B 461 -12.27 -22.93 22.50
N HIS B 462 -12.02 -24.04 21.81
CA HIS B 462 -12.77 -25.29 22.02
C HIS B 462 -11.85 -26.39 22.57
N GLN B 463 -12.43 -27.32 23.32
CA GLN B 463 -11.73 -28.54 23.75
C GLN B 463 -12.58 -29.76 23.45
N ALA B 464 -11.93 -30.92 23.52
CA ALA B 464 -12.59 -32.22 23.39
C ALA B 464 -13.85 -32.33 24.27
N PRO B 465 -15.01 -32.73 23.68
CA PRO B 465 -16.28 -32.94 24.44
C PRO B 465 -16.20 -33.83 25.74
N GLU B 466 -17.01 -33.67 26.67
N ARG C 1 52.91 34.99 46.66
CA ARG C 1 51.60 35.53 46.20
C ARG C 1 51.44 35.39 44.68
N LEU C 2 52.18 36.23 43.92
CA LEU C 2 52.20 36.18 42.47
C LEU C 2 53.53 35.62 41.93
N THR C 3 54.67 36.15 42.40
CA THR C 3 55.96 35.59 41.98
C THR C 3 56.02 34.09 42.29
N GLU C 4 55.16 33.67 43.22
CA GLU C 4 55.02 32.27 43.60
C GLU C 4 54.33 31.45 42.53
N LEU C 5 53.11 31.82 42.20
CA LEU C 5 52.42 31.26 41.03
C LEU C 5 53.36 31.15 39.81
N ARG C 6 54.08 32.23 39.53
CA ARG C 6 55.06 32.28 38.45
C ARG C 6 56.20 31.25 38.49
N GLU C 7 56.95 31.21 39.58
CA GLU C 7 58.05 30.25 39.65
C GLU C 7 57.50 28.81 39.59
N ASP C 8 56.32 28.61 40.17
CA ASP C 8 55.61 27.33 40.12
C ASP C 8 55.22 26.89 38.71
N ILE C 9 54.78 27.83 37.89
CA ILE C 9 54.44 27.46 36.52
C ILE C 9 55.71 27.28 35.67
N ASP C 10 56.71 28.17 35.86
CA ASP C 10 58.01 28.02 35.21
C ASP C 10 58.53 26.58 35.40
N ALA C 11 58.37 26.10 36.63
CA ALA C 11 58.88 24.78 37.03
C ALA C 11 58.08 23.59 36.47
N ILE C 12 56.76 23.74 36.45
CA ILE C 12 55.90 22.75 35.84
C ILE C 12 56.30 22.57 34.36
N LEU C 13 56.59 23.68 33.70
CA LEU C 13 56.97 23.69 32.30
C LEU C 13 58.35 23.09 32.03
N GLU C 14 59.10 22.80 33.08
CA GLU C 14 60.39 22.12 32.90
C GLU C 14 60.16 20.62 33.03
N ASP C 15 59.44 20.07 32.08
CA ASP C 15 58.96 18.71 32.18
C ASP C 15 59.47 17.89 30.99
N PRO C 16 60.00 16.69 31.27
CA PRO C 16 60.51 15.85 30.20
C PRO C 16 59.64 15.78 28.92
N ALA C 17 58.31 15.85 29.05
CA ALA C 17 57.45 15.74 27.88
C ALA C 17 57.56 17.00 27.03
N LEU C 18 58.11 18.06 27.61
CA LEU C 18 58.18 19.33 26.89
C LEU C 18 59.60 19.64 26.44
N GLU C 19 60.51 18.72 26.73
CA GLU C 19 61.86 18.73 26.18
C GLU C 19 61.84 19.15 24.70
N GLY C 20 62.47 20.28 24.41
CA GLY C 20 62.71 20.69 23.03
C GLY C 20 61.51 21.16 22.27
N ALA C 21 60.57 21.81 22.98
CA ALA C 21 59.28 22.20 22.43
C ALA C 21 59.00 23.65 22.72
N VAL C 22 57.98 24.19 22.06
CA VAL C 22 57.57 25.58 22.23
C VAL C 22 56.20 25.57 22.86
N SER C 23 56.01 26.36 23.92
CA SER C 23 54.72 26.36 24.58
C SER C 23 54.28 27.76 24.88
N GLY C 24 53.21 28.20 24.25
CA GLY C 24 52.62 29.49 24.59
C GLY C 24 51.65 29.34 25.75
N VAL C 25 51.99 29.98 26.87
CA VAL C 25 51.19 29.93 28.11
C VAL C 25 50.83 31.33 28.57
N VAL C 26 49.54 31.63 28.62
CA VAL C 26 49.08 32.92 29.12
C VAL C 26 47.91 32.74 30.08
N VAL C 27 48.08 33.29 31.27
CA VAL C 27 47.01 33.33 32.26
C VAL C 27 46.67 34.79 32.58
N VAL C 28 45.37 35.11 32.49
CA VAL C 28 44.83 36.45 32.74
C VAL C 28 43.76 36.37 33.80
N ASP C 29 43.61 37.44 34.58
CA ASP C 29 42.47 37.59 35.46
C ASP C 29 41.37 38.32 34.69
N THR C 30 40.23 37.68 34.46
CA THR C 30 39.19 38.33 33.65
C THR C 30 38.36 39.42 34.40
N ALA C 31 38.67 39.62 35.68
CA ALA C 31 38.04 40.71 36.44
C ALA C 31 38.86 42.01 36.44
N THR C 32 40.18 41.90 36.49
CA THR C 32 41.08 43.07 36.62
C THR C 32 41.72 43.45 35.27
N GLY C 33 42.14 42.42 34.53
CA GLY C 33 42.94 42.56 33.32
C GLY C 33 44.38 42.14 33.55
N GLU C 34 44.79 42.09 34.80
CA GLU C 34 46.12 41.62 35.17
C GLU C 34 46.53 40.27 34.54
N GLU C 35 47.71 40.25 33.91
CA GLU C 35 48.36 39.02 33.42
C GLU C 35 49.13 38.37 34.53
N LEU C 36 48.65 37.25 35.03
CA LEU C 36 49.38 36.54 36.10
C LEU C 36 50.54 35.76 35.51
N TYR C 37 50.45 35.41 34.23
CA TYR C 37 51.50 34.66 33.55
C TYR C 37 51.49 34.88 32.05
N SER C 38 52.68 35.01 31.48
CA SER C 38 52.80 35.11 30.02
C SER C 38 54.12 34.51 29.51
N ARG C 39 54.03 33.55 28.61
CA ARG C 39 55.23 32.96 28.02
C ARG C 39 55.03 32.67 26.53
N ASP C 40 55.87 33.25 25.69
CA ASP C 40 55.72 33.04 24.26
C ASP C 40 54.24 33.21 23.91
N GLY C 41 53.60 34.15 24.58
CA GLY C 41 52.18 34.43 24.33
C GLY C 41 51.92 35.00 22.94
N GLY C 42 52.96 35.53 22.30
CA GLY C 42 52.83 36.16 20.98
C GLY C 42 53.27 35.24 19.88
N GLU C 43 53.66 34.03 20.26
CA GLU C 43 54.22 33.03 19.37
C GLU C 43 53.12 32.35 18.60
N GLN C 44 53.24 32.35 17.28
CA GLN C 44 52.22 31.73 16.45
C GLN C 44 52.37 30.22 16.47
N LEU C 45 51.25 29.51 16.63
CA LEU C 45 51.26 28.05 16.85
C LEU C 45 50.08 27.31 16.23
N LEU C 46 50.25 26.00 15.98
CA LEU C 46 49.12 25.14 15.62
C LEU C 46 48.17 24.96 16.83
N PRO C 47 46.92 25.36 16.69
CA PRO C 47 45.99 25.23 17.79
C PRO C 47 45.37 23.86 18.01
N ALA C 48 45.42 22.93 17.05
CA ALA C 48 44.56 21.72 17.07
C ALA C 48 43.12 22.09 17.38
N SER C 49 42.37 21.17 17.97
CA SER C 49 40.93 21.37 18.28
C SER C 49 40.57 22.71 18.93
N ASN C 50 41.49 23.35 19.65
CA ASN C 50 41.26 24.73 20.14
C ASN C 50 40.71 25.73 19.10
N MET C 51 41.05 25.59 17.82
CA MET C 51 40.49 26.48 16.79
C MET C 51 38.99 26.59 16.92
N LYS C 52 38.38 25.47 17.33
CA LYS C 52 36.94 25.40 17.60
C LYS C 52 36.46 26.47 18.56
N LEU C 53 37.31 27.01 19.42
CA LEU C 53 36.87 28.09 20.31
C LEU C 53 36.54 29.32 19.47
N PHE C 54 37.40 29.61 18.50
CA PHE C 54 37.15 30.72 17.59
C PHE C 54 35.88 30.48 16.76
N THR C 55 35.72 29.24 16.30
CA THR C 55 34.61 28.90 15.41
C THR C 55 33.32 29.00 16.17
N ALA C 56 33.34 28.53 17.42
CA ALA C 56 32.16 28.46 18.24
C ALA C 56 31.69 29.87 18.55
N ALA C 57 32.64 30.77 18.77
CA ALA C 57 32.30 32.14 19.06
C ALA C 57 31.64 32.78 17.83
N ALA C 58 32.41 32.92 16.74
CA ALA C 58 31.90 33.46 15.47
C ALA C 58 30.47 33.01 15.17
N ALA C 59 30.25 31.70 15.27
CA ALA C 59 28.93 31.08 15.05
C ALA C 59 27.84 31.75 15.89
N LEU C 60 28.13 31.97 17.16
CA LEU C 60 27.11 32.53 18.04
C LEU C 60 26.84 33.96 17.62
N GLU C 61 27.92 34.71 17.36
CA GLU C 61 27.82 36.09 16.88
C GLU C 61 26.99 36.20 15.60
N VAL C 62 27.36 35.40 14.60
CA VAL C 62 26.77 35.52 13.29
C VAL C 62 25.40 34.90 13.21
N LEU C 63 25.22 33.72 13.79
CA LEU C 63 23.95 33.01 13.68
C LEU C 63 23.03 33.27 14.84
N GLY C 64 23.60 33.36 16.02
CA GLY C 64 22.84 33.64 17.22
C GLY C 64 22.56 32.39 18.03
N ALA C 65 22.62 32.55 19.36
CA ALA C 65 22.44 31.45 20.31
C ALA C 65 21.22 30.60 20.02
N ASP C 66 20.28 31.17 19.28
CA ASP C 66 18.97 30.60 19.13
C ASP C 66 18.63 30.23 17.68
N HIS C 67 19.64 30.18 16.81
CA HIS C 67 19.43 29.86 15.41
C HIS C 67 19.17 28.39 15.23
N SER C 68 18.30 28.02 14.31
CA SER C 68 18.12 26.59 14.03
C SER C 68 18.30 26.26 12.56
N PHE C 69 18.29 24.97 12.24
CA PHE C 69 18.58 24.51 10.89
C PHE C 69 17.44 23.69 10.30
N GLY C 70 17.20 23.88 9.00
CA GLY C 70 16.03 23.32 8.32
C GLY C 70 16.40 22.22 7.33
N THR C 71 15.53 21.23 7.22
CA THR C 71 15.62 20.21 6.19
C THR C 71 14.21 20.11 5.67
N GLU C 72 14.05 19.89 4.37
CA GLU C 72 12.75 19.87 3.67
C GLU C 72 12.69 18.79 2.61
N VAL C 73 11.48 18.35 2.30
CA VAL C 73 11.21 17.44 1.20
C VAL C 73 10.27 18.16 0.23
N ALA C 74 10.60 18.15 -1.07
CA ALA C 74 9.87 18.93 -2.06
C ALA C 74 9.62 18.17 -3.36
N ALA C 75 8.40 18.34 -3.90
CA ALA C 75 8.03 17.87 -5.24
C ALA C 75 7.52 19.08 -6.07
N GLU C 76 7.20 18.89 -7.34
CA GLU C 76 6.83 20.04 -8.19
C GLU C 76 5.42 20.56 -7.90
N SER C 77 4.60 19.70 -7.31
CA SER C 77 3.29 20.08 -6.77
C SER C 77 2.64 18.88 -6.10
N ALA C 78 1.81 19.18 -5.11
CA ALA C 78 1.11 18.18 -4.31
C ALA C 78 0.63 16.97 -5.12
N PRO C 79 0.68 15.77 -4.53
CA PRO C 79 0.44 14.54 -5.29
C PRO C 79 -0.83 14.50 -6.15
N GLY C 80 -0.68 13.95 -7.36
CA GLY C 80 -1.74 13.82 -8.36
C GLY C 80 -2.97 13.12 -7.83
N ARG C 81 -3.98 13.02 -8.70
CA ARG C 81 -5.26 12.45 -8.29
C ARG C 81 -5.16 10.98 -7.91
N ARG C 82 -4.01 10.37 -8.23
CA ARG C 82 -3.68 8.98 -7.89
C ARG C 82 -2.60 8.90 -6.81
N GLY C 83 -2.35 10.04 -6.15
CA GLY C 83 -1.30 10.15 -5.15
C GLY C 83 0.09 9.96 -5.72
N GLU C 84 0.24 10.22 -7.01
CA GLU C 84 1.54 10.10 -7.67
C GLU C 84 2.29 11.42 -7.57
N VAL C 85 3.60 11.33 -7.77
CA VAL C 85 4.45 12.49 -7.84
C VAL C 85 5.57 12.11 -8.81
N GLN C 86 6.19 13.11 -9.41
CA GLN C 86 7.25 12.87 -10.36
C GLN C 86 8.61 12.75 -9.66
N ASP C 87 9.38 13.81 -9.63
CA ASP C 87 10.67 13.76 -8.98
C ASP C 87 10.55 14.31 -7.61
N LEU C 88 11.38 13.80 -6.70
CA LEU C 88 11.34 14.17 -5.27
C LEU C 88 12.69 14.62 -4.70
N TYR C 89 12.68 15.69 -3.91
CA TYR C 89 13.92 16.26 -3.38
C TYR C 89 13.99 16.35 -1.86
N LEU C 90 14.98 15.69 -1.28
CA LEU C 90 15.35 15.94 0.12
C LEU C 90 16.36 17.07 0.10
N VAL C 91 16.06 18.14 0.84
CA VAL C 91 16.86 19.37 0.76
C VAL C 91 17.40 19.66 2.13
N GLY C 92 18.72 19.65 2.21
CA GLY C 92 19.39 19.91 3.46
C GLY C 92 19.96 21.30 3.46
N ARG C 93 19.98 21.89 4.66
CA ARG C 93 20.45 23.24 4.82
C ARG C 93 21.33 23.46 6.03
N GLY C 94 22.15 22.47 6.36
CA GLY C 94 23.25 22.71 7.28
C GLY C 94 22.99 22.23 8.68
N ASP C 95 22.00 21.36 8.81
CA ASP C 95 21.67 20.73 10.08
C ASP C 95 22.70 19.67 10.44
N PRO C 96 23.48 19.91 11.50
CA PRO C 96 24.46 18.92 11.86
C PRO C 96 23.90 17.86 12.79
N THR C 97 22.58 17.79 12.95
CA THR C 97 21.98 16.89 13.94
C THR C 97 20.81 16.08 13.38
N LEU C 98 20.70 16.08 12.08
CA LEU C 98 19.69 15.31 11.38
C LEU C 98 19.89 13.82 11.63
N SER C 99 18.92 13.20 12.28
CA SER C 99 18.99 11.77 12.55
C SER C 99 18.23 10.97 11.52
N ALA C 100 18.45 9.64 11.54
CA ALA C 100 17.69 8.71 10.72
C ALA C 100 16.22 8.73 11.17
N GLU C 101 15.99 8.76 12.49
CA GLU C 101 14.63 8.96 13.03
C GLU C 101 13.96 10.23 12.46
N ASP C 102 14.70 11.35 12.47
CA ASP C 102 14.23 12.57 11.80
C ASP C 102 13.79 12.28 10.36
N LEU C 103 14.63 11.57 9.61
CA LEU C 103 14.38 11.23 8.21
C LEU C 103 13.09 10.43 8.07
N ASP C 104 12.93 9.45 8.96
CA ASP C 104 11.74 8.60 8.98
C ASP C 104 10.45 9.38 9.16
N ALA C 105 10.53 10.40 10.01
CA ALA C 105 9.40 11.23 10.41
C ALA C 105 9.00 12.12 9.27
N MET C 106 9.98 12.50 8.45
CA MET C 106 9.73 13.23 7.23
C MET C 106 9.17 12.31 6.14
N ALA C 107 9.50 11.01 6.19
CA ALA C 107 8.80 10.00 5.37
C ALA C 107 7.34 9.92 5.78
N ALA C 108 7.08 9.92 7.09
CA ALA C 108 5.70 9.90 7.58
C ALA C 108 4.86 11.07 7.06
N GLU C 109 5.44 12.27 7.01
CA GLU C 109 4.70 13.45 6.62
C GLU C 109 4.39 13.44 5.14
N VAL C 110 5.32 12.89 4.35
CA VAL C 110 5.13 12.73 2.89
C VAL C 110 3.97 11.81 2.55
N ALA C 111 3.92 10.64 3.18
CA ALA C 111 2.82 9.71 2.97
C ALA C 111 1.52 10.28 3.54
N ALA C 112 1.61 10.98 4.68
CA ALA C 112 0.46 11.68 5.27
C ALA C 112 -0.02 12.86 4.43
N SER C 113 0.43 12.94 3.18
CA SER C 113 -0.07 13.96 2.29
C SER C 113 -0.51 13.32 1.00
N GLY C 114 -0.74 12.01 1.06
CA GLY C 114 -1.45 11.31 0.00
C GLY C 114 -0.55 10.65 -1.02
N VAL C 115 0.77 10.79 -0.84
CA VAL C 115 1.75 10.15 -1.74
C VAL C 115 1.72 8.61 -1.63
N ARG C 116 1.50 7.92 -2.76
CA ARG C 116 1.60 6.46 -2.79
C ARG C 116 2.83 6.04 -3.58
N THR C 117 3.13 6.81 -4.64
CA THR C 117 4.26 6.52 -5.51
C THR C 117 5.05 7.79 -5.92
N VAL C 118 6.38 7.67 -5.90
CA VAL C 118 7.27 8.60 -6.57
C VAL C 118 7.52 7.97 -7.91
N ARG C 119 7.03 8.63 -8.95
CA ARG C 119 7.00 8.03 -10.26
C ARG C 119 8.30 8.28 -11.00
N GLY C 120 9.05 9.27 -10.54
CA GLY C 120 10.32 9.68 -11.16
C GLY C 120 11.53 9.38 -10.29
N ASP C 121 12.36 10.36 -10.02
CA ASP C 121 13.62 10.10 -9.31
C ASP C 121 13.73 10.79 -7.97
N LEU C 122 14.37 10.13 -7.01
CA LEU C 122 14.61 10.76 -5.72
C LEU C 122 15.98 11.40 -5.72
N TYR C 123 16.04 12.68 -5.35
CA TYR C 123 17.31 13.39 -5.29
C TYR C 123 17.67 13.84 -3.90
N ALA C 124 18.96 13.80 -3.59
CA ALA C 124 19.49 14.46 -2.41
C ALA C 124 20.11 15.77 -2.86
N ASP C 125 19.73 16.86 -2.18
CA ASP C 125 20.14 18.22 -2.58
C ASP C 125 20.90 18.90 -1.45
N ASP C 126 22.21 18.92 -1.56
CA ASP C 126 23.03 19.56 -0.54
C ASP C 126 23.66 20.83 -1.09
N THR C 127 22.96 21.45 -2.04
CA THR C 127 23.48 22.64 -2.72
C THR C 127 23.50 23.92 -1.87
N TRP C 128 23.00 23.85 -0.64
CA TRP C 128 23.05 25.02 0.23
C TRP C 128 24.52 25.26 0.55
N PHE C 129 25.33 24.22 0.39
CA PHE C 129 26.77 24.32 0.58
C PHE C 129 27.50 23.86 -0.67
N ASP C 130 28.77 24.30 -0.79
CA ASP C 130 29.85 23.66 -1.57
C ASP C 130 29.75 22.14 -1.74
N SER C 131 30.40 21.66 -2.78
CA SER C 131 30.70 20.25 -2.86
C SER C 131 32.20 19.99 -2.55
N GLU C 132 32.85 20.96 -1.88
CA GLU C 132 34.24 20.76 -1.46
C GLU C 132 34.21 19.98 -0.17
N ARG C 133 34.36 18.67 -0.27
CA ARG C 133 34.19 17.77 0.88
C ARG C 133 35.22 17.88 2.01
N LEU C 134 36.49 18.07 1.65
CA LEU C 134 37.59 18.16 2.61
C LEU C 134 38.46 19.39 2.35
N VAL C 135 39.19 19.82 3.36
CA VAL C 135 40.14 20.92 3.22
C VAL C 135 41.39 20.36 2.57
N ASP C 136 41.90 21.03 1.54
CA ASP C 136 43.04 20.46 0.82
C ASP C 136 44.15 19.88 1.66
N ASP C 137 44.47 20.47 2.81
CA ASP C 137 45.68 20.05 3.57
C ASP C 137 45.42 19.03 4.68
N TRP C 138 44.20 18.51 4.72
CA TRP C 138 43.84 17.48 5.65
C TRP C 138 44.47 16.20 5.11
N TRP C 139 44.79 15.24 5.98
CA TRP C 139 45.42 14.02 5.48
C TRP C 139 44.46 12.96 4.89
N PRO C 140 44.72 12.52 3.64
CA PRO C 140 43.95 11.39 3.05
C PRO C 140 43.91 10.13 3.96
N GLU C 141 45.00 9.84 4.68
CA GLU C 141 44.99 8.73 5.64
C GLU C 141 43.91 8.91 6.73
N ASP C 142 43.58 10.16 7.08
CA ASP C 142 42.57 10.41 8.11
C ASP C 142 41.12 10.23 7.57
N GLU C 143 40.98 10.08 6.28
CA GLU C 143 39.64 10.04 5.67
C GLU C 143 38.68 8.88 6.06
N PRO C 144 39.21 7.71 6.48
CA PRO C 144 38.20 6.77 6.93
C PRO C 144 37.56 7.10 8.28
N TYR C 145 38.23 7.91 9.11
CA TYR C 145 37.76 8.12 10.49
C TYR C 145 36.71 9.22 10.70
N ALA C 146 35.79 8.99 11.65
CA ALA C 146 34.66 9.91 11.90
C ALA C 146 35.10 11.35 11.95
N TYR C 147 36.21 11.64 12.63
CA TYR C 147 36.69 13.03 12.79
C TYR C 147 37.03 13.70 11.46
N SER C 148 37.03 12.92 10.37
CA SER C 148 37.33 13.48 9.06
C SER C 148 36.21 13.23 8.05
N ALA C 149 34.98 13.19 8.58
CA ALA C 149 33.78 12.98 7.78
C ALA C 149 33.73 14.06 6.74
N GLN C 150 33.37 13.67 5.51
CA GLN C 150 33.17 14.65 4.44
C GLN C 150 32.11 15.68 4.86
N ILE C 151 32.17 16.85 4.24
CA ILE C 151 31.36 17.98 4.65
C ILE C 151 30.27 18.27 3.63
N SER C 152 29.01 18.20 4.09
CA SER C 152 27.87 18.42 3.20
C SER C 152 26.77 19.16 3.89
N ALA C 153 25.91 19.78 3.09
CA ALA C 153 24.77 20.48 3.63
C ALA C 153 23.68 19.49 3.95
N LEU C 154 23.85 18.26 3.50
CA LEU C 154 22.90 17.22 3.87
C LEU C 154 23.66 16.00 4.35
N THR C 155 23.61 15.78 5.67
CA THR C 155 24.35 14.72 6.30
C THR C 155 23.60 14.09 7.50
N VAL C 156 23.55 12.76 7.53
CA VAL C 156 22.91 12.08 8.65
C VAL C 156 23.88 12.03 9.82
N ALA C 157 23.39 12.33 11.00
CA ALA C 157 24.22 12.35 12.22
C ALA C 157 23.93 11.10 13.05
N HIS C 158 24.97 10.30 13.26
CA HIS C 158 24.81 9.11 14.08
C HIS C 158 24.83 9.46 15.56
N GLY C 159 23.83 8.91 16.25
CA GLY C 159 23.75 8.92 17.70
C GLY C 159 23.47 10.24 18.35
N GLU C 160 23.47 10.20 19.69
CA GLU C 160 23.25 11.38 20.52
C GLU C 160 24.48 12.28 20.58
N ARG C 161 25.62 11.87 20.02
CA ARG C 161 26.75 12.80 19.84
C ARG C 161 26.75 13.53 18.49
N PHE C 162 25.88 13.07 17.60
CA PHE C 162 25.69 13.69 16.29
C PHE C 162 26.97 13.70 15.48
N ASP C 163 27.63 12.54 15.39
CA ASP C 163 28.78 12.38 14.51
C ASP C 163 28.21 12.22 13.13
N THR C 164 28.54 13.14 12.24
CA THR C 164 27.96 13.18 10.91
C THR C 164 28.77 12.44 9.88
N GLY C 165 28.10 11.97 8.85
CA GLY C 165 28.78 11.51 7.63
C GLY C 165 29.28 10.10 7.74
N VAL C 166 28.75 9.35 8.70
CA VAL C 166 29.30 8.05 9.02
C VAL C 166 28.27 6.91 9.13
N THR C 167 28.75 5.68 9.13
CA THR C 167 27.88 4.53 9.18
C THR C 167 28.49 3.61 10.22
N GLU C 168 27.65 2.93 10.98
CA GLU C 168 28.14 2.10 12.08
C GLU C 168 28.40 0.67 11.64
N VAL C 169 29.67 0.37 11.42
CA VAL C 169 30.17 -0.96 11.06
C VAL C 169 30.23 -1.84 12.31
N SER C 170 29.63 -3.03 12.24
CA SER C 170 29.82 -3.99 13.32
C SER C 170 30.32 -5.28 12.77
N VAL C 171 31.39 -5.80 13.37
CA VAL C 171 32.01 -7.05 12.96
C VAL C 171 31.88 -8.07 14.10
N THR C 172 31.27 -9.23 13.83
CA THR C 172 31.08 -10.24 14.88
C THR C 172 31.68 -11.57 14.44
N PRO C 173 32.14 -12.40 15.40
CA PRO C 173 32.89 -13.60 15.01
C PRO C 173 31.94 -14.73 14.60
N ALA C 174 32.42 -15.62 13.74
CA ALA C 174 31.60 -16.75 13.34
C ALA C 174 32.16 -18.01 14.02
N ALA C 175 32.35 -19.07 13.23
CA ALA C 175 33.05 -20.25 13.69
C ALA C 175 34.54 -20.03 13.42
N GLU C 176 35.39 -20.57 14.29
CA GLU C 176 36.84 -20.49 14.10
C GLU C 176 37.19 -20.88 12.68
N GLY C 177 37.97 -20.03 12.02
CA GLY C 177 38.40 -20.30 10.65
C GLY C 177 37.45 -19.83 9.56
N GLU C 178 36.16 -19.68 9.89
CA GLU C 178 35.19 -19.07 8.97
C GLU C 178 35.42 -17.56 8.88
N PRO C 179 35.07 -16.96 7.73
CA PRO C 179 35.14 -15.50 7.64
C PRO C 179 34.25 -14.85 8.71
N ALA C 180 34.64 -13.65 9.14
CA ALA C 180 33.88 -12.89 10.12
C ALA C 180 32.58 -12.37 9.50
N ASP C 181 31.60 -12.04 10.33
CA ASP C 181 30.35 -11.40 9.81
C ASP C 181 30.34 -9.89 9.96
N VAL C 182 30.07 -9.20 8.84
CA VAL C 182 30.08 -7.74 8.80
C VAL C 182 28.71 -7.15 8.43
N ASP C 183 28.23 -6.24 9.27
CA ASP C 183 27.08 -5.43 8.92
C ASP C 183 27.58 -3.98 8.73
N LEU C 184 27.25 -3.37 7.60
CA LEU C 184 27.71 -1.99 7.33
C LEU C 184 26.88 -0.88 7.99
N GLY C 185 25.87 -1.23 8.76
CA GLY C 185 25.09 -0.21 9.42
C GLY C 185 24.13 0.47 8.46
N ALA C 186 24.01 1.79 8.59
CA ALA C 186 23.15 2.60 7.70
C ALA C 186 23.51 2.45 6.23
N ALA C 187 24.80 2.20 5.96
CA ALA C 187 25.38 2.13 4.62
C ALA C 187 25.19 0.79 3.91
N GLU C 188 24.52 -0.17 4.57
CA GLU C 188 24.24 -1.48 3.94
C GLU C 188 23.38 -1.27 2.72
N GLY C 189 23.95 -1.52 1.55
CA GLY C 189 23.24 -1.25 0.31
C GLY C 189 23.70 0.00 -0.42
N TYR C 190 24.53 0.80 0.26
CA TYR C 190 25.13 2.00 -0.31
C TYR C 190 26.64 1.83 -0.48
N ALA C 191 27.35 1.43 0.58
CA ALA C 191 28.79 1.22 0.50
C ALA C 191 29.03 -0.20 0.05
N GLU C 192 30.21 -0.50 -0.49
CA GLU C 192 30.54 -1.91 -0.78
C GLU C 192 31.42 -2.54 0.26
N LEU C 193 31.07 -3.79 0.59
CA LEU C 193 31.85 -4.60 1.51
C LEU C 193 32.98 -5.35 0.79
N ASP C 194 34.16 -5.31 1.37
CA ASP C 194 35.26 -6.08 0.88
C ASP C 194 35.77 -6.81 2.09
N ASN C 195 35.06 -7.85 2.48
CA ASN C 195 35.37 -8.61 3.71
C ASN C 195 36.45 -9.68 3.59
N ARG C 196 37.69 -9.33 3.84
CA ARG C 196 38.73 -10.34 3.91
C ARG C 196 39.12 -10.69 5.39
N ALA C 197 38.14 -10.62 6.30
CA ALA C 197 38.35 -10.92 7.71
C ALA C 197 38.02 -12.38 8.07
N VAL C 198 38.76 -12.94 9.01
CA VAL C 198 38.55 -14.30 9.51
C VAL C 198 38.30 -14.37 11.02
N THR C 199 37.50 -15.34 11.44
CA THR C 199 37.40 -15.64 12.88
C THR C 199 38.65 -16.42 13.32
N GLY C 200 39.36 -15.89 14.31
CA GLY C 200 40.43 -16.63 15.00
C GLY C 200 39.97 -17.54 16.15
N ALA C 201 40.90 -18.26 16.73
CA ALA C 201 40.63 -19.13 17.87
C ALA C 201 40.28 -18.31 19.09
N ALA C 202 39.43 -18.86 19.94
CA ALA C 202 39.12 -18.20 21.19
C ALA C 202 40.44 -17.92 21.90
N GLY C 203 40.63 -16.67 22.33
CA GLY C 203 41.82 -16.30 23.06
C GLY C 203 42.93 -15.75 22.20
N SER C 204 42.78 -15.87 20.88
CA SER C 204 43.80 -15.41 19.96
C SER C 204 43.88 -13.89 19.96
N ALA C 205 44.91 -13.32 19.35
CA ALA C 205 44.96 -11.86 19.20
C ALA C 205 43.81 -11.35 18.33
N ASN C 206 43.43 -10.09 18.55
CA ASN C 206 42.47 -9.39 17.70
C ASN C 206 43.18 -8.46 16.74
N THR C 207 43.40 -8.90 15.49
CA THR C 207 44.04 -8.05 14.49
C THR C 207 43.06 -7.36 13.59
N LEU C 208 41.79 -7.26 13.99
CA LEU C 208 40.78 -6.71 13.10
C LEU C 208 41.04 -5.25 12.75
N VAL C 209 40.94 -4.96 11.45
CA VAL C 209 41.17 -3.64 10.87
C VAL C 209 39.96 -3.35 9.99
N ILE C 210 39.36 -2.18 10.20
CA ILE C 210 38.22 -1.71 9.40
C ILE C 210 38.54 -0.36 8.73
N ASP C 211 38.49 -0.37 7.41
CA ASP C 211 39.09 0.72 6.62
C ASP C 211 38.23 1.00 5.40
N ARG C 212 38.37 2.21 4.88
CA ARG C 212 37.82 2.62 3.58
C ARG C 212 38.97 3.07 2.66
N PRO C 213 39.44 2.21 1.73
CA PRO C 213 40.54 2.60 0.81
C PRO C 213 40.29 3.95 0.18
N VAL C 214 41.34 4.78 0.12
CA VAL C 214 41.19 6.14 -0.36
C VAL C 214 40.47 6.27 -1.72
N GLY C 215 39.49 7.16 -1.76
CA GLY C 215 38.77 7.45 -3.01
C GLY C 215 37.73 6.40 -3.37
N THR C 216 37.46 5.45 -2.48
CA THR C 216 36.41 4.47 -2.74
C THR C 216 35.27 4.70 -1.80
N ASN C 217 34.12 4.15 -2.14
CA ASN C 217 33.04 4.03 -1.18
C ASN C 217 32.92 2.57 -0.76
N THR C 218 34.09 2.00 -0.42
CA THR C 218 34.23 0.61 0.03
C THR C 218 34.76 0.51 1.49
N ILE C 219 34.06 -0.25 2.30
CA ILE C 219 34.55 -0.63 3.61
C ILE C 219 35.25 -1.97 3.45
N ALA C 220 36.57 -1.94 3.56
CA ALA C 220 37.39 -3.14 3.43
C ALA C 220 37.82 -3.62 4.83
N VAL C 221 37.44 -4.86 5.17
CA VAL C 221 37.64 -5.39 6.51
C VAL C 221 38.68 -6.51 6.47
N THR C 222 39.73 -6.40 7.28
CA THR C 222 40.79 -7.42 7.29
C THR C 222 41.19 -7.89 8.69
N GLY C 223 42.05 -8.90 8.75
CA GLY C 223 42.59 -9.39 10.02
C GLY C 223 41.72 -10.45 10.69
N SER C 224 41.94 -10.65 11.99
CA SER C 224 41.33 -11.75 12.72
C SER C 224 40.51 -11.30 13.94
N LEU C 225 39.37 -11.95 14.17
CA LEU C 225 38.51 -11.64 15.32
C LEU C 225 38.38 -12.91 16.14
N PRO C 226 38.80 -12.89 17.42
CA PRO C 226 38.64 -14.12 18.21
C PRO C 226 37.17 -14.57 18.34
N ALA C 227 36.95 -15.87 18.15
CA ALA C 227 35.64 -16.52 18.24
C ALA C 227 34.90 -16.22 19.56
N ASP C 228 35.66 -15.93 20.61
CA ASP C 228 35.09 -15.52 21.89
C ASP C 228 34.98 -14.01 22.04
N ALA C 229 35.30 -13.25 21.00
CA ALA C 229 35.24 -11.78 21.07
C ALA C 229 33.81 -11.20 21.04
N ALA C 230 33.60 -10.14 21.81
CA ALA C 230 32.35 -9.39 21.74
C ALA C 230 32.41 -8.69 20.39
N PRO C 231 31.27 -8.21 19.89
CA PRO C 231 31.32 -7.61 18.57
C PRO C 231 32.24 -6.39 18.55
N VAL C 232 32.86 -6.12 17.40
CA VAL C 232 33.60 -4.88 17.16
C VAL C 232 32.66 -3.87 16.49
N THR C 233 32.65 -2.64 16.99
CA THR C 233 31.74 -1.67 16.42
C THR C 233 32.59 -0.47 16.14
N ALA C 234 32.55 0.07 14.94
CA ALA C 234 33.40 1.19 14.64
C ALA C 234 32.64 2.12 13.75
N LEU C 235 32.90 3.42 13.88
CA LEU C 235 32.26 4.38 13.01
C LEU C 235 33.23 4.64 11.85
N ARG C 236 32.75 4.46 10.62
CA ARG C 236 33.58 4.82 9.47
C ARG C 236 32.84 5.81 8.56
N THR C 237 33.58 6.71 7.93
CA THR C 237 33.00 7.62 6.96
C THR C 237 32.53 6.88 5.71
N VAL C 238 31.54 7.43 5.02
CA VAL C 238 31.25 7.06 3.63
C VAL C 238 31.55 8.24 2.71
N ASP C 239 31.52 7.96 1.40
CA ASP C 239 31.72 8.95 0.37
C ASP C 239 30.35 9.57 0.07
N GLU C 240 30.29 10.89 -0.04
CA GLU C 240 29.06 11.60 -0.41
C GLU C 240 28.00 11.38 0.65
N PRO C 241 28.17 12.09 1.77
CA PRO C 241 27.23 12.06 2.87
C PRO C 241 25.81 12.30 2.39
N ALA C 242 25.61 13.21 1.42
CA ALA C 242 24.25 13.52 0.94
C ALA C 242 23.61 12.30 0.31
N ALA C 243 24.38 11.58 -0.51
CA ALA C 243 23.91 10.36 -1.15
C ALA C 243 23.59 9.24 -0.15
N LEU C 244 24.29 9.17 0.97
CA LEU C 244 23.83 8.29 2.05
C LEU C 244 22.46 8.76 2.56
N ALA C 245 22.32 10.06 2.83
CA ALA C 245 21.05 10.59 3.28
C ALA C 245 19.97 10.17 2.26
N GLY C 246 20.26 10.34 0.98
CA GLY C 246 19.34 9.94 -0.06
C GLY C 246 19.02 8.48 0.06
N HIS C 247 20.05 7.67 0.26
CA HIS C 247 19.84 6.24 0.40
C HIS C 247 18.86 5.95 1.54
N LEU C 248 19.14 6.47 2.74
CA LEU C 248 18.27 6.23 3.90
C LEU C 248 16.87 6.76 3.71
N PHE C 249 16.79 7.89 3.01
CA PHE C 249 15.51 8.52 2.84
C PHE C 249 14.63 7.69 1.98
N GLU C 250 15.23 7.06 0.98
CA GLU C 250 14.51 6.09 0.18
C GLU C 250 13.97 4.90 1.00
N GLU C 251 14.82 4.27 1.81
CA GLU C 251 14.37 3.15 2.66
C GLU C 251 13.17 3.60 3.53
N ALA C 252 13.36 4.73 4.22
CA ALA C 252 12.33 5.35 5.08
C ALA C 252 11.01 5.55 4.35
N LEU C 253 11.08 6.00 3.10
CA LEU C 253 9.88 6.15 2.29
C LEU C 253 9.17 4.82 2.07
N GLU C 254 9.83 3.82 1.49
CA GLU C 254 9.19 2.52 1.27
C GLU C 254 8.60 1.98 2.56
N SER C 255 9.35 2.19 3.64
CA SER C 255 8.96 1.76 4.98
C SER C 255 7.66 2.42 5.47
N ASN C 256 7.41 3.65 5.02
CA ASN C 256 6.11 4.35 5.22
C ASN C 256 5.15 4.29 3.99
N GLY C 257 5.07 3.15 3.31
CA GLY C 257 4.11 2.95 2.22
C GLY C 257 4.22 3.80 0.96
N VAL C 258 5.44 4.22 0.64
CA VAL C 258 5.70 5.11 -0.49
C VAL C 258 6.76 4.44 -1.36
N THR C 259 6.41 4.22 -2.62
CA THR C 259 7.23 3.43 -3.51
C THR C 259 7.97 4.40 -4.42
N VAL C 260 9.29 4.22 -4.52
CA VAL C 260 10.10 5.06 -5.38
C VAL C 260 10.44 4.27 -6.61
N LYS C 261 10.00 4.75 -7.78
CA LYS C 261 10.24 4.00 -9.01
C LYS C 261 11.64 4.20 -9.62
N GLY C 262 12.18 5.41 -9.51
CA GLY C 262 13.42 5.76 -10.20
C GLY C 262 14.66 5.62 -9.34
N ASP C 263 15.69 6.38 -9.66
CA ASP C 263 16.98 6.22 -9.03
C ASP C 263 17.14 7.14 -7.81
N VAL C 264 18.18 6.93 -7.02
CA VAL C 264 18.56 7.86 -5.96
C VAL C 264 19.90 8.47 -6.33
N GLY C 265 19.99 9.78 -6.26
CA GLY C 265 21.23 10.43 -6.60
C GLY C 265 21.26 11.83 -6.07
N LEU C 266 22.31 12.54 -6.46
CA LEU C 266 22.53 13.90 -6.06
C LEU C 266 21.82 14.76 -7.05
N GLY C 267 21.25 15.88 -6.61
CA GLY C 267 20.56 16.78 -7.52
C GLY C 267 20.03 18.00 -6.81
N GLY C 268 19.99 19.12 -7.52
CA GLY C 268 19.50 20.39 -6.97
C GLY C 268 18.06 20.67 -7.42
N VAL C 269 17.24 21.19 -6.52
CA VAL C 269 15.87 21.57 -6.86
C VAL C 269 15.93 22.58 -8.00
N PRO C 270 15.20 22.30 -9.11
CA PRO C 270 15.22 23.13 -10.33
C PRO C 270 14.72 24.55 -10.13
N ALA C 271 15.32 25.47 -10.88
CA ALA C 271 14.83 26.83 -10.96
C ALA C 271 13.48 26.87 -11.69
N ASP C 272 13.22 25.82 -12.48
CA ASP C 272 11.97 25.62 -13.23
C ASP C 272 10.75 25.66 -12.37
N TRP C 273 10.86 25.03 -11.21
CA TRP C 273 9.76 24.83 -10.32
C TRP C 273 9.24 26.19 -9.90
N GLN C 274 7.98 26.43 -10.21
CA GLN C 274 7.41 27.77 -10.14
C GLN C 274 6.77 28.03 -8.79
N ASP C 275 6.37 26.93 -8.14
CA ASP C 275 5.62 26.92 -6.90
C ASP C 275 5.75 25.51 -6.34
N ALA C 276 6.80 25.29 -5.55
CA ALA C 276 7.19 23.96 -5.12
C ALA C 276 6.33 23.52 -3.95
N GLU C 277 5.91 22.27 -3.94
CA GLU C 277 5.16 21.76 -2.80
C GLU C 277 6.06 21.14 -1.74
N VAL C 278 6.13 21.80 -0.59
CA VAL C 278 6.89 21.29 0.54
C VAL C 278 6.05 20.26 1.26
N LEU C 279 6.47 19.00 1.15
CA LEU C 279 5.68 17.87 1.63
C LEU C 279 6.12 17.32 2.99
N ALA C 280 7.34 17.67 3.41
CA ALA C 280 7.81 17.46 4.79
C ALA C 280 8.91 18.46 5.10
N ASP C 281 9.12 18.68 6.39
CA ASP C 281 10.27 19.45 6.86
C ASP C 281 10.66 19.03 8.28
N HIS C 282 11.83 19.48 8.74
CA HIS C 282 12.31 19.23 10.10
C HIS C 282 13.17 20.40 10.55
N THR C 283 13.04 20.80 11.81
CA THR C 283 13.87 21.87 12.35
C THR C 283 14.75 21.33 13.46
N SER C 284 16.04 21.63 13.42
CA SER C 284 16.96 21.21 14.50
C SER C 284 16.72 21.99 15.80
N ALA C 285 17.25 21.47 16.90
CA ALA C 285 17.44 22.23 18.13
C ALA C 285 18.20 23.52 17.81
N GLU C 286 18.11 24.48 18.72
CA GLU C 286 18.75 25.78 18.53
C GLU C 286 20.25 25.73 18.75
N LEU C 287 20.99 26.70 18.20
CA LEU C 287 22.47 26.65 18.24
C LEU C 287 22.96 26.38 19.63
N SER C 288 22.36 27.06 20.62
CA SER C 288 22.79 26.93 22.02
C SER C 288 22.79 25.47 22.48
N GLU C 289 21.84 24.66 22.02
CA GLU C 289 21.76 23.26 22.46
C GLU C 289 22.82 22.43 21.78
N ILE C 290 22.98 22.69 20.48
CA ILE C 290 23.91 22.00 19.61
C ILE C 290 25.35 22.20 20.10
N LEU C 291 25.63 23.33 20.73
CA LEU C 291 26.99 23.61 21.22
C LEU C 291 27.53 22.53 22.12
N VAL C 292 26.66 21.91 22.88
CA VAL C 292 27.04 20.92 23.88
C VAL C 292 27.65 19.64 23.23
N PRO C 293 26.89 18.92 22.39
CA PRO C 293 27.61 17.80 21.78
C PRO C 293 28.77 18.23 20.87
N PHE C 294 28.69 19.45 20.35
CA PHE C 294 29.76 20.03 19.58
C PHE C 294 31.04 20.17 20.40
N MET C 295 31.02 21.02 21.44
CA MET C 295 32.27 21.34 22.18
C MET C 295 32.66 20.29 23.22
N LYS C 296 31.68 19.60 23.78
CA LYS C 296 32.00 18.57 24.78
C LYS C 296 32.89 17.46 24.20
N PHE C 297 32.53 16.97 23.03
CA PHE C 297 33.22 15.83 22.44
C PHE C 297 34.12 16.23 21.27
N SER C 298 34.08 17.51 20.89
CA SER C 298 34.89 18.08 19.81
C SER C 298 34.55 17.53 18.41
N ASN C 299 33.37 17.90 17.95
CA ASN C 299 32.88 17.47 16.66
C ASN C 299 33.41 18.27 15.42
N ASN C 300 34.35 17.69 14.68
CA ASN C 300 34.96 18.37 13.55
C ASN C 300 33.96 18.77 12.47
N GLY C 301 33.09 17.83 12.09
CA GLY C 301 32.01 18.13 11.13
C GLY C 301 31.09 19.28 11.56
N HIS C 302 30.71 19.32 12.85
CA HIS C 302 29.90 20.41 13.37
C HIS C 302 30.56 21.75 13.03
N ALA C 303 31.85 21.84 13.30
CA ALA C 303 32.63 23.07 13.10
C ALA C 303 32.70 23.53 11.63
N GLU C 304 33.03 22.61 10.72
CA GLU C 304 33.15 22.95 9.30
C GLU C 304 31.78 23.38 8.76
N MET C 305 30.73 22.63 9.12
CA MET C 305 29.41 22.94 8.66
C MET C 305 29.07 24.35 9.13
N LEU C 306 29.34 24.64 10.39
CA LEU C 306 29.08 25.98 10.91
C LEU C 306 29.78 27.07 10.09
N VAL C 307 31.03 26.81 9.66
CA VAL C 307 31.80 27.77 8.88
C VAL C 307 31.10 28.08 7.57
N LYS C 308 30.55 27.07 6.92
CA LYS C 308 29.84 27.30 5.67
C LYS C 308 28.48 27.96 5.94
N SER C 309 27.85 27.62 7.05
CA SER C 309 26.63 28.31 7.47
C SER C 309 26.97 29.81 7.62
N ILE C 310 28.05 30.12 8.35
CA ILE C 310 28.61 31.48 8.44
C ILE C 310 28.86 32.08 7.05
N GLY C 311 29.50 31.31 6.17
CA GLY C 311 29.56 31.69 4.77
C GLY C 311 28.21 32.13 4.23
N GLN C 312 27.19 31.25 4.35
CA GLN C 312 25.84 31.54 3.82
C GLN C 312 25.21 32.77 4.47
N GLU C 313 25.23 32.82 5.80
CA GLU C 313 24.62 33.94 6.54
C GLU C 313 25.29 35.29 6.28
N THR C 314 26.38 35.29 5.54
CA THR C 314 27.27 36.44 5.53
C THR C 314 27.53 36.94 4.13
N ALA C 315 27.72 36.01 3.22
CA ALA C 315 28.05 36.33 1.86
C ALA C 315 27.13 35.53 0.95
N GLY C 316 26.21 34.77 1.52
CA GLY C 316 25.35 33.90 0.71
C GLY C 316 26.18 32.94 -0.14
N ALA C 317 27.10 32.23 0.52
CA ALA C 317 28.01 31.30 -0.14
C ALA C 317 28.43 30.30 0.91
N GLY C 318 27.99 29.06 0.77
CA GLY C 318 28.26 28.06 1.79
C GLY C 318 29.61 27.46 1.51
N THR C 319 30.68 28.24 1.73
CA THR C 319 32.00 27.78 1.37
C THR C 319 33.02 28.06 2.45
N TRP C 320 34.19 27.47 2.29
CA TRP C 320 35.27 27.70 3.22
C TRP C 320 35.88 29.11 3.13
N ASP C 321 36.08 29.62 1.91
CA ASP C 321 36.63 30.98 1.77
C ASP C 321 35.72 32.06 2.34
N ALA C 322 34.41 31.92 2.08
CA ALA C 322 33.40 32.82 2.62
C ALA C 322 33.35 32.78 4.15
N GLY C 323 33.11 31.58 4.69
CA GLY C 323 32.92 31.41 6.13
C GLY C 323 34.12 31.78 6.98
N LEU C 324 35.31 31.43 6.52
CA LEU C 324 36.50 31.79 7.28
C LEU C 324 36.67 33.31 7.32
N VAL C 325 36.51 33.95 6.16
CA VAL C 325 36.47 35.38 6.15
C VAL C 325 35.42 35.83 7.19
N GLY C 326 34.19 35.31 7.04
CA GLY C 326 33.12 35.57 7.98
C GLY C 326 33.52 35.35 9.42
N VAL C 327 34.28 34.29 9.69
CA VAL C 327 34.69 33.99 11.08
C VAL C 327 35.60 35.11 11.63
N GLU C 328 36.58 35.53 10.84
CA GLU C 328 37.52 36.58 11.21
C GLU C 328 36.77 37.88 11.53
N GLU C 329 35.77 38.20 10.71
CA GLU C 329 34.99 39.42 10.89
C GLU C 329 34.14 39.41 12.17
N ALA C 330 33.49 38.29 12.46
CA ALA C 330 32.75 38.14 13.72
C ALA C 330 33.69 38.28 14.89
N LEU C 331 34.91 37.74 14.77
CA LEU C 331 35.93 37.90 15.83
C LEU C 331 36.41 39.34 16.05
N SER C 332 36.57 40.10 14.98
CA SER C 332 36.82 41.52 15.10
C SER C 332 35.60 42.18 15.72
N GLY C 333 34.44 41.90 15.13
CA GLY C 333 33.17 42.39 15.65
C GLY C 333 33.05 42.27 17.16
N LEU C 334 33.56 41.16 17.70
CA LEU C 334 33.59 40.85 19.13
C LEU C 334 34.69 41.59 19.89
N GLY C 335 35.72 42.05 19.17
CA GLY C 335 36.76 42.90 19.77
C GLY C 335 38.09 42.22 20.06
N VAL C 336 38.30 41.08 19.39
CA VAL C 336 39.52 40.29 19.43
C VAL C 336 40.47 40.81 18.36
N ASP C 337 41.69 41.19 18.74
CA ASP C 337 42.67 41.50 17.72
C ASP C 337 43.02 40.18 17.03
N THR C 338 42.58 40.06 15.77
CA THR C 338 42.83 38.86 14.96
C THR C 338 44.16 38.85 14.15
N ALA C 339 45.09 39.75 14.48
CA ALA C 339 46.31 39.93 13.68
C ALA C 339 47.16 38.66 13.60
N GLY C 340 47.17 37.89 14.69
CA GLY C 340 47.95 36.64 14.79
C GLY C 340 47.28 35.36 14.28
N LEU C 341 45.98 35.42 14.07
CA LEU C 341 45.22 34.31 13.58
C LEU C 341 45.41 34.09 12.09
N VAL C 342 45.79 32.86 11.74
CA VAL C 342 45.75 32.38 10.36
C VAL C 342 44.68 31.29 10.41
N LEU C 343 43.68 31.41 9.54
CA LEU C 343 42.49 30.55 9.56
C LEU C 343 42.40 29.70 8.33
N ASN C 344 42.48 28.38 8.50
CA ASN C 344 42.41 27.43 7.38
C ASN C 344 41.21 26.50 7.44
N ASP C 345 40.72 26.21 8.66
CA ASP C 345 39.43 25.51 8.85
C ASP C 345 38.68 25.84 10.14
N GLY C 346 37.56 25.17 10.34
CA GLY C 346 36.76 25.47 11.50
C GLY C 346 37.13 24.60 12.67
N SER C 347 37.56 23.35 12.39
CA SER C 347 37.65 22.33 13.46
C SER C 347 38.98 22.28 14.19
N GLY C 348 40.02 22.79 13.53
CA GLY C 348 41.39 22.79 14.05
C GLY C 348 42.13 21.57 13.55
N LEU C 349 41.56 20.89 12.57
CA LEU C 349 42.14 19.67 12.06
C LEU C 349 43.31 19.98 11.16
N SER C 350 43.18 21.06 10.40
CA SER C 350 44.14 21.42 9.38
C SER C 350 45.42 21.90 10.01
N ARG C 351 46.53 21.49 9.43
CA ARG C 351 47.80 21.91 9.94
C ARG C 351 48.14 23.33 9.51
N GLY C 352 47.28 23.91 8.67
CA GLY C 352 47.50 25.28 8.20
C GLY C 352 46.91 26.29 9.15
N ASN C 353 46.44 25.85 10.31
CA ASN C 353 45.87 26.79 11.28
C ASN C 353 46.93 27.38 12.18
N LEU C 354 46.88 28.69 12.39
CA LEU C 354 47.73 29.30 13.43
C LEU C 354 46.97 30.19 14.41
N VAL C 355 47.35 30.13 15.69
CA VAL C 355 46.86 31.05 16.73
C VAL C 355 48.03 31.59 17.54
N THR C 356 47.75 32.44 18.52
CA THR C 356 48.73 32.73 19.56
C THR C 356 48.02 32.66 20.90
N ALA C 357 48.73 32.25 21.95
CA ALA C 357 48.15 32.21 23.28
C ALA C 357 47.40 33.51 23.65
N ASP C 358 48.06 34.65 23.47
CA ASP C 358 47.43 35.94 23.72
C ASP C 358 46.06 36.01 23.07
N THR C 359 46.00 35.71 21.78
CA THR C 359 44.73 35.68 21.03
C THR C 359 43.63 34.82 21.66
N VAL C 360 44.01 33.63 22.12
CA VAL C 360 43.04 32.72 22.70
C VAL C 360 42.49 33.33 23.99
N VAL C 361 43.37 33.96 24.75
CA VAL C 361 42.98 34.59 25.99
C VAL C 361 42.08 35.82 25.73
N ASP C 362 42.46 36.63 24.74
CA ASP C 362 41.64 37.75 24.25
C ASP C 362 40.24 37.28 23.89
N LEU C 363 40.13 36.25 23.05
CA LEU C 363 38.83 35.65 22.74
C LEU C 363 38.08 35.17 23.98
N LEU C 364 38.82 34.58 24.94
CA LEU C 364 38.18 34.00 26.13
C LEU C 364 37.57 35.09 26.97
N GLY C 365 38.32 36.18 27.14
CA GLY C 365 37.89 37.38 27.85
C GLY C 365 36.65 38.07 27.32
N GLN C 366 36.62 38.28 26.01
CA GLN C 366 35.50 38.91 25.32
C GLN C 366 34.31 37.99 25.36
N ALA C 367 34.54 36.72 25.06
CA ALA C 367 33.49 35.72 25.14
C ALA C 367 32.72 35.87 26.45
N GLY C 368 33.43 36.10 27.54
CA GLY C 368 32.83 36.22 28.88
C GLY C 368 31.94 37.44 29.07
N SER C 369 32.07 38.43 28.20
CA SER C 369 31.24 39.61 28.27
C SER C 369 30.01 39.52 27.36
N ALA C 370 30.07 38.67 26.35
CA ALA C 370 29.01 38.60 25.33
C ALA C 370 27.63 38.13 25.88
N PRO C 371 26.54 38.47 25.16
CA PRO C 371 25.20 38.07 25.61
C PRO C 371 25.07 36.57 25.82
N TRP C 372 25.91 35.82 25.13
CA TRP C 372 25.80 34.37 25.14
C TRP C 372 26.89 33.71 26.01
N ALA C 373 27.57 34.52 26.83
CA ALA C 373 28.64 34.01 27.71
C ALA C 373 28.28 32.72 28.44
N GLN C 374 27.02 32.58 28.85
CA GLN C 374 26.59 31.45 29.66
C GLN C 374 26.41 30.17 28.85
N THR C 375 25.72 30.24 27.72
CA THR C 375 25.59 29.06 26.87
C THR C 375 26.95 28.63 26.33
N TRP C 376 27.87 29.60 26.26
CA TRP C 376 29.22 29.33 25.79
C TRP C 376 29.98 28.59 26.87
N SER C 377 29.96 29.12 28.09
CA SER C 377 30.61 28.45 29.22
C SER C 377 30.10 27.00 29.38
N ALA C 378 28.78 26.84 29.43
CA ALA C 378 28.11 25.56 29.57
C ALA C 378 28.61 24.48 28.58
N SER C 379 29.04 24.91 27.39
CA SER C 379 29.50 23.93 26.40
C SER C 379 30.85 23.29 26.69
N LEU C 380 31.77 23.99 27.35
CA LEU C 380 33.12 23.48 27.47
C LEU C 380 33.21 22.23 28.36
N PRO C 381 34.13 21.32 28.05
CA PRO C 381 34.45 20.26 28.99
C PRO C 381 34.65 20.79 30.43
N VAL C 382 34.07 20.08 31.41
CA VAL C 382 34.35 20.37 32.81
C VAL C 382 35.31 19.34 33.39
N ALA C 383 36.48 19.82 33.80
CA ALA C 383 37.54 18.95 34.32
C ALA C 383 37.09 17.94 35.38
N GLY C 384 37.24 16.68 35.02
CA GLY C 384 37.24 15.60 35.98
C GLY C 384 35.86 15.06 36.20
N GLU C 385 34.87 15.62 35.51
CA GLU C 385 33.50 15.16 35.65
C GLU C 385 33.25 13.88 34.86
N SER C 386 32.95 12.79 35.56
CA SER C 386 32.79 11.45 34.95
C SER C 386 31.73 11.36 33.85
N ASP C 387 30.60 12.03 34.01
CA ASP C 387 29.45 11.95 33.10
C ASP C 387 29.75 12.60 31.72
N PRO C 388 29.79 11.80 30.63
CA PRO C 388 30.45 12.28 29.40
C PRO C 388 29.93 13.61 28.85
N PHE C 389 28.67 13.95 29.13
CA PHE C 389 28.08 15.19 28.62
C PHE C 389 28.40 16.42 29.48
N VAL C 390 28.98 16.18 30.64
CA VAL C 390 29.52 17.24 31.47
C VAL C 390 31.04 17.30 31.28
N GLY C 391 31.71 16.16 31.45
CA GLY C 391 33.15 16.09 31.36
C GLY C 391 33.68 16.07 29.94
N GLY C 392 32.93 15.48 29.03
CA GLY C 392 33.39 15.44 27.64
C GLY C 392 34.81 14.91 27.61
N THR C 393 35.72 15.64 26.95
CA THR C 393 37.11 15.16 26.74
C THR C 393 38.05 15.46 27.89
N LEU C 394 37.52 16.08 28.95
CA LEU C 394 38.21 16.20 30.25
C LEU C 394 37.76 15.17 31.27
N ALA C 395 36.80 14.33 30.90
CA ALA C 395 36.17 13.44 31.87
C ALA C 395 37.19 12.67 32.71
N ASN C 396 38.31 12.30 32.10
CA ASN C 396 39.27 11.40 32.73
C ASN C 396 40.47 12.10 33.31
N ARG C 397 40.52 13.41 33.12
CA ARG C 397 41.65 14.21 33.58
C ARG C 397 41.35 14.96 34.87
N MET C 398 42.37 15.19 35.69
CA MET C 398 42.26 16.06 36.87
C MET C 398 41.25 15.66 37.98
N ARG C 399 40.70 14.45 37.93
CA ARG C 399 39.95 13.92 39.08
C ARG C 399 40.77 13.99 40.36
N GLY C 400 40.15 14.46 41.43
CA GLY C 400 40.78 14.45 42.74
C GLY C 400 41.69 15.64 42.97
N THR C 401 41.64 16.61 42.04
CA THR C 401 42.48 17.81 42.09
C THR C 401 41.61 19.01 42.40
N ALA C 402 42.22 20.15 42.69
CA ALA C 402 41.44 21.37 42.93
C ALA C 402 40.66 21.81 41.69
N ALA C 403 41.05 21.29 40.52
CA ALA C 403 40.36 21.61 39.27
C ALA C 403 39.10 20.77 39.01
N GLU C 404 38.93 19.67 39.76
CA GLU C 404 37.74 18.82 39.60
C GLU C 404 36.47 19.61 39.76
N GLY C 405 35.59 19.49 38.79
CA GLY C 405 34.32 20.19 38.81
C GLY C 405 34.41 21.68 38.56
N VAL C 406 35.65 22.20 38.45
CA VAL C 406 35.88 23.66 38.32
C VAL C 406 36.39 24.13 36.96
N VAL C 407 37.47 23.54 36.48
CA VAL C 407 38.13 24.06 35.29
C VAL C 407 37.19 23.76 34.14
N GLU C 408 36.89 24.80 33.35
CA GLU C 408 36.09 24.68 32.14
C GLU C 408 37.02 24.97 30.96
N ALA C 409 37.28 23.98 30.11
CA ALA C 409 38.26 24.16 29.02
C ALA C 409 38.07 23.25 27.82
N LYS C 410 38.63 23.69 26.69
CA LYS C 410 38.64 22.95 25.44
C LYS C 410 40.01 22.37 25.17
N THR C 411 40.03 21.09 24.76
CA THR C 411 41.23 20.31 24.56
C THR C 411 41.61 20.35 23.10
N GLY C 412 42.61 19.55 22.73
CA GLY C 412 43.16 19.53 21.38
C GLY C 412 44.45 18.73 21.32
N THR C 413 44.46 17.67 20.51
CA THR C 413 45.63 16.84 20.34
C THR C 413 45.80 16.28 18.93
N MET C 414 47.03 16.36 18.43
CA MET C 414 47.50 15.54 17.32
C MET C 414 49.02 15.59 17.31
N SER C 415 49.68 14.81 16.46
CA SER C 415 51.11 14.66 16.66
C SER C 415 51.82 15.99 16.58
N GLY C 416 52.52 16.30 17.68
CA GLY C 416 53.36 17.48 17.73
C GLY C 416 52.60 18.64 18.28
N VAL C 417 51.32 18.41 18.55
CA VAL C 417 50.41 19.51 18.84
C VAL C 417 49.44 19.16 19.93
N SER C 418 49.44 19.93 21.01
CA SER C 418 48.43 19.78 22.03
C SER C 418 48.11 21.11 22.69
N ALA C 419 46.85 21.27 23.08
CA ALA C 419 46.41 22.51 23.67
C ALA C 419 45.31 22.31 24.72
N LEU C 420 45.33 23.18 25.73
CA LEU C 420 44.23 23.31 26.68
C LEU C 420 44.01 24.79 26.96
N SER C 421 42.78 25.25 26.76
CA SER C 421 42.46 26.63 27.08
C SER C 421 41.05 26.74 27.57
N GLY C 422 40.84 27.60 28.57
CA GLY C 422 39.50 27.90 29.08
C GLY C 422 39.52 28.82 30.28
N TYR C 423 38.59 28.58 31.21
CA TYR C 423 38.40 29.43 32.37
C TYR C 423 38.57 28.65 33.65
N VAL C 424 38.98 29.36 34.71
CA VAL C 424 38.98 28.86 36.07
C VAL C 424 38.11 29.81 36.87
N PRO C 425 36.78 29.54 36.91
CA PRO C 425 35.90 30.34 37.74
C PRO C 425 36.32 30.24 39.19
N GLY C 426 35.75 31.11 40.03
CA GLY C 426 36.20 31.24 41.40
C GLY C 426 35.80 32.53 42.07
N PRO C 427 35.71 32.48 43.42
CA PRO C 427 35.46 33.60 44.33
C PRO C 427 36.33 34.82 44.00
N GLU C 428 37.62 34.58 43.72
CA GLU C 428 38.61 35.65 43.53
C GLU C 428 38.49 36.37 42.16
N GLY C 429 37.49 35.98 41.34
CA GLY C 429 37.32 36.53 40.00
C GLY C 429 37.94 35.62 38.96
N GLU C 430 37.07 35.04 38.14
CA GLU C 430 37.39 34.24 36.97
C GLU C 430 38.75 34.47 36.27
N LEU C 431 39.53 33.39 36.15
CA LEU C 431 40.76 33.36 35.35
C LEU C 431 40.50 32.79 33.94
N ALA C 432 41.25 33.26 32.95
CA ALA C 432 41.16 32.72 31.60
C ALA C 432 42.55 32.29 31.22
N PHE C 433 42.73 31.06 30.77
CA PHE C 433 44.10 30.61 30.47
C PHE C 433 44.13 29.93 29.11
N SER C 434 45.33 29.86 28.53
CA SER C 434 45.56 29.19 27.27
C SER C 434 46.93 28.55 27.32
N ILE C 435 46.97 27.26 27.03
CA ILE C 435 48.20 26.51 27.02
C ILE C 435 48.30 25.83 25.68
N VAL C 436 49.25 26.23 24.84
CA VAL C 436 49.36 25.63 23.50
C VAL C 436 50.77 25.10 23.32
N ASN C 437 50.89 23.78 23.17
CA ASN C 437 52.16 23.10 23.04
C ASN C 437 52.42 22.67 21.62
N ASN C 438 53.60 22.99 21.08
CA ASN C 438 54.01 22.56 19.74
C ASN C 438 55.43 21.91 19.71
N GLY C 439 55.62 20.98 18.77
CA GLY C 439 56.93 20.38 18.55
C GLY C 439 57.55 19.50 19.63
N HIS C 440 56.76 19.14 20.64
CA HIS C 440 57.19 18.09 21.56
C HIS C 440 57.36 16.76 20.78
N SER C 441 58.30 15.92 21.20
CA SER C 441 58.58 14.70 20.42
C SER C 441 57.67 13.51 20.71
N GLY C 442 57.00 13.49 21.87
CA GLY C 442 56.27 12.30 22.32
C GLY C 442 54.74 12.38 22.36
N PRO C 443 54.12 11.72 23.34
CA PRO C 443 52.68 11.83 23.46
C PRO C 443 52.36 13.23 23.93
N ALA C 444 51.12 13.67 23.70
CA ALA C 444 50.62 14.95 24.23
C ALA C 444 51.03 15.16 25.69
N PRO C 445 51.56 16.35 26.03
CA PRO C 445 51.86 16.70 27.43
C PRO C 445 50.58 17.05 28.21
N LEU C 446 49.67 16.09 28.29
CA LEU C 446 48.40 16.26 28.97
C LEU C 446 48.65 16.50 30.45
N ALA C 447 49.53 15.70 31.03
CA ALA C 447 49.80 15.75 32.47
C ALA C 447 50.31 17.12 32.95
N VAL C 448 51.02 17.80 32.05
CA VAL C 448 51.59 19.12 32.30
C VAL C 448 50.50 20.19 32.25
N GLN C 449 49.67 20.11 31.20
CA GLN C 449 48.56 21.03 31.10
C GLN C 449 47.73 20.88 32.34
N ASP C 450 47.46 19.64 32.73
CA ASP C 450 46.77 19.35 33.99
C ASP C 450 47.43 20.10 35.17
N ALA C 451 48.71 19.84 35.37
CA ALA C 451 49.48 20.48 36.42
C ALA C 451 49.26 22.00 36.42
N ILE C 452 49.38 22.62 35.25
CA ILE C 452 49.11 24.05 35.18
C ILE C 452 47.67 24.38 35.62
N ALA C 453 46.69 23.66 35.07
CA ALA C 453 45.28 23.94 35.39
C ALA C 453 44.98 23.79 36.89
N VAL C 454 45.59 22.78 37.52
CA VAL C 454 45.41 22.55 38.93
C VAL C 454 46.02 23.69 39.74
N ARG C 455 47.19 24.18 39.32
CA ARG C 455 47.84 25.28 40.03
C ARG C 455 47.00 26.57 40.01
N LEU C 456 46.52 26.96 38.84
CA LEU C 456 45.56 28.07 38.71
C LEU C 456 44.33 27.84 39.60
N ALA C 457 43.76 26.64 39.55
CA ALA C 457 42.58 26.36 40.37
C ALA C 457 42.86 26.61 41.85
N GLU C 458 44.04 26.23 42.33
CA GLU C 458 44.46 26.55 43.71
C GLU C 458 44.51 28.07 43.98
N TYR C 459 45.24 28.76 43.12
CA TYR C 459 45.35 30.21 43.18
C TYR C 459 43.97 30.87 43.28
N ALA C 460 43.00 30.38 42.50
CA ALA C 460 41.62 30.87 42.56
C ALA C 460 40.90 30.53 43.85
N GLY C 461 41.58 29.84 44.78
CA GLY C 461 41.01 29.50 46.09
C GLY C 461 40.17 28.22 46.16
N HIS C 462 40.51 27.25 45.32
CA HIS C 462 39.87 25.94 45.35
C HIS C 462 40.75 24.89 46.02
N GLN C 463 40.09 23.83 46.48
CA GLN C 463 40.78 22.65 46.98
C GLN C 463 40.19 21.33 46.47
N ALA C 464 41.01 20.30 46.44
CA ALA C 464 40.59 18.95 46.09
C ALA C 464 39.30 18.50 46.81
N PRO C 465 38.23 18.18 46.04
CA PRO C 465 36.94 17.84 46.67
C PRO C 465 37.01 16.65 47.66
N GLU C 466 36.18 16.52 48.57
N ARG D 1 -2.60 -23.49 24.50
CA ARG D 1 -2.56 -22.87 25.86
C ARG D 1 -3.42 -21.61 25.89
N LEU D 2 -4.00 -21.29 24.74
CA LEU D 2 -4.85 -20.12 24.53
C LEU D 2 -6.07 -20.03 25.47
N THR D 3 -6.65 -21.20 25.77
CA THR D 3 -7.98 -21.35 26.35
C THR D 3 -7.94 -21.55 27.87
N GLU D 4 -6.84 -22.14 28.33
CA GLU D 4 -6.61 -22.49 29.74
C GLU D 4 -6.58 -21.22 30.57
N LEU D 5 -5.74 -20.30 30.12
CA LEU D 5 -5.55 -18.98 30.71
C LEU D 5 -6.87 -18.37 31.18
N ARG D 6 -7.85 -18.33 30.29
CA ARG D 6 -9.12 -17.68 30.56
C ARG D 6 -9.87 -18.25 31.77
N GLU D 7 -9.58 -19.51 32.10
CA GLU D 7 -10.20 -20.16 33.23
C GLU D 7 -9.27 -20.13 34.43
N ASP D 8 -7.96 -20.10 34.14
CA ASP D 8 -6.91 -19.90 35.16
C ASP D 8 -7.22 -18.64 35.96
N ILE D 9 -7.59 -17.58 35.23
CA ILE D 9 -7.81 -16.26 35.77
C ILE D 9 -9.22 -16.17 36.35
N ASP D 10 -10.21 -16.67 35.61
CA ASP D 10 -11.58 -16.81 36.12
C ASP D 10 -11.56 -17.37 37.54
N ALA D 11 -10.65 -18.31 37.78
CA ALA D 11 -10.38 -18.89 39.11
C ALA D 11 -9.73 -17.91 40.11
N ILE D 12 -8.72 -17.15 39.65
CA ILE D 12 -7.96 -16.26 40.53
C ILE D 12 -8.83 -15.19 41.15
N LEU D 13 -9.68 -14.59 40.33
CA LEU D 13 -10.62 -13.55 40.78
C LEU D 13 -11.72 -14.09 41.69
N GLU D 14 -11.69 -15.39 41.98
CA GLU D 14 -12.65 -16.04 42.90
C GLU D 14 -12.10 -16.10 44.32
N ASP D 15 -10.96 -15.46 44.54
CA ASP D 15 -10.35 -15.37 45.86
C ASP D 15 -11.18 -14.45 46.77
N PRO D 16 -11.63 -14.99 47.92
CA PRO D 16 -12.24 -14.29 49.05
C PRO D 16 -11.87 -12.81 49.22
N ALA D 17 -10.61 -12.47 48.99
CA ALA D 17 -10.16 -11.07 49.08
C ALA D 17 -11.00 -10.12 48.20
N LEU D 18 -11.46 -10.61 47.05
CA LEU D 18 -12.22 -9.79 46.09
C LEU D 18 -13.73 -9.78 46.30
N GLU D 19 -14.21 -10.46 47.33
CA GLU D 19 -15.61 -10.39 47.71
C GLU D 19 -16.11 -8.97 47.83
N GLY D 20 -17.27 -8.70 47.26
CA GLY D 20 -17.90 -7.37 47.34
C GLY D 20 -17.21 -6.34 46.45
N ALA D 21 -16.06 -6.72 45.89
CA ALA D 21 -15.26 -5.83 45.05
C ALA D 21 -15.50 -5.97 43.55
N VAL D 22 -15.51 -4.81 42.89
CA VAL D 22 -15.51 -4.70 41.45
C VAL D 22 -14.08 -4.83 40.98
N SER D 23 -13.88 -5.44 39.82
CA SER D 23 -12.52 -5.64 39.31
C SER D 23 -12.45 -5.54 37.79
N GLY D 24 -11.81 -4.47 37.32
CA GLY D 24 -11.58 -4.28 35.91
C GLY D 24 -10.32 -5.02 35.58
N VAL D 25 -10.43 -6.08 34.78
CA VAL D 25 -9.28 -6.83 34.29
C VAL D 25 -9.35 -7.03 32.78
N VAL D 26 -8.31 -6.56 32.08
CA VAL D 26 -8.21 -6.63 30.62
C VAL D 26 -6.80 -7.02 30.21
N VAL D 27 -6.67 -7.99 29.30
CA VAL D 27 -5.37 -8.37 28.76
C VAL D 27 -5.41 -8.44 27.24
N VAL D 28 -4.34 -7.97 26.59
CA VAL D 28 -4.34 -7.72 25.14
C VAL D 28 -2.95 -7.93 24.54
N ASP D 29 -2.90 -8.46 23.31
CA ASP D 29 -1.62 -8.59 22.63
C ASP D 29 -1.23 -7.30 21.92
N THR D 30 0.02 -6.89 22.11
CA THR D 30 0.60 -5.76 21.36
C THR D 30 0.63 -6.10 19.88
N ALA D 31 1.30 -7.21 19.55
CA ALA D 31 1.46 -7.68 18.16
C ALA D 31 0.13 -7.76 17.39
N THR D 32 -0.85 -8.43 17.97
CA THR D 32 -2.15 -8.58 17.29
C THR D 32 -3.12 -7.45 17.68
N GLY D 33 -3.73 -7.55 18.86
CA GLY D 33 -4.73 -6.58 19.30
C GLY D 33 -5.88 -7.33 19.96
N GLU D 34 -5.70 -8.63 20.05
CA GLU D 34 -6.68 -9.57 20.55
C GLU D 34 -6.85 -9.53 22.07
N GLU D 35 -8.09 -9.24 22.48
CA GLU D 35 -8.51 -9.34 23.88
C GLU D 35 -8.34 -10.77 24.41
N LEU D 36 -7.21 -11.01 25.07
CA LEU D 36 -6.95 -12.28 25.74
C LEU D 36 -7.87 -12.48 26.95
N TYR D 37 -7.98 -11.48 27.81
CA TYR D 37 -8.98 -11.49 28.87
C TYR D 37 -9.76 -10.18 28.91
N SER D 38 -11.01 -10.24 29.36
CA SER D 38 -11.82 -9.05 29.62
C SER D 38 -12.93 -9.27 30.64
N ARG D 39 -12.86 -8.52 31.73
CA ARG D 39 -13.95 -8.49 32.71
C ARG D 39 -14.20 -7.03 33.10
N ASP D 40 -15.46 -6.61 33.12
CA ASP D 40 -15.81 -5.24 33.49
C ASP D 40 -14.74 -4.26 32.99
N GLY D 41 -14.47 -4.28 31.69
CA GLY D 41 -13.41 -3.46 31.11
C GLY D 41 -13.75 -1.98 31.06
N GLY D 42 -14.98 -1.70 30.60
CA GLY D 42 -15.49 -0.34 30.51
C GLY D 42 -16.10 0.19 31.81
N GLU D 43 -15.67 -0.39 32.94
CA GLU D 43 -16.04 0.04 34.30
C GLU D 43 -15.16 1.18 34.84
N GLN D 44 -15.79 2.31 35.17
CA GLN D 44 -15.07 3.43 35.76
C GLN D 44 -14.73 3.15 37.23
N LEU D 45 -13.45 3.25 37.59
CA LEU D 45 -12.99 2.96 38.97
C LEU D 45 -11.90 3.93 39.44
N LEU D 46 -11.54 3.92 40.72
CA LEU D 46 -10.48 4.83 41.16
C LEU D 46 -9.12 4.18 40.92
N PRO D 47 -8.18 4.89 40.27
CA PRO D 47 -6.89 4.32 39.86
C PRO D 47 -5.70 4.46 40.80
N ALA D 48 -5.86 5.10 41.96
CA ALA D 48 -4.70 5.49 42.75
C ALA D 48 -3.51 5.87 41.84
N SER D 49 -2.32 5.34 42.09
CA SER D 49 -1.11 5.75 41.35
C SER D 49 -1.07 5.41 39.86
N ASN D 50 -2.09 4.71 39.38
CA ASN D 50 -2.20 4.42 37.96
C ASN D 50 -2.51 5.68 37.15
N MET D 51 -3.12 6.67 37.79
CA MET D 51 -3.27 7.95 37.13
C MET D 51 -1.91 8.41 36.56
N LYS D 52 -0.83 8.10 37.27
CA LYS D 52 0.49 8.56 36.88
C LYS D 52 0.93 8.07 35.50
N LEU D 53 0.45 6.90 35.09
CA LEU D 53 0.71 6.37 33.75
C LEU D 53 0.35 7.42 32.72
N PHE D 54 -0.87 7.92 32.84
CA PHE D 54 -1.42 8.95 31.99
C PHE D 54 -0.65 10.27 32.12
N THR D 55 -0.49 10.73 33.34
CA THR D 55 0.26 11.94 33.57
C THR D 55 1.63 11.83 32.93
N ALA D 56 2.26 10.67 33.12
CA ALA D 56 3.56 10.37 32.51
C ALA D 56 3.56 10.37 30.97
N ALA D 57 2.52 9.78 30.39
CA ALA D 57 2.39 9.70 28.96
C ALA D 57 2.16 11.09 28.34
N ALA D 58 1.27 11.87 28.96
CA ALA D 58 1.02 13.23 28.54
C ALA D 58 2.28 14.09 28.67
N ALA D 59 3.05 13.86 29.73
CA ALA D 59 4.24 14.66 29.99
C ALA D 59 5.29 14.40 28.91
N LEU D 60 5.36 13.16 28.46
CA LEU D 60 6.26 12.81 27.36
C LEU D 60 5.81 13.43 26.03
N GLU D 61 4.52 13.36 25.73
CA GLU D 61 3.98 14.06 24.53
C GLU D 61 4.37 15.53 24.49
N VAL D 62 4.08 16.24 25.58
CA VAL D 62 4.08 17.71 25.60
C VAL D 62 5.47 18.28 25.86
N LEU D 63 6.15 17.79 26.88
CA LEU D 63 7.43 18.39 27.20
C LEU D 63 8.57 17.80 26.37
N GLY D 64 8.44 16.54 25.97
CA GLY D 64 9.51 15.80 25.30
C GLY D 64 10.37 15.06 26.31
N ALA D 65 10.95 13.94 25.88
CA ALA D 65 11.79 13.14 26.79
C ALA D 65 13.18 13.73 26.96
N ASP D 66 13.46 14.80 26.24
CA ASP D 66 14.72 15.51 26.37
C ASP D 66 14.56 16.73 27.27
N HIS D 67 13.34 16.95 27.75
CA HIS D 67 12.99 18.16 28.50
C HIS D 67 13.68 18.27 29.84
N SER D 68 14.14 19.47 30.13
CA SER D 68 14.89 19.73 31.32
C SER D 68 14.31 20.97 31.98
N PHE D 69 14.35 21.02 33.30
CA PHE D 69 13.78 22.13 34.07
C PHE D 69 14.85 23.00 34.67
N GLY D 70 14.61 24.30 34.67
CA GLY D 70 15.63 25.24 35.07
C GLY D 70 15.29 25.99 36.32
N THR D 71 16.31 26.30 37.11
CA THR D 71 16.18 27.11 38.30
C THR D 71 17.17 28.26 38.13
N GLU D 72 16.83 29.45 38.63
CA GLU D 72 17.63 30.66 38.36
C GLU D 72 17.80 31.58 39.56
N VAL D 73 18.88 32.34 39.54
CA VAL D 73 19.11 33.38 40.54
C VAL D 73 19.42 34.66 39.76
N ALA D 74 18.66 35.72 40.05
CA ALA D 74 18.72 36.94 39.25
C ALA D 74 18.71 38.21 40.05
N ALA D 75 19.50 39.18 39.59
CA ALA D 75 19.57 40.50 40.19
C ALA D 75 19.32 41.57 39.12
N GLU D 76 18.82 42.72 39.56
CA GLU D 76 18.50 43.86 38.68
C GLU D 76 19.62 44.12 37.67
N SER D 77 20.82 44.23 38.20
CA SER D 77 22.00 44.49 37.43
C SER D 77 23.19 43.75 38.06
N ALA D 78 24.27 43.64 37.32
CA ALA D 78 25.50 42.93 37.73
C ALA D 78 26.01 43.37 39.11
N PRO D 79 26.83 42.54 39.78
CA PRO D 79 27.35 42.94 41.08
C PRO D 79 28.09 44.29 41.00
N GLY D 80 27.70 45.23 41.88
CA GLY D 80 28.07 46.67 41.84
C GLY D 80 29.49 47.11 41.49
N ARG D 81 30.40 46.92 42.44
CA ARG D 81 31.84 47.20 42.30
C ARG D 81 32.49 46.62 43.55
N ARG D 82 31.78 46.78 44.65
CA ARG D 82 32.15 46.32 45.96
C ARG D 82 31.65 44.87 46.21
N GLY D 83 31.17 44.21 45.14
CA GLY D 83 30.62 42.85 45.22
C GLY D 83 29.20 42.84 45.76
N GLU D 84 28.50 43.94 45.52
CA GLU D 84 27.29 44.28 46.26
C GLU D 84 26.09 44.51 45.34
N VAL D 85 25.14 43.59 45.39
CA VAL D 85 23.85 43.72 44.70
C VAL D 85 22.81 44.33 45.67
N GLN D 86 21.55 44.44 45.23
CA GLN D 86 20.50 44.98 46.11
C GLN D 86 19.53 43.89 46.63
N ASP D 87 18.52 43.56 45.84
CA ASP D 87 17.60 42.51 46.21
C ASP D 87 17.96 41.25 45.42
N LEU D 88 17.76 40.09 46.04
CA LEU D 88 18.09 38.83 45.39
C LEU D 88 16.81 38.04 45.15
N TYR D 89 16.80 37.26 44.08
CA TYR D 89 15.63 36.48 43.72
C TYR D 89 16.05 35.07 43.31
N LEU D 90 15.41 34.08 43.94
CA LEU D 90 15.56 32.69 43.53
C LEU D 90 14.32 32.25 42.78
N VAL D 91 14.49 32.02 41.49
CA VAL D 91 13.38 31.69 40.60
C VAL D 91 13.35 30.18 40.32
N GLY D 92 12.26 29.57 40.77
CA GLY D 92 12.03 28.16 40.53
C GLY D 92 11.10 28.07 39.34
N ARG D 93 11.36 27.10 38.48
CA ARG D 93 10.48 26.87 37.34
C ARG D 93 10.17 25.39 37.16
N GLY D 94 9.72 24.75 38.24
CA GLY D 94 9.06 23.46 38.14
C GLY D 94 9.96 22.23 38.07
N ASP D 95 11.19 22.37 38.58
CA ASP D 95 12.14 21.27 38.72
C ASP D 95 11.78 20.34 39.90
N PRO D 96 11.42 19.08 39.62
CA PRO D 96 11.03 18.21 40.74
C PRO D 96 12.21 17.46 41.40
N THR D 97 13.43 17.95 41.17
CA THR D 97 14.65 17.29 41.61
C THR D 97 15.72 18.29 42.00
N LEU D 98 15.30 19.40 42.58
CA LEU D 98 16.25 20.43 43.00
C LEU D 98 16.63 20.18 44.46
N SER D 99 17.92 20.04 44.74
CA SER D 99 18.39 19.65 46.08
C SER D 99 19.17 20.75 46.80
N ALA D 100 19.34 20.64 48.12
CA ALA D 100 20.19 21.60 48.85
C ALA D 100 21.60 21.62 48.25
N GLU D 101 22.07 20.43 47.90
CA GLU D 101 23.33 20.28 47.16
C GLU D 101 23.29 21.14 45.89
N ASP D 102 22.19 21.05 45.13
CA ASP D 102 21.99 21.92 43.97
C ASP D 102 21.95 23.40 44.35
N LEU D 103 21.32 23.70 45.48
CA LEU D 103 21.23 25.08 45.95
C LEU D 103 22.62 25.63 46.24
N ASP D 104 23.51 24.73 46.67
CA ASP D 104 24.87 25.12 47.01
C ASP D 104 25.70 25.47 45.76
N ALA D 105 25.71 24.57 44.78
CA ALA D 105 26.47 24.83 43.57
C ALA D 105 25.94 26.08 42.87
N MET D 106 24.71 26.48 43.19
CA MET D 106 24.15 27.75 42.75
C MET D 106 24.57 28.92 43.63
N ALA D 107 24.74 28.64 44.92
CA ALA D 107 25.24 29.65 45.86
C ALA D 107 26.71 29.95 45.60
N ALA D 108 27.46 28.90 45.23
CA ALA D 108 28.85 29.03 44.80
C ALA D 108 28.94 29.92 43.55
N GLU D 109 28.15 29.61 42.52
CA GLU D 109 28.07 30.42 41.29
C GLU D 109 27.78 31.90 41.57
N VAL D 110 27.03 32.17 42.62
CA VAL D 110 26.73 33.55 42.99
C VAL D 110 27.99 34.20 43.51
N ALA D 111 28.73 33.49 44.35
CA ALA D 111 30.00 33.96 44.89
C ALA D 111 31.00 34.23 43.75
N ALA D 112 31.27 33.19 42.98
CA ALA D 112 32.16 33.25 41.82
C ALA D 112 31.77 34.27 40.76
N SER D 113 30.49 34.68 40.71
CA SER D 113 30.05 35.67 39.72
C SER D 113 30.33 37.09 40.21
N GLY D 114 30.86 37.19 41.44
CA GLY D 114 31.30 38.47 41.97
C GLY D 114 30.61 38.97 43.23
N VAL D 115 29.61 38.24 43.71
CA VAL D 115 28.85 38.74 44.85
C VAL D 115 29.45 38.25 46.17
N ARG D 116 29.69 39.19 47.10
CA ARG D 116 29.96 38.83 48.51
C ARG D 116 28.94 39.44 49.53
N THR D 117 28.23 40.50 49.14
CA THR D 117 27.13 41.06 49.95
C THR D 117 25.84 41.28 49.16
N VAL D 118 24.71 40.99 49.79
CA VAL D 118 23.37 41.37 49.28
C VAL D 118 22.74 42.39 50.23
N ARG D 119 22.58 43.64 49.79
CA ARG D 119 22.12 44.72 50.68
C ARG D 119 20.64 44.61 51.13
N GLY D 120 19.75 44.27 50.19
CA GLY D 120 18.32 44.13 50.50
C GLY D 120 17.88 42.69 50.71
N ASP D 121 16.57 42.45 50.55
CA ASP D 121 15.94 41.16 50.83
C ASP D 121 16.19 40.07 49.77
N LEU D 122 16.03 38.82 50.18
CA LEU D 122 16.08 37.65 49.27
C LEU D 122 14.68 37.12 49.09
N TYR D 123 14.39 36.71 47.85
CA TYR D 123 13.07 36.21 47.50
C TYR D 123 13.06 34.85 46.81
N ALA D 124 12.04 34.09 47.17
CA ALA D 124 11.71 32.84 46.52
C ALA D 124 10.53 33.16 45.60
N ASP D 125 10.74 32.96 44.31
CA ASP D 125 9.74 33.23 43.29
C ASP D 125 9.35 31.87 42.77
N ASP D 126 8.13 31.45 43.05
CA ASP D 126 7.59 30.22 42.49
C ASP D 126 6.38 30.53 41.63
N THR D 127 6.38 31.71 41.01
CA THR D 127 5.16 32.18 40.34
C THR D 127 4.96 31.48 39.02
N TRP D 128 6.02 30.91 38.48
CA TRP D 128 5.92 30.07 37.30
C TRP D 128 4.67 29.18 37.42
N PHE D 129 4.39 28.72 38.64
CA PHE D 129 3.14 28.02 38.90
C PHE D 129 2.23 28.88 39.74
N ASP D 130 0.93 28.58 39.72
CA ASP D 130 0.00 29.24 40.63
C ASP D 130 0.37 28.84 42.05
N SER D 131 -0.27 29.45 43.03
CA SER D 131 0.02 29.15 44.41
C SER D 131 -1.02 28.23 45.05
N GLU D 132 -1.93 27.66 44.26
CA GLU D 132 -2.79 26.61 44.79
C GLU D 132 -1.96 25.35 45.18
N ARG D 133 -1.73 25.17 46.49
CA ARG D 133 -0.84 24.14 47.04
C ARG D 133 -1.39 22.73 47.06
N LEU D 134 -2.71 22.59 47.27
CA LEU D 134 -3.37 21.30 47.38
C LEU D 134 -4.62 21.29 46.54
N VAL D 135 -4.93 20.14 45.94
CA VAL D 135 -6.21 19.89 45.26
C VAL D 135 -7.37 19.90 46.26
N ASP D 136 -8.47 20.56 45.90
CA ASP D 136 -9.61 20.72 46.80
C ASP D 136 -10.05 19.42 47.50
N ASP D 137 -10.17 18.34 46.73
CA ASP D 137 -10.72 17.10 47.27
C ASP D 137 -9.70 16.17 47.97
N TRP D 138 -8.48 16.65 48.18
CA TRP D 138 -7.48 15.88 48.94
C TRP D 138 -7.81 16.06 50.42
N TRP D 139 -7.35 15.16 51.27
CA TRP D 139 -7.80 15.16 52.69
C TRP D 139 -6.81 15.86 53.63
N PRO D 140 -7.29 16.86 54.38
CA PRO D 140 -6.43 17.57 55.36
C PRO D 140 -5.66 16.62 56.27
N GLU D 141 -6.15 15.40 56.42
CA GLU D 141 -5.58 14.40 57.33
C GLU D 141 -4.29 13.85 56.75
N ASP D 142 -4.17 13.91 55.43
CA ASP D 142 -3.02 13.38 54.74
C ASP D 142 -1.90 14.40 54.60
N GLU D 143 -2.10 15.61 55.14
CA GLU D 143 -1.19 16.74 54.86
C GLU D 143 0.22 16.72 55.48
N PRO D 144 0.39 16.07 56.64
CA PRO D 144 1.78 16.06 57.16
C PRO D 144 2.73 15.13 56.39
N TYR D 145 2.14 14.17 55.70
CA TYR D 145 2.91 13.11 55.07
C TYR D 145 3.42 13.50 53.69
N ALA D 146 4.57 12.90 53.34
CA ALA D 146 5.34 13.24 52.14
C ALA D 146 4.48 13.28 50.89
N TYR D 147 3.57 12.32 50.80
CA TYR D 147 2.85 12.05 49.56
C TYR D 147 1.83 13.15 49.29
N SER D 148 1.62 14.01 50.28
CA SER D 148 0.69 15.12 50.15
C SER D 148 1.37 16.51 50.24
N ALA D 149 2.69 16.54 50.05
CA ALA D 149 3.46 17.79 50.06
C ALA D 149 2.80 18.86 49.19
N GLN D 150 2.85 20.10 49.68
CA GLN D 150 2.35 21.24 48.95
C GLN D 150 3.10 21.40 47.64
N ILE D 151 2.38 21.85 46.61
CA ILE D 151 2.90 21.95 45.22
C ILE D 151 3.38 23.37 44.84
N SER D 152 4.66 23.48 44.49
CA SER D 152 5.25 24.76 44.15
C SER D 152 6.20 24.68 42.97
N ALA D 153 6.24 25.73 42.16
CA ALA D 153 7.23 25.83 41.11
C ALA D 153 8.65 25.80 41.67
N LEU D 154 8.81 26.19 42.94
CA LEU D 154 10.13 26.25 43.58
C LEU D 154 10.12 25.44 44.84
N THR D 155 10.71 24.25 44.78
CA THR D 155 10.69 23.32 45.88
C THR D 155 11.95 22.48 45.98
N VAL D 156 12.51 22.38 47.18
CA VAL D 156 13.68 21.55 47.38
C VAL D 156 13.31 20.08 47.47
N ALA D 157 13.99 19.21 46.72
CA ALA D 157 13.76 17.75 46.78
C ALA D 157 14.76 17.04 47.69
N HIS D 158 14.26 16.14 48.51
CA HIS D 158 15.10 15.40 49.45
C HIS D 158 15.51 14.06 48.87
N GLY D 159 16.82 13.80 48.97
CA GLY D 159 17.43 12.51 48.66
C GLY D 159 17.48 12.12 47.21
N GLU D 160 18.11 10.99 46.93
CA GLU D 160 18.20 10.41 45.58
C GLU D 160 16.81 10.04 45.02
N ARG D 161 15.85 9.75 45.90
CA ARG D 161 14.45 9.54 45.50
C ARG D 161 13.71 10.85 45.16
N PHE D 162 14.34 11.99 45.43
CA PHE D 162 13.80 13.32 45.12
C PHE D 162 12.43 13.63 45.74
N ASP D 163 12.25 13.32 47.02
CA ASP D 163 11.00 13.64 47.69
C ASP D 163 10.90 15.15 47.94
N THR D 164 9.91 15.81 47.36
CA THR D 164 9.83 17.29 47.38
C THR D 164 9.01 17.90 48.54
N GLY D 165 9.36 19.11 48.94
CA GLY D 165 8.58 19.87 49.92
C GLY D 165 8.43 19.20 51.27
N VAL D 166 9.45 18.41 51.65
CA VAL D 166 9.46 17.72 52.91
C VAL D 166 10.78 17.97 53.55
N THR D 167 10.85 17.69 54.84
CA THR D 167 12.10 17.71 55.58
C THR D 167 12.28 16.35 56.22
N GLU D 168 13.51 15.98 56.51
CA GLU D 168 13.71 14.75 57.28
C GLU D 168 13.86 15.12 58.75
N VAL D 169 13.04 14.48 59.56
CA VAL D 169 12.98 14.68 60.99
C VAL D 169 13.61 13.47 61.63
N SER D 170 14.67 13.66 62.40
CA SER D 170 15.27 12.51 63.11
C SER D 170 15.00 12.60 64.60
N VAL D 171 14.54 11.49 65.17
CA VAL D 171 14.24 11.42 66.59
C VAL D 171 15.13 10.35 67.20
N THR D 172 16.01 10.82 68.07
CA THR D 172 17.06 10.00 68.66
C THR D 172 16.81 9.81 70.17
N PRO D 173 16.79 8.55 70.65
CA PRO D 173 16.56 8.34 72.07
C PRO D 173 17.67 8.96 72.93
N ALA D 174 17.28 9.50 74.07
CA ALA D 174 18.25 9.94 75.06
C ALA D 174 18.30 8.80 76.07
N ALA D 175 18.07 9.08 77.35
CA ALA D 175 18.06 8.03 78.35
C ALA D 175 16.70 7.94 79.01
N GLU D 176 16.44 6.80 79.66
CA GLU D 176 15.11 6.50 80.16
C GLU D 176 14.55 7.62 81.04
N GLY D 177 13.31 8.02 80.79
CA GLY D 177 12.70 9.10 81.55
C GLY D 177 13.03 10.48 81.01
N GLU D 178 14.09 10.59 80.20
CA GLU D 178 14.44 11.86 79.53
C GLU D 178 13.62 12.08 78.26
N PRO D 179 13.52 13.33 77.81
CA PRO D 179 12.88 13.64 76.55
C PRO D 179 13.78 13.27 75.38
N ALA D 180 13.20 12.77 74.29
CA ALA D 180 13.97 12.41 73.10
C ALA D 180 14.53 13.65 72.41
N ASP D 181 15.77 13.58 71.95
CA ASP D 181 16.30 14.69 71.15
C ASP D 181 15.75 14.60 69.70
N VAL D 182 15.26 15.73 69.18
CA VAL D 182 14.60 15.78 67.86
C VAL D 182 15.31 16.73 66.90
N ASP D 183 15.49 16.29 65.67
CA ASP D 183 16.15 17.07 64.63
C ASP D 183 15.20 17.30 63.48
N LEU D 184 15.01 18.57 63.12
CA LEU D 184 14.12 18.94 62.03
C LEU D 184 14.72 18.87 60.60
N GLY D 185 16.05 18.74 60.51
CA GLY D 185 16.74 18.64 59.24
C GLY D 185 16.72 19.93 58.43
N ALA D 186 16.38 19.85 57.15
CA ALA D 186 16.30 21.02 56.30
C ALA D 186 15.58 22.15 57.01
N ALA D 187 14.40 21.84 57.56
CA ALA D 187 13.49 22.85 58.09
C ALA D 187 13.88 23.41 59.46
N GLU D 188 14.98 22.90 60.01
CA GLU D 188 15.58 23.44 61.23
C GLU D 188 15.70 24.96 61.09
N GLY D 189 15.03 25.70 61.96
CA GLY D 189 15.05 27.17 61.90
C GLY D 189 14.12 27.78 60.85
N TYR D 190 13.28 26.94 60.24
CA TYR D 190 12.15 27.42 59.44
C TYR D 190 10.82 26.94 60.03
N ALA D 191 10.65 25.62 60.16
CA ALA D 191 9.50 25.00 60.86
C ALA D 191 9.73 25.08 62.37
N GLU D 192 8.63 24.93 63.11
CA GLU D 192 8.70 25.01 64.57
C GLU D 192 8.61 23.64 65.22
N LEU D 193 9.36 23.46 66.28
CA LEU D 193 9.41 22.20 66.98
C LEU D 193 8.45 22.25 68.16
N ASP D 194 7.58 21.28 68.26
CA ASP D 194 6.88 21.07 69.53
C ASP D 194 7.18 19.64 69.93
N ASN D 195 8.29 19.49 70.65
CA ASN D 195 8.74 18.17 71.09
C ASN D 195 8.21 17.78 72.45
N ARG D 196 7.28 16.83 72.47
CA ARG D 196 6.72 16.31 73.72
C ARG D 196 7.07 14.81 73.90
N ALA D 197 8.07 14.36 73.15
CA ALA D 197 8.42 12.95 73.10
C ALA D 197 9.43 12.64 74.18
N VAL D 198 9.37 11.41 74.69
CA VAL D 198 10.25 10.93 75.75
C VAL D 198 11.04 9.67 75.32
N THR D 199 12.02 9.32 76.15
CA THR D 199 12.64 8.03 76.04
C THR D 199 12.00 7.13 77.10
N GLY D 200 11.53 5.98 76.67
CA GLY D 200 11.00 4.98 77.60
C GLY D 200 12.15 4.05 77.93
N ALA D 201 11.84 2.97 78.62
CA ALA D 201 12.87 2.03 79.04
C ALA D 201 13.27 1.13 77.89
N ALA D 202 14.48 0.61 77.94
CA ALA D 202 14.94 -0.27 76.89
C ALA D 202 13.87 -1.33 76.70
N GLY D 203 13.64 -1.70 75.44
CA GLY D 203 12.60 -2.67 75.09
C GLY D 203 11.19 -2.31 75.54
N SER D 204 10.98 -1.04 75.88
CA SER D 204 9.63 -0.52 76.02
C SER D 204 9.02 -0.37 74.62
N ALA D 205 7.71 -0.15 74.58
CA ALA D 205 7.00 -0.10 73.32
C ALA D 205 7.25 1.25 72.65
N ASN D 206 7.49 1.22 71.34
CA ASN D 206 7.62 2.45 70.56
C ASN D 206 6.22 3.00 70.27
N THR D 207 5.92 4.16 70.85
CA THR D 207 4.62 4.79 70.66
C THR D 207 4.76 6.18 70.02
N LEU D 208 5.88 6.39 69.33
CA LEU D 208 6.28 7.71 68.86
C LEU D 208 5.46 8.13 67.63
N VAL D 209 5.03 9.39 67.64
CA VAL D 209 4.23 10.00 66.55
C VAL D 209 4.84 11.33 66.12
N ILE D 210 4.91 11.55 64.82
CA ILE D 210 5.43 12.80 64.26
C ILE D 210 4.38 13.41 63.36
N ASP D 211 3.89 14.58 63.74
CA ASP D 211 2.76 15.22 63.08
C ASP D 211 3.10 16.65 62.74
N ARG D 212 2.41 17.20 61.75
CA ARG D 212 2.29 18.64 61.51
C ARG D 212 0.81 19.05 61.52
N PRO D 213 0.36 19.59 62.68
CA PRO D 213 -1.03 20.01 62.90
C PRO D 213 -1.54 20.92 61.78
N VAL D 214 -2.75 20.63 61.28
CA VAL D 214 -3.32 21.34 60.13
C VAL D 214 -3.23 22.84 60.26
N GLY D 215 -2.89 23.50 59.16
CA GLY D 215 -2.80 24.95 59.15
C GLY D 215 -1.51 25.48 59.81
N THR D 216 -0.72 24.59 60.41
CA THR D 216 0.46 25.05 61.11
C THR D 216 1.74 24.69 60.38
N ASN D 217 2.81 25.38 60.76
CA ASN D 217 4.15 25.04 60.31
C ASN D 217 4.95 24.46 61.48
N THR D 218 4.30 23.56 62.20
CA THR D 218 4.86 23.03 63.42
C THR D 218 4.99 21.51 63.34
N ILE D 219 6.20 21.01 63.59
CA ILE D 219 6.38 19.58 63.75
C ILE D 219 6.11 19.26 65.22
N ALA D 220 5.02 18.56 65.49
CA ALA D 220 4.66 18.27 66.88
C ALA D 220 4.88 16.78 67.14
N VAL D 221 5.93 16.50 67.93
CA VAL D 221 6.25 15.13 68.33
C VAL D 221 5.67 14.81 69.70
N THR D 222 4.93 13.70 69.77
CA THR D 222 4.37 13.14 71.00
C THR D 222 4.83 11.66 71.05
N GLY D 223 4.55 10.98 72.16
CA GLY D 223 4.82 9.55 72.23
C GLY D 223 6.08 9.18 72.98
N SER D 224 6.55 7.94 72.77
CA SER D 224 7.67 7.38 73.54
C SER D 224 8.63 6.51 72.70
N LEU D 225 9.93 6.72 72.89
CA LEU D 225 10.92 5.93 72.19
C LEU D 225 11.78 5.14 73.17
N PRO D 226 11.94 3.83 72.96
CA PRO D 226 12.84 2.97 73.75
C PRO D 226 14.25 3.56 73.91
N ALA D 227 14.76 3.55 75.14
CA ALA D 227 16.14 3.93 75.41
C ALA D 227 17.12 3.29 74.43
N ASP D 228 16.80 2.08 73.97
CA ASP D 228 17.69 1.33 73.07
C ASP D 228 17.24 1.25 71.60
N ALA D 229 16.33 2.11 71.16
CA ALA D 229 15.94 2.09 69.75
C ALA D 229 17.02 2.74 68.88
N ALA D 230 17.16 2.22 67.67
CA ALA D 230 17.92 2.91 66.63
C ALA D 230 17.18 4.22 66.30
N PRO D 231 17.92 5.27 65.89
CA PRO D 231 17.22 6.52 65.63
C PRO D 231 16.11 6.32 64.61
N VAL D 232 15.01 7.04 64.82
CA VAL D 232 13.85 7.04 63.93
C VAL D 232 14.00 8.25 63.03
N THR D 233 13.74 8.08 61.73
CA THR D 233 13.70 9.20 60.80
C THR D 233 12.43 9.15 59.95
N ALA D 234 11.85 10.32 59.70
CA ALA D 234 10.59 10.40 59.00
C ALA D 234 10.52 11.65 58.15
N LEU D 235 9.86 11.50 57.00
CA LEU D 235 9.64 12.62 56.11
C LEU D 235 8.33 13.29 56.46
N ARG D 236 8.40 14.59 56.72
CA ARG D 236 7.20 15.39 56.97
C ARG D 236 7.21 16.65 56.11
N THR D 237 6.02 17.07 55.71
CA THR D 237 5.86 18.20 54.83
C THR D 237 5.96 19.45 55.67
N VAL D 238 6.51 20.50 55.07
CA VAL D 238 6.47 21.85 55.64
C VAL D 238 5.46 22.68 54.85
N ASP D 239 4.94 23.75 55.45
CA ASP D 239 4.11 24.73 54.73
C ASP D 239 5.01 25.57 53.84
N GLU D 240 4.56 25.85 52.62
CA GLU D 240 5.28 26.72 51.65
C GLU D 240 6.66 26.23 51.20
N PRO D 241 6.71 25.18 50.37
CA PRO D 241 8.04 24.74 49.94
C PRO D 241 8.95 25.91 49.51
N ALA D 242 8.46 26.76 48.62
CA ALA D 242 9.25 27.91 48.17
C ALA D 242 9.92 28.70 49.31
N ALA D 243 9.19 28.92 50.41
CA ALA D 243 9.77 29.67 51.54
C ALA D 243 10.85 28.86 52.22
N LEU D 244 10.63 27.55 52.35
CA LEU D 244 11.70 26.71 52.86
C LEU D 244 12.92 26.92 51.99
N ALA D 245 12.68 26.94 50.68
CA ALA D 245 13.75 26.94 49.69
C ALA D 245 14.63 28.16 49.84
N GLY D 246 13.99 29.29 50.18
CA GLY D 246 14.71 30.54 50.46
C GLY D 246 15.57 30.35 51.68
N HIS D 247 14.98 29.81 52.75
CA HIS D 247 15.74 29.51 53.98
C HIS D 247 17.06 28.77 53.71
N LEU D 248 17.00 27.59 53.07
CA LEU D 248 18.22 26.87 52.73
C LEU D 248 19.13 27.68 51.82
N PHE D 249 18.54 28.48 50.95
CA PHE D 249 19.35 29.33 50.07
C PHE D 249 20.10 30.44 50.82
N GLU D 250 19.44 31.11 51.76
CA GLU D 250 20.13 32.11 52.55
C GLU D 250 21.32 31.45 53.22
N GLU D 251 21.05 30.33 53.89
CA GLU D 251 22.09 29.55 54.57
C GLU D 251 23.24 29.19 53.62
N ALA D 252 22.89 28.74 52.41
CA ALA D 252 23.89 28.36 51.42
C ALA D 252 24.71 29.55 50.88
N LEU D 253 24.10 30.73 50.78
CA LEU D 253 24.87 31.94 50.49
C LEU D 253 25.90 32.25 51.59
N GLU D 254 25.46 32.22 52.85
CA GLU D 254 26.36 32.46 53.98
C GLU D 254 27.58 31.54 53.91
N SER D 255 27.33 30.26 53.63
CA SER D 255 28.37 29.23 53.54
C SER D 255 29.39 29.51 52.43
N ASN D 256 28.89 29.91 51.26
CA ASN D 256 29.76 30.28 50.16
C ASN D 256 30.12 31.76 50.26
N GLY D 257 30.00 32.30 51.47
CA GLY D 257 30.55 33.61 51.83
C GLY D 257 29.69 34.82 51.54
N VAL D 258 28.46 34.59 51.07
CA VAL D 258 27.58 35.70 50.71
C VAL D 258 26.65 36.07 51.86
N THR D 259 26.85 37.27 52.43
CA THR D 259 26.01 37.78 53.53
C THR D 259 24.68 38.31 53.01
N VAL D 260 23.59 38.01 53.71
CA VAL D 260 22.28 38.58 53.36
C VAL D 260 21.81 39.55 54.42
N LYS D 261 21.75 40.83 54.08
CA LYS D 261 21.50 41.88 55.06
C LYS D 261 20.01 42.07 55.39
N GLY D 262 19.14 41.69 54.43
CA GLY D 262 17.70 41.88 54.58
C GLY D 262 16.93 40.69 55.17
N ASP D 263 15.86 40.30 54.46
CA ASP D 263 14.91 39.30 54.93
C ASP D 263 14.68 38.24 53.87
N VAL D 264 14.19 37.07 54.29
CA VAL D 264 13.83 36.00 53.37
C VAL D 264 12.31 35.89 53.29
N GLY D 265 11.76 36.09 52.10
CA GLY D 265 10.32 35.97 51.88
C GLY D 265 10.00 35.54 50.46
N LEU D 266 8.70 35.45 50.17
CA LEU D 266 8.23 35.15 48.82
C LEU D 266 8.01 36.44 48.06
N GLY D 267 8.20 36.40 46.75
CA GLY D 267 7.95 37.55 45.90
C GLY D 267 8.41 37.24 44.52
N GLY D 268 7.77 37.83 43.52
CA GLY D 268 8.15 37.59 42.13
C GLY D 268 9.15 38.61 41.64
N VAL D 269 9.97 38.21 40.67
CA VAL D 269 10.80 39.16 39.94
C VAL D 269 9.89 40.22 39.32
N PRO D 270 10.10 41.50 39.71
CA PRO D 270 9.17 42.55 39.28
C PRO D 270 9.38 42.91 37.82
N ALA D 271 8.34 43.50 37.22
CA ALA D 271 8.35 43.78 35.80
C ALA D 271 9.29 44.94 35.48
N ASP D 272 9.50 45.81 36.47
CA ASP D 272 10.42 46.97 36.40
C ASP D 272 11.77 46.59 35.78
N TRP D 273 12.28 45.43 36.19
CA TRP D 273 13.58 44.94 35.74
C TRP D 273 13.47 44.45 34.30
N GLN D 274 14.02 45.24 33.38
CA GLN D 274 14.01 44.90 31.95
C GLN D 274 15.44 44.51 31.56
N ASP D 275 16.37 45.35 31.98
CA ASP D 275 17.76 44.98 32.12
C ASP D 275 17.80 43.95 33.26
N ALA D 276 18.36 42.76 32.99
CA ALA D 276 18.30 41.63 33.95
C ALA D 276 19.57 40.76 33.96
N GLU D 277 20.07 40.41 35.16
CA GLU D 277 21.33 39.66 35.28
C GLU D 277 21.20 38.28 35.95
N VAL D 278 21.56 37.23 35.21
CA VAL D 278 21.48 35.85 35.72
C VAL D 278 22.80 35.47 36.38
N LEU D 279 22.83 35.62 37.70
CA LEU D 279 24.05 35.43 38.50
C LEU D 279 24.41 33.96 38.66
N ALA D 280 23.39 33.10 38.65
CA ALA D 280 23.58 31.67 38.80
C ALA D 280 22.39 30.96 38.21
N ASP D 281 22.60 29.73 37.78
CA ASP D 281 21.52 28.88 37.34
C ASP D 281 21.81 27.40 37.62
N HIS D 282 20.74 26.60 37.57
CA HIS D 282 20.86 25.16 37.57
C HIS D 282 19.89 24.66 36.52
N THR D 283 20.32 23.65 35.78
CA THR D 283 19.48 22.98 34.80
C THR D 283 19.42 21.50 35.19
N SER D 284 18.25 21.08 35.64
CA SER D 284 17.99 19.71 36.06
C SER D 284 18.37 18.69 35.00
N ALA D 285 18.32 17.41 35.40
CA ALA D 285 18.40 16.32 34.45
C ALA D 285 17.18 16.35 33.54
N GLU D 286 17.23 15.55 32.49
CA GLU D 286 16.18 15.51 31.47
C GLU D 286 15.06 14.53 31.80
N LEU D 287 13.87 14.83 31.29
CA LEU D 287 12.66 14.17 31.78
C LEU D 287 12.80 12.66 31.87
N SER D 288 13.35 12.05 30.82
CA SER D 288 13.49 10.60 30.73
C SER D 288 14.28 10.01 31.89
N GLU D 289 15.17 10.83 32.48
CA GLU D 289 15.92 10.43 33.68
C GLU D 289 14.99 10.51 34.89
N ILE D 290 14.24 11.61 34.96
CA ILE D 290 13.34 11.88 36.08
C ILE D 290 12.15 10.92 36.16
N LEU D 291 11.66 10.46 35.01
CA LEU D 291 10.53 9.52 35.05
C LEU D 291 10.82 8.35 35.95
N VAL D 292 12.11 8.06 36.10
CA VAL D 292 12.57 6.88 36.84
C VAL D 292 12.27 6.99 38.35
N PRO D 293 12.84 8.01 39.05
CA PRO D 293 12.44 8.09 40.44
C PRO D 293 10.94 8.38 40.55
N PHE D 294 10.40 9.11 39.58
CA PHE D 294 8.98 9.45 39.56
C PHE D 294 8.13 8.18 39.60
N MET D 295 8.22 7.36 38.55
CA MET D 295 7.38 6.15 38.39
C MET D 295 7.78 4.93 39.27
N LYS D 296 9.08 4.72 39.46
CA LYS D 296 9.55 3.60 40.25
C LYS D 296 9.00 3.66 41.66
N PHE D 297 8.96 4.85 42.26
CA PHE D 297 8.51 4.96 43.66
C PHE D 297 7.13 5.57 43.80
N SER D 298 6.62 6.12 42.70
CA SER D 298 5.28 6.68 42.67
C SER D 298 5.25 8.02 43.45
N ASN D 299 5.92 9.05 42.91
CA ASN D 299 6.09 10.36 43.54
C ASN D 299 4.97 11.31 43.18
N ASN D 300 3.94 11.42 44.04
CA ASN D 300 2.88 12.43 43.85
C ASN D 300 3.34 13.86 43.55
N GLY D 301 4.20 14.40 44.42
CA GLY D 301 4.85 15.68 44.16
C GLY D 301 5.24 15.83 42.70
N HIS D 302 5.97 14.86 42.15
CA HIS D 302 6.39 14.89 40.75
C HIS D 302 5.20 14.93 39.80
N ALA D 303 4.25 14.00 39.96
CA ALA D 303 3.08 13.90 39.07
C ALA D 303 2.40 15.25 38.89
N GLU D 304 2.19 15.93 40.01
CA GLU D 304 1.49 17.20 40.01
C GLU D 304 2.26 18.31 39.31
N MET D 305 3.53 18.47 39.69
CA MET D 305 4.42 19.44 39.07
C MET D 305 4.47 19.29 37.55
N LEU D 306 4.39 18.06 37.06
CA LEU D 306 4.33 17.84 35.60
C LEU D 306 3.01 18.31 35.00
N VAL D 307 1.89 18.12 35.70
CA VAL D 307 0.62 18.62 35.19
C VAL D 307 0.74 20.13 35.13
N LYS D 308 1.04 20.77 36.26
CA LYS D 308 1.26 22.21 36.20
C LYS D 308 2.28 22.65 35.11
N SER D 309 3.25 21.79 34.80
CA SER D 309 4.20 22.14 33.76
C SER D 309 3.55 22.08 32.39
N ILE D 310 2.80 21.01 32.14
CA ILE D 310 1.97 20.86 30.94
C ILE D 310 1.05 22.08 30.75
N GLY D 311 0.52 22.60 31.85
CA GLY D 311 -0.31 23.81 31.83
C GLY D 311 0.42 25.06 31.40
N GLN D 312 1.71 25.11 31.69
CA GLN D 312 2.51 26.21 31.19
C GLN D 312 2.70 26.10 29.68
N GLU D 313 3.09 24.91 29.24
CA GLU D 313 3.45 24.70 27.84
C GLU D 313 2.30 24.87 26.86
N THR D 314 1.10 24.47 27.23
CA THR D 314 0.01 24.43 26.27
C THR D 314 -0.86 25.66 26.41
N ALA D 315 -0.71 26.38 27.52
CA ALA D 315 -1.67 27.42 27.87
C ALA D 315 -1.13 28.56 28.74
N GLY D 316 0.18 28.54 29.05
CA GLY D 316 0.85 29.66 29.74
C GLY D 316 0.45 29.90 31.21
N ALA D 317 0.12 28.80 31.90
CA ALA D 317 -0.40 28.86 33.25
C ALA D 317 -0.18 27.58 33.98
N GLY D 318 0.80 27.55 34.88
CA GLY D 318 1.02 26.39 35.70
C GLY D 318 -0.12 26.19 36.68
N THR D 319 -1.23 25.64 36.20
CA THR D 319 -2.38 25.38 37.07
C THR D 319 -2.91 23.98 36.82
N TRP D 320 -3.70 23.46 37.76
CA TRP D 320 -4.38 22.17 37.58
C TRP D 320 -5.41 22.15 36.45
N ASP D 321 -6.13 23.26 36.28
CA ASP D 321 -7.18 23.37 35.29
C ASP D 321 -6.58 23.38 33.91
N ALA D 322 -5.61 24.25 33.70
CA ALA D 322 -4.92 24.31 32.42
C ALA D 322 -4.26 22.97 32.19
N GLY D 323 -3.40 22.60 33.14
CA GLY D 323 -2.63 21.35 33.09
C GLY D 323 -3.42 20.11 32.72
N LEU D 324 -4.55 19.88 33.39
CA LEU D 324 -5.36 18.67 33.19
C LEU D 324 -5.89 18.52 31.77
N VAL D 325 -6.55 19.57 31.28
CA VAL D 325 -6.94 19.69 29.88
C VAL D 325 -5.74 19.42 28.96
N GLY D 326 -4.55 19.89 29.34
CA GLY D 326 -3.35 19.55 28.58
C GLY D 326 -3.13 18.04 28.42
N VAL D 327 -3.14 17.35 29.55
CA VAL D 327 -3.06 15.90 29.60
C VAL D 327 -4.12 15.22 28.73
N GLU D 328 -5.38 15.67 28.80
CA GLU D 328 -6.45 15.01 28.08
C GLU D 328 -6.25 15.22 26.58
N GLU D 329 -5.83 16.42 26.18
CA GLU D 329 -5.52 16.65 24.77
C GLU D 329 -4.30 15.85 24.32
N ALA D 330 -3.25 15.82 25.16
CA ALA D 330 -2.02 15.12 24.82
C ALA D 330 -2.38 13.67 24.54
N LEU D 331 -3.21 13.09 25.41
CA LEU D 331 -3.54 11.68 25.36
C LEU D 331 -4.29 11.38 24.07
N SER D 332 -5.25 12.22 23.75
CA SER D 332 -6.04 12.02 22.55
C SER D 332 -5.17 12.23 21.28
N GLY D 333 -4.10 13.00 21.40
CA GLY D 333 -3.21 13.25 20.27
C GLY D 333 -2.39 12.01 20.04
N LEU D 334 -2.20 11.26 21.13
CA LEU D 334 -1.52 9.98 21.13
C LEU D 334 -2.41 8.88 20.58
N GLY D 335 -3.69 9.19 20.40
CA GLY D 335 -4.65 8.21 19.90
C GLY D 335 -5.22 7.31 21.00
N VAL D 336 -5.39 7.87 22.19
CA VAL D 336 -6.02 7.18 23.31
C VAL D 336 -7.45 7.68 23.42
N ASP D 337 -8.38 6.76 23.70
CA ASP D 337 -9.77 7.13 23.85
C ASP D 337 -10.04 7.49 25.30
N THR D 338 -10.42 8.75 25.50
CA THR D 338 -10.45 9.37 26.81
C THR D 338 -11.86 9.50 27.39
N ALA D 339 -12.85 8.96 26.68
CA ALA D 339 -14.26 9.07 27.10
C ALA D 339 -14.55 8.47 28.49
N GLY D 340 -13.78 7.48 28.92
CA GLY D 340 -13.97 6.93 30.25
C GLY D 340 -13.18 7.63 31.34
N LEU D 341 -12.22 8.48 30.96
CA LEU D 341 -11.37 9.22 31.90
C LEU D 341 -12.07 10.35 32.63
N VAL D 342 -11.76 10.46 33.92
CA VAL D 342 -12.11 11.64 34.69
C VAL D 342 -10.84 12.06 35.43
N LEU D 343 -10.39 13.28 35.15
CA LEU D 343 -9.07 13.73 35.56
C LEU D 343 -9.17 14.80 36.66
N ASN D 344 -8.75 14.45 37.87
CA ASN D 344 -8.82 15.46 38.91
C ASN D 344 -7.45 15.86 39.43
N ASP D 345 -6.44 15.05 39.16
CA ASP D 345 -5.08 15.46 39.46
C ASP D 345 -4.09 14.59 38.71
N GLY D 346 -2.81 14.89 38.89
CA GLY D 346 -1.76 14.19 38.17
C GLY D 346 -1.37 12.89 38.85
N SER D 347 -1.45 12.88 40.18
CA SER D 347 -0.82 11.84 40.96
C SER D 347 -1.70 10.64 41.14
N GLY D 348 -3.00 10.81 41.03
CA GLY D 348 -3.89 9.75 41.42
C GLY D 348 -4.50 9.90 42.79
N LEU D 349 -3.90 10.77 43.63
CA LEU D 349 -4.31 10.93 45.03
C LEU D 349 -5.78 11.29 45.15
N SER D 350 -6.28 12.08 44.20
CA SER D 350 -7.64 12.57 44.30
C SER D 350 -8.63 11.44 44.19
N ARG D 351 -9.57 11.37 45.13
CA ARG D 351 -10.67 10.39 45.01
C ARG D 351 -11.65 10.72 43.87
N GLY D 352 -11.48 11.89 43.25
CA GLY D 352 -12.26 12.27 42.09
C GLY D 352 -11.68 11.78 40.78
N ASN D 353 -10.68 10.90 40.83
CA ASN D 353 -10.15 10.33 39.60
C ASN D 353 -10.98 9.14 39.16
N LEU D 354 -11.02 8.90 37.85
CA LEU D 354 -11.75 7.75 37.26
C LEU D 354 -11.06 7.20 36.02
N VAL D 355 -10.69 5.93 36.04
CA VAL D 355 -10.28 5.25 34.82
C VAL D 355 -11.16 4.02 34.62
N THR D 356 -11.11 3.49 33.39
CA THR D 356 -11.61 2.15 33.10
C THR D 356 -10.44 1.26 32.73
N ALA D 357 -10.63 -0.03 32.92
CA ALA D 357 -9.61 -1.01 32.59
C ALA D 357 -9.17 -0.93 31.10
N ASP D 358 -10.14 -0.89 30.18
CA ASP D 358 -9.83 -0.82 28.74
C ASP D 358 -8.97 0.40 28.39
N THR D 359 -9.27 1.53 29.02
CA THR D 359 -8.53 2.77 28.81
C THR D 359 -7.07 2.64 29.20
N VAL D 360 -6.82 2.09 30.38
CA VAL D 360 -5.44 1.85 30.80
C VAL D 360 -4.72 1.03 29.75
N VAL D 361 -5.37 -0.05 29.29
CA VAL D 361 -4.84 -0.92 28.25
C VAL D 361 -4.73 -0.16 26.91
N ASP D 362 -5.79 0.53 26.51
CA ASP D 362 -5.73 1.46 25.40
C ASP D 362 -4.44 2.30 25.48
N LEU D 363 -4.08 2.79 26.67
CA LEU D 363 -2.90 3.65 26.84
C LEU D 363 -1.60 2.88 26.69
N LEU D 364 -1.46 1.78 27.43
CA LEU D 364 -0.25 0.95 27.35
C LEU D 364 0.10 0.63 25.91
N GLY D 365 -0.92 0.23 25.14
CA GLY D 365 -0.76 -0.10 23.71
C GLY D 365 -0.17 1.02 22.88
N GLN D 366 -0.68 2.24 23.07
CA GLN D 366 -0.21 3.39 22.32
C GLN D 366 1.20 3.77 22.73
N ALA D 367 1.40 3.79 24.04
CA ALA D 367 2.66 4.20 24.66
C ALA D 367 3.78 3.26 24.25
N GLY D 368 3.45 1.97 24.16
CA GLY D 368 4.41 0.92 23.82
C GLY D 368 4.81 0.93 22.36
N SER D 369 4.28 1.89 21.61
CA SER D 369 4.65 2.08 20.20
C SER D 369 4.77 3.57 19.88
N ALA D 370 5.36 4.30 20.82
CA ALA D 370 5.63 5.73 20.68
C ALA D 370 7.15 5.94 20.59
N PRO D 371 7.59 7.10 20.05
CA PRO D 371 9.03 7.40 19.96
C PRO D 371 9.77 7.51 21.30
N TRP D 372 9.09 7.15 22.39
CA TRP D 372 9.69 7.11 23.71
C TRP D 372 9.33 5.86 24.50
N ALA D 373 8.77 4.84 23.84
CA ALA D 373 8.44 3.58 24.49
C ALA D 373 9.65 3.08 25.26
N GLN D 374 10.81 3.57 24.85
CA GLN D 374 12.07 3.30 25.53
C GLN D 374 12.07 3.83 26.96
N THR D 375 12.03 5.16 27.05
CA THR D 375 12.28 5.85 28.30
C THR D 375 11.07 5.69 29.22
N TRP D 376 9.91 5.46 28.60
CA TRP D 376 8.69 5.06 29.30
C TRP D 376 8.84 3.65 29.90
N SER D 377 9.20 2.66 29.08
CA SER D 377 9.47 1.29 29.58
C SER D 377 10.36 1.28 30.83
N ALA D 378 11.42 2.09 30.78
CA ALA D 378 12.44 2.17 31.83
C ALA D 378 11.82 2.43 33.20
N SER D 379 10.94 3.42 33.25
CA SER D 379 10.45 3.96 34.51
C SER D 379 9.60 2.98 35.31
N LEU D 380 9.01 2.00 34.64
CA LEU D 380 8.09 1.09 35.30
C LEU D 380 8.80 0.00 36.10
N PRO D 381 8.40 -0.18 37.36
CA PRO D 381 8.80 -1.22 38.29
C PRO D 381 8.88 -2.62 37.69
N VAL D 382 10.07 -3.19 37.75
CA VAL D 382 10.31 -4.57 37.33
C VAL D 382 10.10 -5.47 38.54
N ALA D 383 9.17 -6.43 38.42
CA ALA D 383 8.83 -7.32 39.53
C ALA D 383 10.04 -7.94 40.25
N GLY D 384 9.92 -8.06 41.56
CA GLY D 384 10.94 -8.66 42.42
C GLY D 384 12.43 -8.44 42.22
N GLU D 385 12.88 -7.20 42.03
CA GLU D 385 14.32 -6.93 42.03
C GLU D 385 14.76 -6.15 43.28
N SER D 386 15.77 -6.66 43.98
CA SER D 386 16.28 -6.07 45.25
C SER D 386 16.32 -4.56 45.21
N ASP D 387 17.06 -4.06 44.22
CA ASP D 387 17.51 -2.69 44.14
C ASP D 387 16.32 -1.74 44.00
N PRO D 388 15.90 -1.09 45.11
CA PRO D 388 14.70 -0.24 45.12
C PRO D 388 14.45 0.47 43.79
N PHE D 389 15.52 0.92 43.13
CA PHE D 389 15.48 1.69 41.86
C PHE D 389 15.16 0.88 40.61
N VAL D 390 14.87 -0.40 40.81
CA VAL D 390 14.59 -1.31 39.71
C VAL D 390 13.25 -1.97 39.99
N GLY D 391 13.10 -2.50 41.21
CA GLY D 391 11.87 -3.15 41.65
C GLY D 391 10.79 -2.18 42.09
N GLY D 392 11.24 -1.03 42.60
CA GLY D 392 10.35 0.04 42.98
C GLY D 392 9.27 -0.45 43.92
N THR D 393 8.02 -0.20 43.56
CA THR D 393 6.87 -0.61 44.39
C THR D 393 6.58 -2.10 44.31
N LEU D 394 7.45 -2.81 43.58
CA LEU D 394 7.33 -4.24 43.36
C LEU D 394 8.62 -4.97 43.74
N ALA D 395 9.58 -4.23 44.30
CA ALA D 395 10.91 -4.76 44.60
C ALA D 395 10.89 -6.05 45.41
N ASN D 396 9.84 -6.20 46.24
CA ASN D 396 9.69 -7.36 47.10
C ASN D 396 8.37 -8.07 46.83
N ARG D 397 7.99 -8.16 45.56
CA ARG D 397 6.76 -8.84 45.17
C ARG D 397 7.07 -9.77 44.03
N MET D 398 6.41 -10.92 44.02
CA MET D 398 6.58 -11.91 42.96
C MET D 398 8.07 -12.26 42.74
N ARG D 399 8.82 -12.41 43.84
CA ARG D 399 10.22 -12.90 43.77
C ARG D 399 10.24 -14.42 43.62
N GLY D 400 11.26 -14.93 42.93
CA GLY D 400 11.40 -16.38 42.74
C GLY D 400 10.41 -17.04 41.79
N THR D 401 9.47 -16.27 41.24
CA THR D 401 8.51 -16.78 40.24
C THR D 401 8.97 -16.55 38.80
N ALA D 402 8.17 -17.12 37.90
CA ALA D 402 8.27 -16.93 36.48
C ALA D 402 8.18 -15.46 36.05
N ALA D 403 7.73 -14.59 36.94
CA ALA D 403 7.52 -13.19 36.63
C ALA D 403 8.68 -12.26 37.06
N GLU D 404 9.59 -12.76 37.91
CA GLU D 404 10.70 -11.95 38.44
C GLU D 404 11.63 -11.42 37.35
N GLY D 405 11.95 -10.13 37.41
CA GLY D 405 12.87 -9.50 36.47
C GLY D 405 12.27 -9.29 35.10
N VAL D 406 10.97 -9.58 34.98
CA VAL D 406 10.31 -9.71 33.67
C VAL D 406 9.15 -8.74 33.47
N VAL D 407 8.19 -8.77 34.39
CA VAL D 407 6.97 -7.97 34.30
C VAL D 407 7.27 -6.53 34.66
N GLU D 408 6.95 -5.58 33.78
CA GLU D 408 7.04 -4.14 34.11
C GLU D 408 5.68 -3.53 34.35
N ALA D 409 5.45 -2.93 35.53
CA ALA D 409 4.10 -2.47 35.89
C ALA D 409 4.00 -1.35 36.94
N LYS D 410 2.88 -0.60 36.90
CA LYS D 410 2.59 0.40 37.92
C LYS D 410 1.48 0.02 38.90
N THR D 411 1.81 0.19 40.17
CA THR D 411 0.94 -0.12 41.28
C THR D 411 0.04 1.06 41.57
N GLY D 412 -1.02 0.77 42.32
CA GLY D 412 -1.92 1.81 42.79
C GLY D 412 -2.52 1.35 44.10
N THR D 413 -2.19 2.02 45.20
CA THR D 413 -2.90 1.71 46.43
C THR D 413 -3.48 2.92 47.11
N MET D 414 -4.70 2.73 47.55
CA MET D 414 -5.42 3.60 48.45
C MET D 414 -6.36 2.72 49.25
N SER D 415 -6.92 3.33 50.31
CA SER D 415 -7.95 2.72 51.12
C SER D 415 -9.08 2.23 50.26
N GLY D 416 -9.15 0.91 50.12
CA GLY D 416 -10.25 0.28 49.40
C GLY D 416 -10.05 0.45 47.92
N VAL D 417 -8.78 0.57 47.52
CA VAL D 417 -8.39 0.68 46.12
C VAL D 417 -7.05 0.01 45.91
N SER D 418 -7.00 -0.95 45.00
CA SER D 418 -5.71 -1.42 44.51
C SER D 418 -5.69 -1.69 43.01
N ALA D 419 -4.53 -1.43 42.41
CA ALA D 419 -4.34 -1.63 40.98
C ALA D 419 -2.91 -1.98 40.64
N LEU D 420 -2.81 -2.88 39.66
CA LEU D 420 -1.57 -3.14 38.94
C LEU D 420 -1.87 -3.15 37.45
N SER D 421 -1.06 -2.41 36.70
CA SER D 421 -1.18 -2.35 35.23
C SER D 421 0.19 -2.25 34.61
N GLY D 422 0.41 -2.91 33.50
CA GLY D 422 1.72 -2.88 32.86
C GLY D 422 1.86 -3.80 31.68
N TYR D 423 3.10 -4.27 31.47
CA TYR D 423 3.45 -5.10 30.34
C TYR D 423 3.94 -6.50 30.76
N VAL D 424 4.08 -7.38 29.78
CA VAL D 424 4.70 -8.70 29.94
C VAL D 424 5.52 -8.97 28.68
N PRO D 425 6.83 -8.63 28.69
CA PRO D 425 7.64 -8.80 27.49
C PRO D 425 8.05 -10.27 27.27
N GLY D 426 8.92 -10.50 26.28
CA GLY D 426 9.42 -11.85 25.98
C GLY D 426 9.38 -12.25 24.52
N PRO D 427 9.91 -13.45 24.20
CA PRO D 427 10.02 -13.93 22.81
C PRO D 427 8.69 -13.88 22.07
N GLU D 428 7.62 -14.29 22.75
CA GLU D 428 6.28 -14.47 22.14
C GLU D 428 5.69 -13.23 21.46
N GLY D 429 6.16 -12.05 21.88
CA GLY D 429 5.48 -10.78 21.64
C GLY D 429 5.37 -10.13 23.02
N GLU D 430 4.82 -8.92 23.08
CA GLU D 430 4.70 -8.21 24.36
C GLU D 430 3.21 -8.12 24.72
N LEU D 431 2.87 -8.49 25.96
CA LEU D 431 1.48 -8.39 26.40
C LEU D 431 1.26 -7.13 27.19
N ALA D 432 0.03 -6.64 27.20
CA ALA D 432 -0.33 -5.51 28.04
C ALA D 432 -1.52 -5.93 28.90
N PHE D 433 -1.54 -5.47 30.15
CA PHE D 433 -2.63 -5.79 31.04
C PHE D 433 -3.02 -4.63 31.93
N SER D 434 -4.19 -4.75 32.55
CA SER D 434 -4.67 -3.78 33.52
C SER D 434 -5.57 -4.48 34.51
N ILE D 435 -5.30 -4.26 35.80
CA ILE D 435 -6.07 -4.86 36.86
C ILE D 435 -6.42 -3.79 37.84
N VAL D 436 -7.70 -3.47 37.97
CA VAL D 436 -8.10 -2.43 38.91
C VAL D 436 -9.21 -2.94 39.82
N ASN D 437 -8.94 -3.01 41.13
CA ASN D 437 -9.98 -3.41 42.10
C ASN D 437 -10.37 -2.24 43.02
N ASN D 438 -11.68 -2.01 43.18
CA ASN D 438 -12.17 -1.08 44.18
C ASN D 438 -13.10 -1.88 45.09
N GLY D 439 -13.25 -1.45 46.34
CA GLY D 439 -14.34 -1.95 47.18
C GLY D 439 -14.04 -3.10 48.10
N HIS D 440 -12.86 -3.72 47.98
CA HIS D 440 -12.42 -4.78 48.92
C HIS D 440 -12.29 -4.25 50.36
N SER D 441 -12.99 -4.89 51.30
CA SER D 441 -13.02 -4.37 52.68
C SER D 441 -11.86 -4.85 53.57
N GLY D 442 -11.17 -5.90 53.13
CA GLY D 442 -10.07 -6.48 53.89
C GLY D 442 -8.71 -6.15 53.28
N PRO D 443 -7.81 -7.16 53.20
CA PRO D 443 -6.43 -6.99 52.74
C PRO D 443 -6.37 -6.58 51.27
N ALA D 444 -5.32 -5.85 50.89
CA ALA D 444 -5.11 -5.51 49.49
C ALA D 444 -4.97 -6.82 48.69
N PRO D 445 -5.54 -6.88 47.47
CA PRO D 445 -5.51 -8.12 46.70
C PRO D 445 -4.16 -8.36 46.05
N LEU D 446 -3.10 -7.75 46.57
CA LEU D 446 -1.77 -7.96 46.01
C LEU D 446 -1.52 -9.43 45.59
N ALA D 447 -2.01 -10.38 46.37
CA ALA D 447 -1.89 -11.80 46.02
C ALA D 447 -2.62 -12.17 44.71
N VAL D 448 -3.87 -11.74 44.54
CA VAL D 448 -4.58 -11.89 43.27
C VAL D 448 -3.77 -11.27 42.12
N GLN D 449 -3.41 -10.00 42.29
CA GLN D 449 -2.59 -9.28 41.33
C GLN D 449 -1.33 -10.05 40.98
N ASP D 450 -0.77 -10.79 41.92
CA ASP D 450 0.48 -11.51 41.69
C ASP D 450 0.27 -12.85 40.96
N ALA D 451 -0.85 -13.53 41.23
CA ALA D 451 -1.17 -14.81 40.58
C ALA D 451 -1.62 -14.61 39.13
N ILE D 452 -2.28 -13.48 38.88
CA ILE D 452 -2.68 -13.09 37.53
C ILE D 452 -1.48 -12.62 36.71
N ALA D 453 -0.56 -11.88 37.35
CA ALA D 453 0.65 -11.39 36.70
C ALA D 453 1.66 -12.52 36.46
N VAL D 454 1.72 -13.46 37.40
CA VAL D 454 2.62 -14.61 37.29
C VAL D 454 2.17 -15.57 36.18
N ARG D 455 0.87 -15.89 36.15
CA ARG D 455 0.34 -16.82 35.17
C ARG D 455 0.50 -16.29 33.73
N LEU D 456 0.59 -14.98 33.57
CA LEU D 456 0.84 -14.41 32.25
C LEU D 456 2.31 -14.58 31.85
N ALA D 457 3.22 -14.36 32.80
CA ALA D 457 4.65 -14.51 32.54
C ALA D 457 4.93 -15.90 32.00
N GLU D 458 4.20 -16.87 32.55
CA GLU D 458 4.25 -18.27 32.14
C GLU D 458 3.61 -18.49 30.77
N TYR D 459 2.62 -17.65 30.44
CA TYR D 459 1.98 -17.73 29.14
C TYR D 459 2.91 -17.17 28.07
N ALA D 460 3.74 -16.20 28.44
CA ALA D 460 4.81 -15.72 27.57
C ALA D 460 6.00 -16.67 27.60
N GLY D 461 5.89 -17.70 28.44
CA GLY D 461 6.84 -18.81 28.46
C GLY D 461 7.97 -18.74 29.46
N HIS D 462 7.95 -17.74 30.35
CA HIS D 462 9.01 -17.59 31.34
C HIS D 462 8.83 -18.61 32.47
N GLN D 463 9.95 -19.07 33.03
CA GLN D 463 9.92 -20.06 34.11
C GLN D 463 10.63 -19.53 35.36
N ALA D 464 10.15 -19.96 36.53
CA ALA D 464 10.74 -19.59 37.80
C ALA D 464 12.22 -19.98 37.87
N PRO D 465 13.07 -19.04 38.32
CA PRO D 465 14.48 -19.28 38.70
C PRO D 465 14.62 -20.15 39.95
N GLU D 466 15.45 -21.19 39.88
CA GLU D 466 15.76 -22.05 41.03
C GLU D 466 16.96 -21.49 41.80
#